data_8YER
#
_entry.id   8YER
#
_cell.length_a   105.150
_cell.length_b   157.260
_cell.length_c   181.640
_cell.angle_alpha   90.00
_cell.angle_beta   90.00
_cell.angle_gamma   90.00
#
_symmetry.space_group_name_H-M   'P 21 21 21'
#
loop_
_entity.id
_entity.type
_entity.pdbx_description
1 polymer 'Detyrosinated tubulin alpha-1B chain'
2 polymer 'Tubulin beta chain'
3 polymer Stathmin-4
4 polymer 'Tubulin--tyrosine ligase'
5 non-polymer "GUANOSINE-5'-TRIPHOSPHATE"
6 non-polymer 'CALCIUM ION'
7 non-polymer 'MAGNESIUM ION'
8 non-polymer 6-fluoranyl-4-(6-methoxy-3,4-dihydro-2~{H}-quinolin-1-yl)-~{N}-methyl-quinazolin-2-amine
9 non-polymer "GUANOSINE-5'-DIPHOSPHATE"
10 non-polymer '2-(N-MORPHOLINO)-ETHANESULFONIC ACID'
11 non-polymer 'PHOSPHOMETHYLPHOSPHONIC ACID ADENYLATE ESTER'
#
loop_
_entity_poly.entity_id
_entity_poly.type
_entity_poly.pdbx_seq_one_letter_code
_entity_poly.pdbx_strand_id
1 'polypeptide(L)'
;MRECISIHVGQAGVQIGNACWELYCLEHGIQPDGQMPSDKTIGGGDDSFNTFFSETGAGKHVPRAVFVDLEPTVIDEVRT
GTYRQLFHPEQLITGKEDAANNYARGHYTIGKEIIDLVLDRIRKLADQCTGLQGFLVFHSFGGGTGSGFTSLLMERLSVD
YGKKSKLEFSIYPAPQVSTAVVEPYNSILTTHTTLEHSDCAFMVDNEAIYDICRRNLDIERPTYTNLNRLISQIVSSITA
SLRFDGALNVDLTEFQTNLVPYPRIHFPLATYAPVISAEKAYHEQLSVAEITNACFEPANQMVKCDPRHGKYMACCLLYR
GDVVPKDVNAAIATIKTKRSIQFVDWCPTGFKVGINYQPPTVVPGGDLAKVQRAVCMLSNTTAIAEAWARLDHKFDLMYA
KRAFVHWYVGEGMEEGEFSEAREDMAALEKDYEEVGVDSV
;
A,C
2 'polypeptide(L)'
;MREIVHIQAGQCGNQIGAKFWEVISDEHGIDPTGSYHGDSDLQLERINVYYNEATGNKYVPRAILVDLEPGTMDSVRSGP
FGQIFRPDNFVFGQSGAGNNWAKGHYTEGAELVDSVLDVVRKESESCDCLQGFQLTHSLGGGTGSGMGTLLISKIREEYP
DRIMNTFSVMPSPKVSDTVVEPYNATLSVHQLVENTDETYCIDNEALYDICFRTLKLTTPTYGDLNHLVSATMSGVTTCL
RFPGQLNADLRKLAVNMVPFPRLHFFMPGFAPLTSRGSQQYRALTVPELTQQMFDSKNMMAACDPRHGRYLTVAAIFRGR
MSMKEVDEQMLNVQNKNSSYFVEWIPNNVKTAVCDIPPRGLKMSATFIGNSTAIQELFKRISEQFTAMFRRKAFLHWYTG
EGMDEMEFTEAESNMNDLVSEYQQYQDATAD
;
B,D
3 'polypeptide(L)'
;MADMEVIELNKCTSGQSFEVILKPPSFDGVPEFNASLPRRRDPSLEEIQKKLEAAEERRKYQEAELLKHLAEKREHEREV
IQKAIEENNNFIKMAKEKLAQKMESNKENREAHLAAMLERLQEKDKHAEEVRKNKELKEEASR
;
E
4 'polypeptide(L)'
;MYTFVVRDENSSVYAEVSRLLLATGQWKRLRKDNPRFNLMLGERNRLPFGRLGHEPGLVQLVNYYRGADKLCRKASLVKL
IKTSPELSESCTWFPESYVIYPTNLKTPVAPAQNGIRHLINNTRTDEREVFLAAYNRRREGREGNVWIAKSSAGAKGEGI
LISSEASELLDFIDEQGQVHVIQKYLEKPLLLEPGHRKFDIRSWVLVDHLYNIYLYREGVLRTSSEPYNSANFQDKTCHL
TNHCIQKEYSKNYGRYEEGNEMFFEEFNQYLMDALNTTLENSILLQIKHIIRSCLMCIEPAISTKHLHYQSFQLFGFDFM
VDEELKVWLIEVNGAPACAQKLYAELCQGIVDVAISSVFPLADTGQKTSQPTSIFIKLHH
;
F
#
loop_
_chem_comp.id
_chem_comp.type
_chem_comp.name
_chem_comp.formula
A1D6E non-polymer 6-fluoranyl-4-(6-methoxy-3,4-dihydro-2~{H}-quinolin-1-yl)-~{N}-methyl-quinazolin-2-amine 'C19 H19 F N4 O'
ACP non-polymer 'PHOSPHOMETHYLPHOSPHONIC ACID ADENYLATE ESTER' 'C11 H18 N5 O12 P3'
CA non-polymer 'CALCIUM ION' 'Ca 2'
GDP RNA linking GUANOSINE-5'-DIPHOSPHATE 'C10 H15 N5 O11 P2'
GTP non-polymer GUANOSINE-5'-TRIPHOSPHATE 'C10 H16 N5 O14 P3'
MES non-polymer '2-(N-MORPHOLINO)-ETHANESULFONIC ACID' 'C6 H13 N O4 S'
MG non-polymer 'MAGNESIUM ION' 'Mg 2'
#
# COMPACT_ATOMS: atom_id res chain seq x y z
N MET A 1 48.84 -55.04 -6.55
CA MET A 1 47.95 -54.02 -7.09
C MET A 1 47.29 -53.10 -6.02
N ARG A 2 47.18 -51.82 -6.36
CA ARG A 2 46.67 -50.80 -5.44
C ARG A 2 45.37 -50.19 -5.98
N GLU A 3 44.38 -50.06 -5.10
CA GLU A 3 43.03 -49.63 -5.48
C GLU A 3 42.87 -48.12 -5.37
N CYS A 4 41.86 -47.61 -6.10
CA CYS A 4 41.57 -46.18 -6.20
C CYS A 4 40.08 -45.97 -6.02
N ILE A 5 39.68 -45.13 -5.08
CA ILE A 5 38.27 -44.89 -4.78
C ILE A 5 37.85 -43.56 -5.36
N SER A 6 36.83 -43.59 -6.22
CA SER A 6 36.28 -42.39 -6.83
C SER A 6 35.09 -41.90 -6.02
N ILE A 7 35.11 -40.60 -5.68
CA ILE A 7 34.07 -39.94 -4.92
C ILE A 7 33.55 -38.80 -5.77
N HIS A 8 32.26 -38.84 -6.08
CA HIS A 8 31.64 -37.81 -6.90
C HIS A 8 30.64 -37.03 -6.06
N VAL A 9 30.75 -35.69 -6.06
CA VAL A 9 30.07 -34.84 -5.08
C VAL A 9 29.25 -33.76 -5.78
N GLY A 10 27.97 -33.64 -5.39
CA GLY A 10 27.09 -32.65 -5.95
C GLY A 10 26.63 -33.03 -7.35
N GLN A 11 25.89 -32.11 -7.97
CA GLN A 11 25.32 -32.41 -9.28
C GLN A 11 26.42 -32.58 -10.34
N ALA A 12 27.26 -31.55 -10.55
CA ALA A 12 28.36 -31.68 -11.51
C ALA A 12 29.16 -32.97 -11.29
N GLY A 13 29.58 -33.25 -10.05
CA GLY A 13 30.39 -34.45 -9.81
C GLY A 13 29.69 -35.73 -10.19
N VAL A 14 28.44 -35.92 -9.73
CA VAL A 14 27.69 -37.15 -9.96
C VAL A 14 27.43 -37.36 -11.46
N GLN A 15 27.01 -36.31 -12.16
CA GLN A 15 26.70 -36.47 -13.58
C GLN A 15 27.95 -36.79 -14.40
N ILE A 16 29.07 -36.15 -14.07
CA ILE A 16 30.35 -36.50 -14.70
C ILE A 16 30.75 -37.93 -14.35
N GLY A 17 30.59 -38.34 -13.07
CA GLY A 17 30.86 -39.72 -12.67
C GLY A 17 30.12 -40.77 -13.49
N ASN A 18 28.83 -40.56 -13.77
CA ASN A 18 28.11 -41.43 -14.71
C ASN A 18 28.77 -41.46 -16.06
N ALA A 19 28.95 -40.29 -16.66
CA ALA A 19 29.73 -40.16 -17.87
C ALA A 19 30.94 -41.09 -17.85
N CYS A 20 31.83 -40.90 -16.85
CA CYS A 20 33.08 -41.63 -16.83
C CYS A 20 32.87 -43.13 -16.61
N TRP A 21 32.06 -43.51 -15.62
CA TRP A 21 31.95 -44.93 -15.33
C TRP A 21 31.33 -45.69 -16.49
N GLU A 22 30.40 -45.07 -17.22
CA GLU A 22 29.91 -45.69 -18.44
C GLU A 22 31.06 -45.92 -19.43
N LEU A 23 31.92 -44.93 -19.61
CA LEU A 23 33.05 -45.04 -20.52
C LEU A 23 34.03 -46.14 -20.09
N TYR A 24 34.61 -46.00 -18.90
CA TYR A 24 35.29 -47.12 -18.24
C TYR A 24 34.67 -48.49 -18.55
N CYS A 25 33.33 -48.62 -18.53
CA CYS A 25 32.71 -49.92 -18.75
C CYS A 25 32.80 -50.35 -20.20
N LEU A 26 32.53 -49.45 -21.13
CA LEU A 26 32.77 -49.75 -22.55
C LEU A 26 34.22 -50.08 -22.81
N GLU A 27 35.14 -49.37 -22.16
CA GLU A 27 36.56 -49.55 -22.44
C GLU A 27 37.08 -50.85 -21.86
N HIS A 28 36.58 -51.23 -20.69
CA HIS A 28 36.95 -52.49 -20.04
C HIS A 28 36.01 -53.64 -20.41
N GLY A 29 35.01 -53.41 -21.27
CA GLY A 29 34.13 -54.49 -21.68
C GLY A 29 33.21 -55.00 -20.61
N ILE A 30 33.11 -54.29 -19.48
CA ILE A 30 32.11 -54.56 -18.46
C ILE A 30 30.74 -54.14 -18.97
N GLN A 31 29.72 -54.86 -18.53
CA GLN A 31 28.36 -54.61 -19.01
C GLN A 31 27.56 -53.86 -17.96
N PRO A 32 26.38 -53.35 -18.33
CA PRO A 32 25.53 -52.64 -17.34
C PRO A 32 25.18 -53.47 -16.11
N ASP A 33 25.22 -54.79 -16.19
CA ASP A 33 24.99 -55.62 -15.02
C ASP A 33 26.25 -55.86 -14.19
N GLY A 34 27.40 -55.30 -14.59
CA GLY A 34 28.62 -55.57 -13.86
C GLY A 34 29.33 -56.85 -14.21
N GLN A 35 28.91 -57.54 -15.27
CA GLN A 35 29.56 -58.75 -15.74
C GLN A 35 30.62 -58.40 -16.78
N MET A 36 31.79 -59.04 -16.66
CA MET A 36 32.92 -58.83 -17.56
C MET A 36 33.41 -60.16 -18.13
N PRO A 37 32.75 -60.70 -19.19
CA PRO A 37 33.18 -61.96 -19.81
C PRO A 37 34.69 -62.15 -19.91
N SER A 38 35.43 -61.07 -20.19
CA SER A 38 36.87 -61.18 -20.31
C SER A 38 37.55 -61.60 -19.00
N ASP A 39 37.00 -61.21 -17.84
CA ASP A 39 37.66 -61.63 -16.60
C ASP A 39 37.54 -63.14 -16.49
N LYS A 40 38.68 -63.81 -16.45
CA LYS A 40 38.69 -65.21 -16.09
C LYS A 40 38.93 -65.38 -14.60
N THR A 41 39.79 -64.55 -14.00
CA THR A 41 39.88 -64.51 -12.54
C THR A 41 38.53 -64.04 -11.99
N ILE A 42 37.62 -65.00 -11.78
CA ILE A 42 36.27 -64.73 -11.29
C ILE A 42 36.28 -64.44 -9.81
N GLY A 43 35.50 -63.46 -9.38
CA GLY A 43 35.51 -63.08 -7.98
C GLY A 43 36.83 -62.54 -7.47
N GLY A 44 37.75 -62.17 -8.37
CA GLY A 44 38.96 -61.50 -7.92
C GLY A 44 39.98 -61.31 -9.03
N GLY A 45 41.17 -60.92 -8.58
CA GLY A 45 42.31 -60.67 -9.44
C GLY A 45 43.00 -59.41 -8.93
N ASP A 46 44.33 -59.39 -9.01
CA ASP A 46 45.02 -58.12 -8.86
C ASP A 46 45.49 -57.65 -10.25
N ASP A 47 44.57 -57.68 -11.22
CA ASP A 47 44.72 -57.02 -12.52
C ASP A 47 44.64 -55.50 -12.36
N SER A 48 44.97 -54.77 -13.42
CA SER A 48 45.04 -53.31 -13.28
C SER A 48 43.68 -52.66 -13.42
N PHE A 49 42.69 -53.31 -14.02
CA PHE A 49 41.35 -52.76 -13.94
C PHE A 49 40.75 -52.94 -12.55
N ASN A 50 41.26 -53.88 -11.76
CA ASN A 50 40.79 -54.03 -10.39
C ASN A 50 41.21 -52.87 -9.51
N THR A 51 41.93 -51.89 -10.06
CA THR A 51 42.15 -50.67 -9.29
C THR A 51 40.87 -49.85 -9.19
N PHE A 52 39.93 -50.05 -10.12
CA PHE A 52 38.70 -49.28 -10.17
C PHE A 52 37.47 -50.13 -9.97
N PHE A 53 37.59 -51.45 -10.05
CA PHE A 53 36.50 -52.36 -9.81
C PHE A 53 36.94 -53.43 -8.84
N SER A 54 36.09 -53.68 -7.85
CA SER A 54 36.08 -54.97 -7.16
C SER A 54 35.21 -55.95 -7.96
N GLU A 55 35.38 -57.22 -7.64
CA GLU A 55 34.62 -58.30 -8.27
C GLU A 55 33.80 -59.00 -7.19
N THR A 56 32.63 -59.50 -7.56
CA THR A 56 31.81 -60.20 -6.60
C THR A 56 31.94 -61.70 -6.81
N GLY A 57 31.78 -62.46 -5.72
CA GLY A 57 31.74 -63.91 -5.82
C GLY A 57 30.90 -64.36 -7.00
N ALA A 58 29.85 -63.61 -7.34
CA ALA A 58 29.03 -63.92 -8.50
C ALA A 58 29.62 -63.37 -9.79
N GLY A 59 30.84 -62.83 -9.73
CA GLY A 59 31.50 -62.37 -10.93
C GLY A 59 31.08 -61.00 -11.42
N LYS A 60 30.39 -60.23 -10.60
CA LYS A 60 30.08 -58.86 -10.95
C LYS A 60 31.26 -57.95 -10.63
N HIS A 61 31.42 -56.92 -11.47
CA HIS A 61 32.49 -55.94 -11.33
C HIS A 61 31.89 -54.61 -10.91
N VAL A 62 32.33 -54.08 -9.78
CA VAL A 62 31.59 -53.04 -9.06
C VAL A 62 32.50 -51.84 -8.88
N PRO A 63 32.10 -50.66 -9.34
CA PRO A 63 32.95 -49.47 -9.18
C PRO A 63 33.36 -49.23 -7.73
N ARG A 64 34.66 -48.99 -7.53
CA ARG A 64 35.13 -48.47 -6.25
C ARG A 64 34.72 -47.00 -6.18
N ALA A 65 33.44 -46.77 -6.45
CA ALA A 65 32.84 -45.45 -6.53
C ALA A 65 31.91 -45.22 -5.34
N VAL A 66 31.85 -43.95 -4.92
CA VAL A 66 30.80 -43.45 -4.03
C VAL A 66 30.26 -42.14 -4.58
N PHE A 67 28.93 -42.01 -4.60
CA PHE A 67 28.27 -40.78 -5.02
C PHE A 67 27.56 -40.16 -3.83
N VAL A 68 27.62 -38.83 -3.74
CA VAL A 68 27.15 -38.07 -2.59
C VAL A 68 26.54 -36.78 -3.11
N ASP A 69 25.23 -36.63 -3.01
CA ASP A 69 24.58 -35.34 -3.25
C ASP A 69 23.66 -35.02 -2.09
N LEU A 70 23.67 -33.75 -1.70
CA LEU A 70 22.81 -33.27 -0.63
C LEU A 70 21.34 -33.31 -1.05
N GLU A 71 21.06 -33.86 -2.23
CA GLU A 71 19.69 -33.81 -2.70
C GLU A 71 19.43 -34.93 -3.70
N PRO A 72 18.26 -35.55 -3.64
CA PRO A 72 18.05 -36.82 -4.33
C PRO A 72 17.86 -36.76 -5.84
N THR A 73 17.49 -35.63 -6.43
CA THR A 73 17.16 -35.64 -7.86
C THR A 73 18.20 -36.40 -8.68
N VAL A 74 19.47 -36.02 -8.55
CA VAL A 74 20.49 -36.42 -9.52
C VAL A 74 20.92 -37.87 -9.29
N ILE A 75 21.24 -38.23 -8.04
CA ILE A 75 21.65 -39.61 -7.78
C ILE A 75 20.49 -40.58 -8.00
N ASP A 76 19.25 -40.11 -7.93
CA ASP A 76 18.11 -40.99 -8.20
C ASP A 76 18.11 -41.50 -9.62
N GLU A 77 18.62 -40.70 -10.58
CA GLU A 77 18.74 -41.22 -11.94
C GLU A 77 19.85 -42.26 -12.05
N VAL A 78 20.93 -42.12 -11.29
CA VAL A 78 21.86 -43.24 -11.16
C VAL A 78 21.14 -44.46 -10.62
N ARG A 79 20.22 -44.26 -9.64
CA ARG A 79 19.52 -45.38 -9.03
C ARG A 79 18.54 -46.06 -9.98
N THR A 80 18.12 -45.39 -11.06
CA THR A 80 17.20 -45.95 -12.02
C THR A 80 17.76 -45.95 -13.44
N GLY A 81 19.09 -45.83 -13.60
CA GLY A 81 19.68 -45.74 -14.92
C GLY A 81 20.21 -47.08 -15.42
N THR A 82 20.69 -47.05 -16.66
CA THR A 82 21.19 -48.26 -17.30
C THR A 82 22.13 -49.04 -16.40
N TYR A 83 22.84 -48.34 -15.51
CA TYR A 83 23.87 -48.96 -14.69
C TYR A 83 23.46 -49.03 -13.23
N ARG A 84 22.16 -49.13 -12.97
CA ARG A 84 21.70 -49.41 -11.62
C ARG A 84 22.43 -50.63 -11.07
N GLN A 85 22.31 -51.76 -11.77
CA GLN A 85 22.92 -52.99 -11.29
C GLN A 85 24.39 -52.77 -10.93
N LEU A 86 25.05 -51.83 -11.62
CA LEU A 86 26.48 -51.60 -11.39
C LEU A 86 26.79 -51.37 -9.91
N PHE A 87 26.11 -50.42 -9.29
CA PHE A 87 26.49 -49.90 -7.98
C PHE A 87 25.76 -50.60 -6.83
N HIS A 88 26.42 -50.64 -5.68
CA HIS A 88 25.76 -51.11 -4.48
C HIS A 88 25.00 -49.95 -3.85
N PRO A 89 23.69 -50.06 -3.64
CA PRO A 89 22.94 -48.98 -3.02
C PRO A 89 23.68 -48.18 -1.94
N GLU A 90 24.38 -48.82 -0.99
CA GLU A 90 25.16 -48.05 -0.01
C GLU A 90 26.08 -47.04 -0.66
N GLN A 91 26.40 -47.22 -1.95
CA GLN A 91 27.33 -46.32 -2.61
C GLN A 91 26.73 -44.98 -2.99
N LEU A 92 25.39 -44.87 -2.97
CA LEU A 92 24.64 -43.70 -3.43
C LEU A 92 24.00 -43.02 -2.21
N ILE A 93 24.62 -41.95 -1.74
CA ILE A 93 24.22 -41.20 -0.55
C ILE A 93 23.45 -39.94 -0.97
N THR A 94 22.32 -39.67 -0.31
CA THR A 94 21.40 -38.62 -0.73
C THR A 94 20.87 -37.85 0.48
N GLY A 95 21.02 -36.53 0.44
CA GLY A 95 20.31 -35.64 1.34
C GLY A 95 18.85 -35.48 0.96
N LYS A 96 18.23 -34.44 1.51
CA LYS A 96 16.84 -34.12 1.18
C LYS A 96 16.72 -32.65 0.78
N GLU A 97 17.58 -31.81 1.34
CA GLU A 97 17.62 -30.37 1.09
C GLU A 97 19.02 -30.00 0.65
N ASP A 98 19.17 -29.27 -0.47
CA ASP A 98 20.51 -29.06 -1.00
C ASP A 98 21.13 -27.79 -0.44
N ALA A 99 22.36 -27.52 -0.84
CA ALA A 99 23.09 -26.40 -0.27
C ALA A 99 22.65 -25.05 -0.83
N ALA A 100 21.69 -25.01 -1.75
CA ALA A 100 21.19 -23.76 -2.28
C ALA A 100 22.32 -22.84 -2.76
N ASN A 101 23.23 -23.40 -3.55
CA ASN A 101 24.34 -22.65 -4.13
C ASN A 101 25.17 -21.94 -3.07
N ASN A 102 25.20 -22.47 -1.87
CA ASN A 102 25.73 -21.75 -0.71
C ASN A 102 26.90 -22.55 -0.18
N TYR A 103 28.12 -22.05 -0.40
CA TYR A 103 29.30 -22.77 0.12
C TYR A 103 29.11 -23.14 1.58
N ALA A 104 28.72 -22.16 2.41
CA ALA A 104 28.64 -22.32 3.86
C ALA A 104 27.47 -23.19 4.29
N ARG A 105 26.37 -23.19 3.55
CA ARG A 105 25.30 -24.12 3.87
C ARG A 105 25.73 -25.57 3.64
N GLY A 106 26.50 -25.84 2.58
CA GLY A 106 26.94 -27.21 2.32
C GLY A 106 28.09 -27.66 3.18
N HIS A 107 28.99 -26.73 3.55
CA HIS A 107 30.11 -27.05 4.43
C HIS A 107 29.67 -27.19 5.88
N TYR A 108 29.15 -26.10 6.44
CA TYR A 108 28.78 -26.02 7.85
C TYR A 108 27.41 -26.64 8.12
N THR A 109 26.35 -25.95 7.73
CA THR A 109 25.01 -26.38 8.10
C THR A 109 24.80 -27.84 7.73
N ILE A 110 24.47 -28.10 6.46
CA ILE A 110 24.10 -29.45 6.04
C ILE A 110 25.31 -30.38 5.96
N GLY A 111 26.52 -29.83 5.82
CA GLY A 111 27.69 -30.67 5.74
C GLY A 111 27.82 -31.47 7.01
N LYS A 112 27.92 -30.75 8.14
CA LYS A 112 28.16 -31.38 9.44
C LYS A 112 27.16 -32.49 9.75
N GLU A 113 26.04 -32.54 9.06
CA GLU A 113 25.03 -33.54 9.37
C GLU A 113 25.15 -34.78 8.51
N ILE A 114 26.11 -34.83 7.59
CA ILE A 114 26.21 -35.99 6.73
C ILE A 114 27.67 -36.43 6.58
N ILE A 115 28.60 -35.64 7.13
CA ILE A 115 30.01 -35.95 6.94
C ILE A 115 30.35 -37.31 7.52
N ASP A 116 29.87 -37.59 8.72
CA ASP A 116 30.13 -38.89 9.34
C ASP A 116 29.46 -40.02 8.56
N LEU A 117 28.24 -39.84 8.09
CA LEU A 117 27.60 -40.93 7.36
C LEU A 117 28.39 -41.26 6.10
N VAL A 118 28.88 -40.24 5.40
CA VAL A 118 29.60 -40.45 4.16
C VAL A 118 30.91 -41.18 4.42
N LEU A 119 31.72 -40.64 5.35
CA LEU A 119 33.01 -41.26 5.67
C LEU A 119 32.88 -42.73 6.07
N ASP A 120 31.76 -43.15 6.65
CA ASP A 120 31.60 -44.56 6.95
C ASP A 120 31.45 -45.40 5.68
N ARG A 121 30.63 -44.93 4.74
CA ARG A 121 30.50 -45.67 3.48
C ARG A 121 31.79 -45.62 2.67
N ILE A 122 32.53 -44.51 2.75
CA ILE A 122 33.88 -44.46 2.20
C ILE A 122 34.76 -45.52 2.87
N ARG A 123 34.69 -45.63 4.21
CA ARG A 123 35.47 -46.65 4.91
C ARG A 123 35.04 -48.07 4.53
N LYS A 124 33.78 -48.26 4.15
CA LYS A 124 33.34 -49.59 3.77
C LYS A 124 34.03 -50.04 2.49
N LEU A 125 34.44 -49.10 1.62
CA LEU A 125 35.20 -49.49 0.43
C LEU A 125 36.68 -49.63 0.75
N ALA A 126 37.24 -48.70 1.53
CA ALA A 126 38.63 -48.79 1.93
C ALA A 126 38.93 -50.12 2.64
N ASP A 127 37.92 -50.78 3.21
CA ASP A 127 38.09 -52.06 3.86
C ASP A 127 38.10 -53.24 2.88
N GLN A 128 37.77 -53.02 1.60
CA GLN A 128 37.96 -54.04 0.57
C GLN A 128 39.23 -53.82 -0.22
N CYS A 129 40.17 -53.05 0.32
CA CYS A 129 41.33 -52.58 -0.43
C CYS A 129 42.58 -53.10 0.27
N THR A 130 43.29 -54.01 -0.42
CA THR A 130 44.54 -54.57 0.08
C THR A 130 45.59 -53.49 0.29
N GLY A 131 45.71 -52.57 -0.65
CA GLY A 131 46.63 -51.45 -0.51
C GLY A 131 46.07 -50.21 -1.18
N LEU A 132 45.25 -49.46 -0.46
CA LEU A 132 44.58 -48.31 -1.03
C LEU A 132 45.55 -47.18 -1.33
N GLN A 133 45.46 -46.66 -2.56
CA GLN A 133 46.29 -45.55 -3.03
C GLN A 133 45.72 -44.20 -2.62
N GLY A 134 44.42 -44.05 -2.73
CA GLY A 134 43.81 -42.78 -2.42
C GLY A 134 42.62 -42.56 -3.31
N PHE A 135 42.34 -41.27 -3.52
CA PHE A 135 41.00 -40.83 -3.90
C PHE A 135 41.03 -39.91 -5.11
N LEU A 136 40.08 -40.15 -6.01
CA LEU A 136 39.77 -39.27 -7.13
C LEU A 136 38.42 -38.61 -6.83
N VAL A 137 38.42 -37.28 -6.66
CA VAL A 137 37.27 -36.53 -6.14
C VAL A 137 36.74 -35.59 -7.22
N PHE A 138 35.48 -35.79 -7.63
CA PHE A 138 34.83 -35.10 -8.74
C PHE A 138 33.76 -34.14 -8.22
N HIS A 139 33.83 -32.88 -8.61
CA HIS A 139 32.96 -31.89 -7.98
C HIS A 139 33.05 -30.59 -8.77
N SER A 140 32.07 -29.70 -8.55
CA SER A 140 32.13 -28.37 -9.15
C SER A 140 32.74 -27.37 -8.16
N PHE A 141 33.41 -26.36 -8.69
CA PHE A 141 33.73 -25.19 -7.88
C PHE A 141 32.46 -24.44 -7.48
N GLY A 142 31.40 -24.54 -8.29
CA GLY A 142 30.27 -23.62 -8.21
C GLY A 142 29.11 -23.94 -7.28
N GLY A 143 28.72 -25.21 -7.21
CA GLY A 143 27.59 -25.55 -6.38
C GLY A 143 27.87 -25.34 -4.92
N GLY A 144 26.81 -25.41 -4.10
CA GLY A 144 27.01 -25.36 -2.65
C GLY A 144 27.53 -26.68 -2.11
N THR A 145 26.95 -27.80 -2.57
CA THR A 145 27.51 -29.13 -2.33
C THR A 145 28.87 -29.26 -2.99
N GLY A 146 28.90 -29.16 -4.31
CA GLY A 146 30.13 -29.08 -5.05
C GLY A 146 31.29 -28.41 -4.33
N SER A 147 31.07 -27.21 -3.80
CA SER A 147 32.18 -26.48 -3.21
C SER A 147 32.35 -26.74 -1.71
N GLY A 148 31.24 -26.70 -0.96
CA GLY A 148 31.29 -26.65 0.49
C GLY A 148 31.36 -28.01 1.14
N PHE A 149 30.62 -28.98 0.61
CA PHE A 149 30.75 -30.31 1.19
C PHE A 149 32.07 -30.96 0.81
N THR A 150 32.52 -30.74 -0.43
CA THR A 150 33.79 -31.30 -0.88
C THR A 150 34.96 -30.88 0.01
N SER A 151 35.02 -29.61 0.43
CA SER A 151 36.16 -29.22 1.26
C SER A 151 36.06 -29.81 2.67
N LEU A 152 34.84 -29.97 3.22
CA LEU A 152 34.73 -30.65 4.50
C LEU A 152 35.17 -32.10 4.36
N LEU A 153 34.76 -32.75 3.27
CA LEU A 153 35.20 -34.11 2.98
C LEU A 153 36.72 -34.19 2.81
N MET A 154 37.30 -33.33 1.96
CA MET A 154 38.75 -33.28 1.76
C MET A 154 39.50 -33.14 3.08
N GLU A 155 39.03 -32.27 3.98
CA GLU A 155 39.70 -32.11 5.28
C GLU A 155 39.73 -33.43 6.05
N ARG A 156 38.59 -34.11 6.16
CA ARG A 156 38.56 -35.33 6.95
C ARG A 156 39.45 -36.39 6.34
N LEU A 157 39.32 -36.61 5.03
CA LEU A 157 40.17 -37.60 4.37
C LEU A 157 41.65 -37.37 4.70
N SER A 158 42.10 -36.12 4.72
CA SER A 158 43.45 -35.83 5.19
C SER A 158 43.66 -36.36 6.61
N VAL A 159 42.60 -36.41 7.41
CA VAL A 159 42.73 -36.86 8.78
C VAL A 159 42.63 -38.37 8.89
N ASP A 160 41.69 -39.01 8.18
CA ASP A 160 41.50 -40.45 8.31
C ASP A 160 42.31 -41.27 7.31
N TYR A 161 43.10 -40.64 6.44
CA TYR A 161 43.91 -41.33 5.43
C TYR A 161 45.14 -40.50 5.12
N GLY A 162 45.85 -40.04 6.16
CA GLY A 162 46.93 -39.10 5.93
C GLY A 162 48.01 -39.59 5.00
N LYS A 163 48.03 -40.89 4.67
CA LYS A 163 49.09 -41.48 3.86
C LYS A 163 48.66 -41.74 2.40
N LYS A 164 47.38 -41.53 2.07
CA LYS A 164 46.88 -41.80 0.74
C LYS A 164 46.77 -40.49 -0.04
N SER A 165 46.81 -40.60 -1.37
CA SER A 165 46.83 -39.44 -2.25
C SER A 165 45.41 -38.98 -2.59
N LYS A 166 45.24 -37.68 -2.78
CA LYS A 166 43.95 -37.11 -3.14
C LYS A 166 44.06 -36.29 -4.43
N LEU A 167 43.34 -36.73 -5.46
CA LEU A 167 43.30 -36.01 -6.72
C LEU A 167 41.91 -35.42 -6.99
N GLU A 168 41.89 -34.29 -7.71
CA GLU A 168 40.67 -33.53 -7.98
C GLU A 168 40.41 -33.34 -9.46
N PHE A 169 39.17 -33.57 -9.85
CA PHE A 169 38.63 -33.13 -11.13
C PHE A 169 37.55 -32.10 -10.82
N SER A 170 37.83 -30.82 -11.15
CA SER A 170 37.03 -29.70 -10.67
C SER A 170 36.47 -28.91 -11.85
N ILE A 171 35.15 -28.83 -11.94
CA ILE A 171 34.46 -28.02 -12.96
C ILE A 171 34.52 -26.55 -12.55
N TYR A 172 35.20 -25.74 -13.34
CA TYR A 172 35.37 -24.32 -13.08
C TYR A 172 34.23 -23.55 -13.73
N PRO A 173 33.75 -22.48 -13.08
CA PRO A 173 32.41 -21.96 -13.39
C PRO A 173 32.42 -21.04 -14.60
N ALA A 174 31.45 -21.24 -15.49
CA ALA A 174 31.35 -20.45 -16.70
C ALA A 174 29.90 -19.98 -16.84
N PRO A 175 29.68 -18.70 -17.12
CA PRO A 175 28.30 -18.20 -17.23
C PRO A 175 27.45 -18.82 -18.32
N GLN A 176 28.01 -19.39 -19.39
CA GLN A 176 27.14 -19.93 -20.44
C GLN A 176 26.38 -21.15 -19.97
N VAL A 177 26.93 -21.94 -19.06
CA VAL A 177 26.17 -23.03 -18.45
C VAL A 177 25.92 -22.81 -16.97
N SER A 178 26.50 -21.75 -16.38
CA SER A 178 26.40 -21.47 -14.96
C SER A 178 25.00 -21.63 -14.42
N THR A 179 24.89 -21.86 -13.12
CA THR A 179 23.59 -21.92 -12.47
C THR A 179 23.51 -21.02 -11.24
N ALA A 180 24.35 -19.98 -11.14
CA ALA A 180 24.31 -19.21 -9.90
C ALA A 180 25.24 -18.03 -9.99
N VAL A 181 24.84 -16.94 -9.34
CA VAL A 181 25.57 -15.68 -9.42
C VAL A 181 26.65 -15.57 -8.34
N VAL A 182 26.66 -16.48 -7.37
CA VAL A 182 27.63 -16.48 -6.29
C VAL A 182 28.75 -17.49 -6.54
N GLU A 183 28.78 -18.13 -7.72
CA GLU A 183 29.77 -19.19 -7.94
C GLU A 183 31.20 -18.72 -7.74
N PRO A 184 31.54 -17.44 -7.95
CA PRO A 184 32.91 -17.01 -7.62
C PRO A 184 33.22 -17.04 -6.13
N TYR A 185 32.21 -16.79 -5.28
CA TYR A 185 32.43 -16.94 -3.84
C TYR A 185 32.72 -18.40 -3.48
N ASN A 186 31.92 -19.32 -3.98
CA ASN A 186 32.11 -20.72 -3.66
C ASN A 186 33.44 -21.24 -4.19
N SER A 187 33.84 -20.79 -5.39
CA SER A 187 35.11 -21.21 -5.96
C SER A 187 36.29 -20.88 -5.04
N ILE A 188 36.42 -19.60 -4.65
CA ILE A 188 37.52 -19.19 -3.78
C ILE A 188 37.43 -19.88 -2.42
N LEU A 189 36.27 -19.83 -1.78
CA LEU A 189 36.10 -20.45 -0.46
C LEU A 189 36.60 -21.88 -0.46
N THR A 190 36.27 -22.66 -1.49
CA THR A 190 36.64 -24.07 -1.50
C THR A 190 38.09 -24.29 -1.92
N THR A 191 38.61 -23.45 -2.80
CA THR A 191 40.00 -23.61 -3.17
C THR A 191 40.91 -23.33 -1.96
N HIS A 192 40.64 -22.26 -1.22
CA HIS A 192 41.41 -21.96 -0.02
C HIS A 192 41.37 -23.09 1.00
N THR A 193 40.20 -23.68 1.21
CA THR A 193 40.05 -24.67 2.27
C THR A 193 40.45 -26.08 1.83
N THR A 194 40.55 -26.34 0.52
CA THR A 194 40.92 -27.65 -0.01
C THR A 194 42.37 -27.71 -0.48
N LEU A 195 43.07 -26.56 -0.58
CA LEU A 195 44.32 -26.52 -1.32
C LEU A 195 45.35 -27.48 -0.74
N GLU A 196 45.51 -27.50 0.59
CA GLU A 196 46.49 -28.35 1.23
C GLU A 196 46.03 -29.79 1.41
N HIS A 197 44.90 -30.17 0.85
CA HIS A 197 44.39 -31.53 0.98
C HIS A 197 44.29 -32.20 -0.35
N SER A 198 44.66 -31.50 -1.41
CA SER A 198 44.64 -32.04 -2.75
C SER A 198 46.07 -32.07 -3.28
N ASP A 199 46.50 -33.24 -3.69
CA ASP A 199 47.84 -33.38 -4.22
C ASP A 199 47.91 -32.90 -5.68
N CYS A 200 46.83 -33.07 -6.44
CA CYS A 200 46.84 -32.72 -7.86
C CYS A 200 45.40 -32.43 -8.30
N ALA A 201 45.21 -31.30 -8.99
CA ALA A 201 43.86 -30.89 -9.39
C ALA A 201 43.80 -30.58 -10.88
N PHE A 202 42.89 -31.21 -11.58
CA PHE A 202 42.63 -30.89 -12.98
C PHE A 202 41.39 -30.02 -13.10
N MET A 203 41.59 -28.72 -13.37
CA MET A 203 40.49 -27.80 -13.61
C MET A 203 39.97 -27.94 -15.03
N VAL A 204 38.65 -28.03 -15.16
CA VAL A 204 38.00 -27.97 -16.46
C VAL A 204 37.03 -26.81 -16.45
N ASP A 205 37.27 -25.84 -17.32
CA ASP A 205 36.44 -24.64 -17.37
C ASP A 205 35.28 -24.91 -18.32
N ASN A 206 34.06 -24.94 -17.77
CA ASN A 206 32.89 -25.19 -18.60
C ASN A 206 32.89 -24.32 -19.85
N GLU A 207 33.50 -23.12 -19.78
CA GLU A 207 33.56 -22.26 -20.95
C GLU A 207 34.30 -22.96 -22.09
N ALA A 208 35.42 -23.61 -21.77
CA ALA A 208 36.24 -24.28 -22.79
C ALA A 208 35.52 -25.48 -23.39
N ILE A 209 34.93 -26.33 -22.54
CA ILE A 209 34.24 -27.51 -23.04
C ILE A 209 33.08 -27.10 -23.95
N TYR A 210 32.37 -26.03 -23.56
CA TYR A 210 31.24 -25.54 -24.33
C TYR A 210 31.68 -25.10 -25.72
N ASP A 211 32.80 -24.39 -25.81
CA ASP A 211 33.24 -23.90 -27.11
C ASP A 211 33.77 -25.02 -27.99
N ILE A 212 34.44 -26.02 -27.41
CA ILE A 212 34.81 -27.20 -28.18
C ILE A 212 33.57 -27.92 -28.70
N CYS A 213 32.51 -28.02 -27.88
CA CYS A 213 31.30 -28.69 -28.35
C CYS A 213 30.64 -27.95 -29.50
N ARG A 214 30.80 -26.62 -29.57
CA ARG A 214 30.17 -25.86 -30.64
C ARG A 214 31.03 -25.82 -31.91
N ARG A 215 32.32 -25.50 -31.76
CA ARG A 215 33.26 -25.42 -32.88
C ARG A 215 33.49 -26.77 -33.53
N ASN A 216 33.79 -27.80 -32.73
CA ASN A 216 34.28 -29.07 -33.26
C ASN A 216 33.21 -30.15 -33.31
N LEU A 217 32.15 -30.04 -32.51
CA LEU A 217 31.06 -31.00 -32.55
C LEU A 217 29.86 -30.47 -33.30
N ASP A 218 29.92 -29.22 -33.76
CA ASP A 218 28.78 -28.56 -34.43
C ASP A 218 27.50 -28.74 -33.62
N ILE A 219 27.60 -28.53 -32.32
CA ILE A 219 26.45 -28.56 -31.42
C ILE A 219 26.10 -27.12 -31.07
N GLU A 220 24.90 -26.70 -31.49
CA GLU A 220 24.44 -25.31 -31.29
C GLU A 220 24.53 -24.87 -29.84
N ARG A 221 23.77 -25.54 -28.97
CA ARG A 221 23.77 -25.23 -27.54
C ARG A 221 24.06 -26.52 -26.80
N PRO A 222 25.31 -26.76 -26.42
CA PRO A 222 25.66 -28.02 -25.74
C PRO A 222 24.86 -28.23 -24.47
N THR A 223 24.47 -29.47 -24.25
CA THR A 223 23.84 -29.85 -22.99
C THR A 223 24.92 -30.35 -22.02
N TYR A 224 24.49 -30.74 -20.82
CA TYR A 224 25.43 -31.38 -19.90
C TYR A 224 25.87 -32.73 -20.45
N THR A 225 25.00 -33.40 -21.20
CA THR A 225 25.35 -34.68 -21.78
C THR A 225 26.44 -34.50 -22.83
N ASN A 226 26.31 -33.45 -23.64
CA ASN A 226 27.39 -33.13 -24.57
C ASN A 226 28.68 -32.85 -23.80
N LEU A 227 28.60 -31.97 -22.80
CA LEU A 227 29.80 -31.54 -22.11
C LEU A 227 30.42 -32.69 -21.33
N ASN A 228 29.58 -33.51 -20.73
CA ASN A 228 30.11 -34.50 -19.80
C ASN A 228 30.75 -35.65 -20.53
N ARG A 229 30.21 -36.04 -21.70
CA ARG A 229 30.78 -37.15 -22.46
C ARG A 229 32.15 -36.77 -23.03
N LEU A 230 32.27 -35.55 -23.55
CA LEU A 230 33.59 -35.04 -23.88
C LEU A 230 34.47 -34.95 -22.64
N ILE A 231 33.92 -34.48 -21.51
CA ILE A 231 34.77 -34.37 -20.32
C ILE A 231 35.25 -35.75 -19.85
N SER A 232 34.46 -36.80 -20.04
CA SER A 232 34.94 -38.07 -19.51
C SER A 232 35.97 -38.71 -20.42
N GLN A 233 35.90 -38.44 -21.73
CA GLN A 233 37.05 -38.74 -22.60
C GLN A 233 38.35 -38.21 -22.00
N ILE A 234 38.39 -36.91 -21.67
CA ILE A 234 39.61 -36.41 -21.07
C ILE A 234 39.90 -37.16 -19.78
N VAL A 235 38.88 -37.38 -18.93
CA VAL A 235 39.16 -38.04 -17.65
C VAL A 235 39.74 -39.43 -17.89
N SER A 236 39.15 -40.15 -18.85
CA SER A 236 39.66 -41.47 -19.15
C SER A 236 41.15 -41.41 -19.50
N SER A 237 41.53 -40.49 -20.39
CA SER A 237 42.93 -40.33 -20.77
C SER A 237 43.80 -40.21 -19.54
N ILE A 238 43.33 -39.43 -18.58
CA ILE A 238 44.14 -39.13 -17.41
C ILE A 238 44.20 -40.30 -16.46
N THR A 239 43.18 -41.17 -16.45
CA THR A 239 43.17 -42.29 -15.53
C THR A 239 43.60 -43.60 -16.17
N ALA A 240 43.61 -43.69 -17.50
CA ALA A 240 43.85 -44.96 -18.18
C ALA A 240 45.12 -45.65 -17.68
N SER A 241 46.14 -44.86 -17.32
CA SER A 241 47.36 -45.44 -16.80
C SER A 241 47.18 -46.15 -15.47
N LEU A 242 46.11 -45.87 -14.74
CA LEU A 242 45.84 -46.59 -13.51
C LEU A 242 45.04 -47.86 -13.77
N ARG A 243 44.35 -47.92 -14.91
CA ARG A 243 43.46 -49.01 -15.26
C ARG A 243 44.04 -49.91 -16.34
N PHE A 244 45.26 -49.64 -16.80
CA PHE A 244 45.86 -50.37 -17.90
C PHE A 244 47.33 -50.68 -17.62
N ASP A 245 47.81 -51.77 -18.22
CA ASP A 245 49.23 -52.06 -18.26
C ASP A 245 49.99 -50.85 -18.76
N GLY A 246 51.02 -50.46 -18.03
CA GLY A 246 51.83 -49.32 -18.41
C GLY A 246 52.92 -49.10 -17.39
N ALA A 247 53.79 -48.14 -17.73
CA ALA A 247 54.94 -47.78 -16.91
C ALA A 247 54.96 -46.32 -16.55
N LEU A 248 54.00 -45.55 -17.06
CA LEU A 248 53.89 -44.12 -16.80
C LEU A 248 52.58 -43.82 -16.09
N ASN A 249 52.70 -43.10 -14.97
CA ASN A 249 51.56 -42.74 -14.13
C ASN A 249 50.80 -43.99 -13.74
N VAL A 250 51.50 -44.88 -13.04
CA VAL A 250 50.88 -46.13 -12.62
C VAL A 250 50.23 -46.01 -11.25
N ASP A 251 50.62 -45.02 -10.45
CA ASP A 251 49.98 -44.76 -9.18
C ASP A 251 49.72 -43.27 -9.02
N LEU A 252 48.72 -42.94 -8.18
CA LEU A 252 48.38 -41.54 -7.90
C LEU A 252 49.59 -40.74 -7.39
N THR A 253 50.60 -41.42 -6.86
CA THR A 253 51.78 -40.70 -6.41
C THR A 253 52.59 -40.20 -7.59
N GLU A 254 52.57 -40.92 -8.71
CA GLU A 254 53.33 -40.51 -9.88
C GLU A 254 52.83 -39.21 -10.47
N PHE A 255 51.52 -38.91 -10.30
CA PHE A 255 50.96 -37.66 -10.83
C PHE A 255 51.58 -36.45 -10.15
N GLN A 256 51.72 -36.49 -8.82
CA GLN A 256 52.41 -35.39 -8.15
C GLN A 256 53.86 -35.31 -8.60
N THR A 257 54.55 -36.45 -8.61
CA THR A 257 55.95 -36.49 -9.04
C THR A 257 56.16 -35.88 -10.42
N ASN A 258 55.41 -36.36 -11.41
CA ASN A 258 55.67 -35.97 -12.78
C ASN A 258 55.11 -34.60 -13.12
N LEU A 259 54.06 -34.14 -12.42
CA LEU A 259 53.34 -32.94 -12.78
C LEU A 259 53.39 -31.84 -11.73
N VAL A 260 53.75 -32.14 -10.47
CA VAL A 260 53.66 -31.13 -9.42
C VAL A 260 54.96 -31.03 -8.63
N PRO A 261 55.88 -30.18 -9.03
CA PRO A 261 57.08 -29.98 -8.21
C PRO A 261 56.77 -29.16 -6.96
N TYR A 262 56.20 -27.99 -7.13
CA TYR A 262 55.84 -27.25 -5.92
C TYR A 262 54.41 -27.60 -5.50
N PRO A 263 54.18 -27.89 -4.21
CA PRO A 263 52.88 -28.44 -3.79
C PRO A 263 51.68 -27.57 -4.09
N ARG A 264 51.76 -26.26 -3.84
CA ARG A 264 50.60 -25.40 -4.07
C ARG A 264 50.23 -25.37 -5.54
N ILE A 265 51.23 -25.10 -6.39
CA ILE A 265 51.04 -25.08 -7.83
C ILE A 265 50.73 -26.48 -8.36
N HIS A 266 49.56 -27.03 -8.03
CA HIS A 266 49.21 -28.38 -8.46
C HIS A 266 47.99 -28.42 -9.38
N PHE A 267 47.93 -27.47 -10.33
CA PHE A 267 46.82 -27.35 -11.29
C PHE A 267 47.38 -27.52 -12.70
N PRO A 268 47.53 -28.76 -13.16
CA PRO A 268 48.05 -29.02 -14.51
C PRO A 268 46.99 -28.76 -15.57
N LEU A 269 47.33 -27.91 -16.53
CA LEU A 269 46.47 -27.70 -17.70
C LEU A 269 46.34 -28.98 -18.54
N ALA A 270 45.13 -29.27 -18.98
CA ALA A 270 44.89 -30.39 -19.88
C ALA A 270 44.53 -29.85 -21.26
N THR A 271 45.10 -30.48 -22.29
CA THR A 271 44.79 -30.16 -23.68
C THR A 271 44.55 -31.49 -24.37
N TYR A 272 43.60 -31.53 -25.28
CA TYR A 272 43.11 -32.80 -25.82
C TYR A 272 42.76 -32.63 -27.30
N ALA A 273 43.38 -33.43 -28.16
CA ALA A 273 43.04 -33.47 -29.57
C ALA A 273 43.06 -34.91 -30.04
N PRO A 274 42.24 -35.24 -31.04
CA PRO A 274 41.32 -34.34 -31.76
C PRO A 274 39.89 -34.53 -31.35
N VAL A 275 39.04 -33.51 -31.38
CA VAL A 275 37.61 -33.68 -31.13
C VAL A 275 36.92 -33.53 -32.48
N ILE A 276 36.34 -34.64 -32.94
CA ILE A 276 35.83 -34.80 -34.31
C ILE A 276 34.36 -35.17 -34.21
N SER A 277 33.52 -34.51 -35.01
CA SER A 277 32.09 -34.75 -34.96
C SER A 277 31.71 -36.11 -35.57
N ALA A 278 30.79 -36.80 -34.90
CA ALA A 278 30.28 -38.07 -35.42
C ALA A 278 29.37 -37.87 -36.63
N GLU A 279 28.93 -36.64 -36.87
CA GLU A 279 28.12 -36.35 -38.04
C GLU A 279 28.96 -36.23 -39.30
N LYS A 280 30.17 -35.64 -39.20
CA LYS A 280 31.05 -35.51 -40.35
C LYS A 280 31.18 -36.80 -41.12
N ALA A 281 30.64 -36.83 -42.34
CA ALA A 281 30.60 -38.08 -43.11
C ALA A 281 31.97 -38.47 -43.62
N TYR A 282 32.71 -37.51 -44.18
CA TYR A 282 34.07 -37.71 -44.66
C TYR A 282 35.01 -36.96 -43.72
N HIS A 283 35.86 -37.70 -43.02
CA HIS A 283 36.87 -37.10 -42.15
C HIS A 283 38.24 -37.67 -42.50
N GLU A 284 39.24 -36.79 -42.49
CA GLU A 284 40.62 -37.16 -42.78
C GLU A 284 41.34 -37.39 -41.47
N GLN A 285 41.79 -38.62 -41.23
CA GLN A 285 42.39 -38.97 -39.95
C GLN A 285 43.66 -38.15 -39.72
N LEU A 286 43.78 -37.61 -38.52
CA LEU A 286 44.89 -36.73 -38.16
C LEU A 286 46.10 -37.52 -37.67
N SER A 287 47.27 -37.03 -38.05
CA SER A 287 48.53 -37.69 -37.81
C SER A 287 49.01 -37.45 -36.38
N VAL A 288 49.99 -38.27 -35.97
CA VAL A 288 50.65 -38.00 -34.69
C VAL A 288 51.06 -36.54 -34.60
N ALA A 289 51.56 -35.98 -35.70
CA ALA A 289 52.08 -34.62 -35.58
C ALA A 289 50.96 -33.60 -35.59
N GLU A 290 49.93 -33.80 -36.42
CA GLU A 290 48.77 -32.92 -36.36
C GLU A 290 48.14 -32.89 -34.96
N ILE A 291 47.93 -34.04 -34.32
CA ILE A 291 47.29 -34.00 -32.99
C ILE A 291 48.27 -33.51 -31.94
N THR A 292 49.56 -33.86 -32.04
CA THR A 292 50.49 -33.33 -31.04
C THR A 292 50.67 -31.83 -31.17
N ASN A 293 50.54 -31.30 -32.37
CA ASN A 293 50.61 -29.85 -32.52
C ASN A 293 49.36 -29.17 -31.97
N ALA A 294 48.23 -29.89 -31.99
CA ALA A 294 46.96 -29.38 -31.49
C ALA A 294 46.99 -29.13 -30.00
N CYS A 295 47.90 -29.80 -29.28
CA CYS A 295 48.07 -29.66 -27.85
C CYS A 295 48.63 -28.31 -27.45
N PHE A 296 49.03 -27.49 -28.41
CA PHE A 296 49.56 -26.17 -28.12
C PHE A 296 48.68 -25.07 -28.68
N GLU A 297 47.58 -25.43 -29.34
CA GLU A 297 46.50 -24.50 -29.61
C GLU A 297 45.68 -24.28 -28.35
N PRO A 298 45.50 -23.04 -27.87
CA PRO A 298 44.61 -22.84 -26.72
C PRO A 298 43.20 -23.36 -26.95
N ALA A 299 42.69 -23.27 -28.17
CA ALA A 299 41.29 -23.60 -28.44
C ALA A 299 41.01 -25.06 -28.14
N ASN A 300 42.04 -25.79 -27.76
CA ASN A 300 41.90 -27.18 -27.37
C ASN A 300 42.12 -27.41 -25.87
N GLN A 301 42.43 -26.37 -25.10
CA GLN A 301 42.70 -26.56 -23.69
C GLN A 301 41.40 -26.69 -22.90
N MET A 302 41.50 -27.36 -21.75
CA MET A 302 40.41 -27.41 -20.76
C MET A 302 40.19 -26.07 -20.10
N VAL A 303 41.18 -25.19 -20.16
CA VAL A 303 41.08 -23.83 -19.65
C VAL A 303 41.67 -22.94 -20.72
N LYS A 304 40.95 -21.90 -21.12
CA LYS A 304 41.48 -21.01 -22.14
C LYS A 304 42.50 -20.05 -21.53
N CYS A 305 43.77 -20.25 -21.82
CA CYS A 305 44.79 -19.28 -21.45
C CYS A 305 45.87 -19.33 -22.53
N ASP A 306 46.97 -18.65 -22.26
CA ASP A 306 48.07 -18.55 -23.22
C ASP A 306 49.36 -19.09 -22.60
N PRO A 307 49.64 -20.38 -22.77
CA PRO A 307 50.91 -20.93 -22.27
C PRO A 307 52.16 -20.19 -22.79
N ARG A 308 52.09 -19.51 -23.95
CA ARG A 308 53.26 -18.76 -24.44
C ARG A 308 53.74 -17.76 -23.40
N HIS A 309 52.81 -17.06 -22.77
CA HIS A 309 53.12 -16.10 -21.71
C HIS A 309 52.99 -16.80 -20.36
N GLY A 310 53.96 -17.68 -20.15
CA GLY A 310 54.03 -18.53 -18.98
C GLY A 310 55.20 -19.48 -19.16
N LYS A 311 55.53 -20.17 -18.08
CA LYS A 311 56.60 -21.16 -18.12
C LYS A 311 56.06 -22.52 -17.67
N TYR A 312 56.60 -23.55 -18.31
CA TYR A 312 56.26 -24.91 -17.96
C TYR A 312 57.15 -25.41 -16.82
N MET A 313 56.58 -26.31 -16.03
CA MET A 313 57.31 -27.03 -15.00
C MET A 313 57.33 -28.52 -15.23
N ALA A 314 56.43 -29.03 -16.07
CA ALA A 314 56.35 -30.45 -16.32
C ALA A 314 55.49 -30.62 -17.57
N CYS A 315 55.36 -31.86 -18.02
CA CYS A 315 54.65 -32.07 -19.27
C CYS A 315 54.63 -33.54 -19.62
N CYS A 316 53.43 -34.10 -19.75
CA CYS A 316 53.22 -35.47 -20.19
C CYS A 316 52.44 -35.43 -21.49
N LEU A 317 52.64 -36.43 -22.32
CA LEU A 317 51.80 -36.65 -23.48
C LEU A 317 51.21 -38.04 -23.34
N LEU A 318 49.91 -38.12 -23.35
CA LEU A 318 49.22 -39.39 -23.23
C LEU A 318 48.59 -39.66 -24.59
N TYR A 319 49.09 -40.68 -25.27
CA TYR A 319 48.52 -41.07 -26.56
C TYR A 319 47.66 -42.32 -26.40
N ARG A 320 46.61 -42.38 -27.22
CA ARG A 320 45.76 -43.56 -27.29
C ARG A 320 45.47 -43.82 -28.74
N GLY A 321 45.90 -44.98 -29.22
CA GLY A 321 45.67 -45.36 -30.60
C GLY A 321 46.95 -45.69 -31.34
N ASP A 322 46.89 -45.58 -32.66
CA ASP A 322 47.99 -45.93 -33.53
C ASP A 322 49.12 -44.90 -33.42
N VAL A 323 50.02 -45.08 -32.46
CA VAL A 323 51.10 -44.16 -32.18
C VAL A 323 52.36 -44.98 -31.90
N VAL A 324 53.50 -44.54 -32.45
CA VAL A 324 54.77 -45.14 -32.07
C VAL A 324 55.70 -44.04 -31.59
N PRO A 325 56.68 -44.34 -30.73
CA PRO A 325 57.58 -43.29 -30.22
C PRO A 325 58.19 -42.42 -31.30
N LYS A 326 58.64 -43.00 -32.41
CA LYS A 326 59.36 -42.25 -33.44
C LYS A 326 58.52 -41.08 -33.96
N ASP A 327 57.26 -41.35 -34.32
CA ASP A 327 56.39 -40.27 -34.78
C ASP A 327 56.24 -39.19 -33.73
N VAL A 328 56.25 -39.55 -32.45
CA VAL A 328 56.14 -38.56 -31.39
C VAL A 328 57.37 -37.64 -31.37
N ASN A 329 58.57 -38.22 -31.33
CA ASN A 329 59.78 -37.41 -31.30
C ASN A 329 59.92 -36.57 -32.56
N ALA A 330 59.55 -37.13 -33.71
CA ALA A 330 59.54 -36.34 -34.94
C ALA A 330 58.59 -35.15 -34.81
N ALA A 331 57.38 -35.39 -34.29
CA ALA A 331 56.44 -34.29 -34.07
C ALA A 331 57.00 -33.30 -33.06
N ILE A 332 57.52 -33.81 -31.93
CA ILE A 332 58.13 -32.97 -30.90
C ILE A 332 59.22 -32.09 -31.50
N ALA A 333 60.18 -32.72 -32.19
CA ALA A 333 61.28 -32.02 -32.86
C ALA A 333 60.81 -30.77 -33.58
N THR A 334 59.92 -30.96 -34.56
CA THR A 334 59.45 -29.84 -35.37
C THR A 334 58.53 -28.90 -34.61
N ILE A 335 57.94 -29.37 -33.52
CA ILE A 335 57.12 -28.45 -32.74
C ILE A 335 58.01 -27.55 -31.87
N LYS A 336 59.09 -28.10 -31.30
CA LYS A 336 59.94 -27.32 -30.39
C LYS A 336 60.57 -26.13 -31.09
N THR A 337 60.68 -26.19 -32.42
CA THR A 337 61.23 -25.07 -33.16
C THR A 337 60.19 -23.96 -33.34
N LYS A 338 58.98 -24.33 -33.75
CA LYS A 338 57.94 -23.38 -34.17
C LYS A 338 57.11 -22.80 -33.03
N ARG A 339 57.30 -23.21 -31.78
CA ARG A 339 56.42 -22.80 -30.68
C ARG A 339 57.23 -22.18 -29.55
N SER A 340 56.51 -21.45 -28.70
CA SER A 340 57.10 -20.71 -27.59
C SER A 340 56.93 -21.54 -26.33
N ILE A 341 57.82 -22.53 -26.17
CA ILE A 341 57.76 -23.45 -25.04
C ILE A 341 58.96 -23.14 -24.14
N GLN A 342 58.70 -22.43 -23.06
CA GLN A 342 59.71 -21.99 -22.12
C GLN A 342 59.48 -22.73 -20.81
N PHE A 343 60.50 -23.46 -20.36
CA PHE A 343 60.44 -24.10 -19.05
C PHE A 343 61.11 -23.22 -18.01
N VAL A 344 60.69 -23.41 -16.75
CA VAL A 344 61.40 -22.77 -15.66
C VAL A 344 62.81 -23.31 -15.66
N ASP A 345 63.78 -22.45 -15.33
CA ASP A 345 65.18 -22.82 -15.43
C ASP A 345 65.49 -24.10 -14.68
N TRP A 346 64.84 -24.30 -13.52
CA TRP A 346 65.16 -25.44 -12.65
C TRP A 346 64.36 -26.69 -13.00
N CYS A 347 63.87 -26.81 -14.23
CA CYS A 347 63.16 -28.00 -14.68
C CYS A 347 63.68 -28.39 -16.04
N PRO A 348 64.04 -29.65 -16.24
CA PRO A 348 64.45 -30.10 -17.57
C PRO A 348 63.36 -29.82 -18.58
N THR A 349 63.72 -29.14 -19.68
CA THR A 349 62.83 -29.06 -20.82
C THR A 349 62.64 -30.45 -21.40
N GLY A 350 61.47 -31.05 -21.24
CA GLY A 350 61.29 -32.41 -21.73
C GLY A 350 59.86 -32.89 -21.57
N PHE A 351 59.63 -34.11 -22.07
CA PHE A 351 58.29 -34.67 -22.19
C PHE A 351 58.27 -36.12 -21.74
N LYS A 352 57.63 -36.41 -20.60
CA LYS A 352 57.30 -37.80 -20.27
C LYS A 352 56.11 -38.22 -21.13
N VAL A 353 56.30 -39.28 -21.92
CA VAL A 353 55.32 -39.74 -22.90
C VAL A 353 54.78 -41.10 -22.49
N GLY A 354 53.50 -41.32 -22.77
CA GLY A 354 52.90 -42.62 -22.56
C GLY A 354 51.96 -42.92 -23.70
N ILE A 355 52.02 -44.12 -24.24
CA ILE A 355 51.19 -44.51 -25.37
C ILE A 355 50.43 -45.76 -24.98
N ASN A 356 49.13 -45.75 -25.21
CA ASN A 356 48.31 -46.95 -25.08
C ASN A 356 47.73 -47.30 -26.44
N TYR A 357 48.00 -48.52 -26.88
CA TYR A 357 47.66 -48.92 -28.24
C TYR A 357 46.15 -49.01 -28.47
N GLN A 358 45.35 -49.23 -27.43
CA GLN A 358 43.90 -49.28 -27.68
C GLN A 358 43.37 -47.89 -28.01
N PRO A 359 42.91 -47.65 -29.24
CA PRO A 359 42.48 -46.29 -29.60
C PRO A 359 41.29 -45.86 -28.75
N PRO A 360 40.94 -44.58 -28.80
CA PRO A 360 39.91 -44.07 -27.89
C PRO A 360 38.56 -44.70 -28.15
N THR A 361 37.82 -44.89 -27.06
CA THR A 361 36.50 -45.50 -27.10
C THR A 361 35.42 -44.43 -27.06
N VAL A 362 34.41 -44.56 -27.90
CA VAL A 362 33.34 -43.58 -27.99
C VAL A 362 32.01 -44.27 -27.74
N VAL A 363 31.18 -43.65 -26.90
CA VAL A 363 29.91 -44.30 -26.54
C VAL A 363 29.01 -44.36 -27.77
N PRO A 364 28.42 -45.51 -28.07
CA PRO A 364 27.58 -45.60 -29.27
C PRO A 364 26.49 -44.55 -29.26
N GLY A 365 26.41 -43.80 -30.37
CA GLY A 365 25.44 -42.75 -30.56
C GLY A 365 25.86 -41.39 -30.05
N GLY A 366 27.03 -41.28 -29.41
CA GLY A 366 27.45 -40.00 -28.90
C GLY A 366 27.68 -38.95 -29.98
N ASP A 367 28.42 -37.92 -29.64
CA ASP A 367 28.75 -36.88 -30.59
C ASP A 367 30.16 -37.02 -31.12
N LEU A 368 31.00 -37.85 -30.50
CA LEU A 368 32.39 -37.99 -30.93
C LEU A 368 32.52 -39.10 -31.97
N ALA A 369 33.27 -38.80 -33.02
CA ALA A 369 33.66 -39.83 -33.98
C ALA A 369 34.77 -40.68 -33.37
N LYS A 370 34.84 -41.93 -33.82
CA LYS A 370 36.01 -42.74 -33.54
C LYS A 370 37.19 -42.22 -34.35
N VAL A 371 38.39 -42.45 -33.84
CA VAL A 371 39.60 -41.92 -34.45
C VAL A 371 40.74 -42.93 -34.27
N GLN A 372 41.72 -42.87 -35.19
CA GLN A 372 42.79 -43.86 -35.18
C GLN A 372 43.78 -43.60 -34.06
N ARG A 373 44.01 -42.33 -33.74
CA ARG A 373 44.91 -41.96 -32.66
C ARG A 373 44.38 -40.68 -32.01
N ALA A 374 44.59 -40.58 -30.70
CA ALA A 374 44.31 -39.34 -29.97
C ALA A 374 45.36 -39.15 -28.90
N VAL A 375 45.40 -37.92 -28.36
CA VAL A 375 46.37 -37.54 -27.35
C VAL A 375 45.71 -36.60 -26.35
N CYS A 376 46.20 -36.63 -25.11
CA CYS A 376 45.86 -35.67 -24.07
C CYS A 376 47.16 -35.19 -23.44
N MET A 377 47.53 -33.92 -23.68
CA MET A 377 48.65 -33.31 -22.97
C MET A 377 48.25 -32.82 -21.58
N LEU A 378 49.12 -33.08 -20.60
CA LEU A 378 49.02 -32.53 -19.25
C LEU A 378 50.25 -31.69 -18.99
N SER A 379 50.10 -30.38 -19.01
CA SER A 379 51.23 -29.49 -18.81
C SER A 379 50.96 -28.66 -17.55
N ASN A 380 51.96 -28.57 -16.68
CA ASN A 380 51.85 -27.65 -15.54
C ASN A 380 52.49 -26.32 -15.91
N THR A 381 51.71 -25.49 -16.58
CA THR A 381 52.14 -24.14 -17.00
C THR A 381 51.58 -23.06 -16.08
N THR A 382 52.38 -22.02 -15.86
CA THR A 382 51.90 -20.94 -15.00
C THR A 382 50.79 -20.15 -15.66
N ALA A 383 50.55 -20.33 -16.96
CA ALA A 383 49.51 -19.57 -17.64
C ALA A 383 48.12 -19.85 -17.07
N ILE A 384 47.93 -20.98 -16.39
CA ILE A 384 46.64 -21.31 -15.82
C ILE A 384 46.27 -20.34 -14.72
N ALA A 385 47.23 -19.62 -14.17
CA ALA A 385 46.86 -18.63 -13.16
C ALA A 385 45.91 -17.59 -13.74
N GLU A 386 45.83 -17.45 -15.07
CA GLU A 386 44.83 -16.57 -15.68
C GLU A 386 43.44 -16.89 -15.15
N ALA A 387 43.15 -18.18 -14.93
CA ALA A 387 41.82 -18.57 -14.45
C ALA A 387 41.60 -18.10 -13.03
N TRP A 388 42.66 -18.18 -12.19
CA TRP A 388 42.61 -17.64 -10.83
C TRP A 388 42.35 -16.13 -10.84
N ALA A 389 43.03 -15.41 -11.74
CA ALA A 389 42.85 -13.97 -11.77
C ALA A 389 41.42 -13.62 -12.14
N ARG A 390 40.85 -14.31 -13.13
CA ARG A 390 39.48 -14.00 -13.53
C ARG A 390 38.50 -14.19 -12.37
N LEU A 391 38.50 -15.38 -11.78
CA LEU A 391 37.66 -15.63 -10.62
C LEU A 391 37.86 -14.59 -9.54
N ASP A 392 39.12 -14.31 -9.20
CA ASP A 392 39.43 -13.39 -8.12
C ASP A 392 38.94 -11.98 -8.43
N HIS A 393 38.86 -11.61 -9.71
CA HIS A 393 38.33 -10.29 -10.04
C HIS A 393 36.82 -10.25 -9.79
N LYS A 394 36.08 -11.21 -10.32
CA LYS A 394 34.66 -11.28 -10.04
C LYS A 394 34.43 -11.30 -8.52
N PHE A 395 35.25 -12.04 -7.79
CA PHE A 395 35.08 -12.07 -6.33
C PHE A 395 35.31 -10.69 -5.73
N ASP A 396 36.32 -9.97 -6.22
CA ASP A 396 36.58 -8.66 -5.66
C ASP A 396 35.43 -7.71 -5.96
N LEU A 397 34.86 -7.81 -7.17
CA LEU A 397 33.79 -6.90 -7.56
C LEU A 397 32.58 -7.03 -6.63
N MET A 398 32.23 -8.27 -6.27
CA MET A 398 31.05 -8.51 -5.46
C MET A 398 31.34 -8.24 -3.99
N TYR A 399 32.48 -8.73 -3.51
CA TYR A 399 32.78 -8.66 -2.08
C TYR A 399 33.00 -7.23 -1.62
N ALA A 400 33.43 -6.32 -2.52
CA ALA A 400 33.70 -4.94 -2.11
C ALA A 400 32.43 -4.24 -1.66
N LYS A 401 31.28 -4.62 -2.22
CA LYS A 401 29.99 -4.22 -1.69
C LYS A 401 29.46 -5.18 -0.65
N ARG A 402 30.16 -6.27 -0.40
CA ARG A 402 29.67 -7.36 0.45
C ARG A 402 28.32 -7.89 -0.01
N ALA A 403 28.08 -7.84 -1.32
CA ALA A 403 26.85 -8.39 -1.85
C ALA A 403 26.76 -9.87 -1.56
N PHE A 404 25.59 -10.33 -1.13
CA PHE A 404 25.33 -11.74 -0.83
C PHE A 404 26.09 -12.31 0.37
N VAL A 405 27.01 -11.56 0.98
CA VAL A 405 27.76 -12.09 2.13
C VAL A 405 26.82 -12.66 3.19
N HIS A 406 25.67 -12.01 3.39
CA HIS A 406 24.82 -12.34 4.52
C HIS A 406 24.26 -13.75 4.42
N TRP A 407 24.07 -14.26 3.20
CA TRP A 407 23.61 -15.63 3.05
C TRP A 407 24.58 -16.60 3.69
N TYR A 408 25.88 -16.26 3.66
CA TYR A 408 26.91 -17.12 4.20
C TYR A 408 27.02 -16.92 5.71
N VAL A 409 27.14 -15.66 6.15
CA VAL A 409 27.23 -15.39 7.58
C VAL A 409 26.03 -16.00 8.29
N GLY A 410 24.88 -16.01 7.64
CA GLY A 410 23.68 -16.56 8.20
C GLY A 410 23.68 -18.06 8.37
N GLU A 411 24.72 -18.75 7.89
CA GLU A 411 24.80 -20.19 8.05
C GLU A 411 25.82 -20.59 9.08
N GLY A 412 26.51 -19.61 9.68
CA GLY A 412 27.52 -19.87 10.68
C GLY A 412 28.87 -19.29 10.35
N MET A 413 29.08 -18.88 9.11
CA MET A 413 30.38 -18.41 8.65
C MET A 413 30.63 -16.97 9.12
N GLU A 414 31.89 -16.56 9.04
CA GLU A 414 32.31 -15.26 9.54
C GLU A 414 32.83 -14.44 8.37
N GLU A 415 32.39 -13.19 8.28
CA GLU A 415 32.80 -12.36 7.16
C GLU A 415 34.29 -12.55 6.91
N GLY A 416 35.03 -12.98 7.93
CA GLY A 416 36.48 -13.05 7.86
C GLY A 416 37.08 -14.18 7.04
N GLU A 417 36.43 -15.35 7.03
CA GLU A 417 36.81 -16.44 6.13
C GLU A 417 36.80 -16.01 4.66
N PHE A 418 36.06 -14.94 4.32
CA PHE A 418 36.06 -14.41 2.96
C PHE A 418 37.41 -13.75 2.63
N SER A 419 37.94 -12.93 3.53
CA SER A 419 39.22 -12.26 3.29
C SER A 419 40.39 -13.18 3.55
N GLU A 420 40.17 -14.26 4.30
CA GLU A 420 41.20 -15.24 4.49
C GLU A 420 41.34 -16.13 3.26
N ALA A 421 40.22 -16.65 2.75
CA ALA A 421 40.28 -17.41 1.51
C ALA A 421 40.78 -16.57 0.35
N ARG A 422 40.46 -15.27 0.35
CA ARG A 422 40.88 -14.43 -0.77
C ARG A 422 42.34 -14.02 -0.66
N GLU A 423 42.86 -13.88 0.56
CA GLU A 423 44.28 -13.59 0.74
C GLU A 423 45.13 -14.79 0.30
N ASP A 424 44.71 -16.00 0.66
CA ASP A 424 45.33 -17.20 0.13
C ASP A 424 45.44 -17.14 -1.40
N MET A 425 44.32 -16.92 -2.08
CA MET A 425 44.37 -16.76 -3.53
C MET A 425 45.31 -15.65 -3.95
N ALA A 426 45.40 -14.59 -3.14
CA ALA A 426 46.39 -13.57 -3.42
C ALA A 426 47.78 -14.16 -3.40
N ALA A 427 48.05 -15.04 -2.42
CA ALA A 427 49.30 -15.79 -2.39
C ALA A 427 49.47 -16.62 -3.66
N LEU A 428 48.49 -17.48 -3.95
CA LEU A 428 48.58 -18.36 -5.12
C LEU A 428 48.95 -17.58 -6.38
N GLU A 429 48.28 -16.47 -6.65
CA GLU A 429 48.55 -15.73 -7.88
C GLU A 429 49.99 -15.26 -7.92
N LYS A 430 50.56 -15.01 -6.73
CA LYS A 430 51.89 -14.46 -6.59
C LYS A 430 52.95 -15.56 -6.77
N ASP A 431 52.77 -16.71 -6.09
CA ASP A 431 53.61 -17.88 -6.36
C ASP A 431 53.69 -18.14 -7.86
N TYR A 432 52.54 -18.15 -8.54
CA TYR A 432 52.55 -18.41 -9.98
C TYR A 432 53.36 -17.35 -10.72
N GLU A 433 53.29 -16.10 -10.28
CA GLU A 433 53.93 -15.05 -11.09
C GLU A 433 55.42 -14.99 -10.87
N GLU A 434 55.88 -15.24 -9.66
CA GLU A 434 57.31 -15.45 -9.46
C GLU A 434 57.78 -16.55 -10.40
N VAL A 435 57.20 -17.76 -10.25
CA VAL A 435 57.67 -18.95 -10.95
C VAL A 435 57.72 -18.76 -12.46
N GLY A 436 57.09 -17.71 -13.00
CA GLY A 436 56.91 -17.63 -14.44
C GLY A 436 57.36 -16.36 -15.14
N VAL A 437 58.30 -15.63 -14.54
CA VAL A 437 58.94 -14.48 -15.20
C VAL A 437 60.47 -14.56 -15.20
N ARG B 2 9.92 -31.13 -2.44
CA ARG B 2 9.89 -29.73 -2.06
C ARG B 2 8.48 -29.18 -2.20
N GLU B 3 7.68 -29.36 -1.16
CA GLU B 3 6.32 -28.86 -1.14
C GLU B 3 6.29 -27.38 -0.76
N ILE B 4 5.38 -26.65 -1.39
CA ILE B 4 5.07 -25.25 -1.09
C ILE B 4 3.69 -25.21 -0.45
N VAL B 5 3.51 -24.33 0.54
CA VAL B 5 2.20 -24.13 1.17
C VAL B 5 1.70 -22.72 0.82
N HIS B 6 0.55 -22.68 0.15
CA HIS B 6 -0.01 -21.45 -0.37
C HIS B 6 -1.08 -20.91 0.58
N ILE B 7 -1.07 -19.59 0.79
CA ILE B 7 -2.04 -18.94 1.65
C ILE B 7 -2.57 -17.70 0.94
N GLN B 8 -3.89 -17.57 0.87
CA GLN B 8 -4.51 -16.37 0.32
C GLN B 8 -5.39 -15.73 1.37
N ALA B 9 -5.23 -14.42 1.57
CA ALA B 9 -5.84 -13.72 2.69
C ALA B 9 -6.62 -12.49 2.22
N GLY B 10 -7.90 -12.44 2.55
CA GLY B 10 -8.69 -11.26 2.28
C GLY B 10 -9.27 -11.20 0.88
N GLN B 11 -9.99 -10.11 0.62
CA GLN B 11 -10.65 -9.88 -0.67
C GLN B 11 -9.64 -10.13 -1.77
N CYS B 12 -8.67 -9.22 -1.92
CA CYS B 12 -7.72 -9.28 -3.02
C CYS B 12 -6.95 -10.60 -3.00
N GLY B 13 -6.42 -10.98 -1.85
CA GLY B 13 -5.60 -12.17 -1.79
C GLY B 13 -6.30 -13.41 -2.30
N ASN B 14 -7.60 -13.52 -2.03
CA ASN B 14 -8.36 -14.71 -2.42
C ASN B 14 -8.81 -14.65 -3.87
N GLN B 15 -9.06 -13.44 -4.39
CA GLN B 15 -9.45 -13.36 -5.80
C GLN B 15 -8.27 -13.65 -6.72
N ILE B 16 -7.09 -13.09 -6.42
CA ILE B 16 -5.95 -13.47 -7.26
C ILE B 16 -5.50 -14.88 -6.89
N GLY B 17 -5.63 -15.26 -5.63
CA GLY B 17 -5.36 -16.63 -5.26
C GLY B 17 -6.14 -17.62 -6.10
N ALA B 18 -7.46 -17.39 -6.25
CA ALA B 18 -8.29 -18.32 -7.01
C ALA B 18 -7.89 -18.37 -8.48
N LYS B 19 -7.61 -17.22 -9.09
CA LYS B 19 -7.20 -17.26 -10.49
C LYS B 19 -5.96 -18.12 -10.68
N PHE B 20 -4.94 -17.90 -9.83
CA PHE B 20 -3.72 -18.68 -9.90
C PHE B 20 -4.01 -20.17 -9.99
N TRP B 21 -4.85 -20.69 -9.07
CA TRP B 21 -5.16 -22.12 -9.07
C TRP B 21 -5.92 -22.54 -10.31
N GLU B 22 -6.82 -21.68 -10.80
CA GLU B 22 -7.45 -21.93 -12.09
C GLU B 22 -6.39 -22.06 -13.18
N VAL B 23 -5.52 -21.06 -13.26
CA VAL B 23 -4.55 -20.98 -14.35
C VAL B 23 -3.58 -22.16 -14.33
N ILE B 24 -3.05 -22.51 -13.15
CA ILE B 24 -2.05 -23.57 -13.14
C ILE B 24 -2.71 -24.94 -13.11
N SER B 25 -3.92 -25.04 -12.55
CA SER B 25 -4.64 -26.30 -12.65
C SER B 25 -4.91 -26.66 -14.10
N ASP B 26 -5.23 -25.66 -14.92
CA ASP B 26 -5.31 -25.89 -16.35
C ASP B 26 -3.98 -26.39 -16.92
N GLU B 27 -2.87 -25.74 -16.56
CA GLU B 27 -1.57 -26.12 -17.11
C GLU B 27 -1.15 -27.52 -16.69
N HIS B 28 -1.54 -27.94 -15.50
CA HIS B 28 -1.21 -29.28 -15.03
C HIS B 28 -2.30 -30.28 -15.37
N GLY B 29 -3.30 -29.85 -16.14
CA GLY B 29 -4.31 -30.75 -16.63
C GLY B 29 -5.25 -31.29 -15.58
N ILE B 30 -5.27 -30.70 -14.39
CA ILE B 30 -6.28 -31.02 -13.38
C ILE B 30 -7.53 -30.23 -13.71
N ASP B 31 -8.69 -30.87 -13.56
CA ASP B 31 -9.96 -30.19 -13.82
C ASP B 31 -10.60 -29.77 -12.50
N PRO B 32 -11.80 -29.18 -12.54
CA PRO B 32 -12.41 -28.72 -11.27
C PRO B 32 -12.71 -29.85 -10.32
N THR B 33 -12.91 -31.08 -10.81
CA THR B 33 -13.18 -32.21 -9.94
C THR B 33 -11.91 -32.73 -9.25
N GLY B 34 -10.74 -32.18 -9.57
CA GLY B 34 -9.49 -32.68 -9.04
C GLY B 34 -8.86 -33.81 -9.81
N SER B 35 -9.42 -34.20 -10.97
CA SER B 35 -8.93 -35.33 -11.76
C SER B 35 -8.05 -34.86 -12.90
N TYR B 36 -6.91 -35.53 -13.07
CA TYR B 36 -5.95 -35.21 -14.13
C TYR B 36 -6.40 -35.77 -15.47
N HIS B 37 -6.41 -34.91 -16.52
CA HIS B 37 -6.80 -35.32 -17.89
C HIS B 37 -5.92 -34.59 -18.91
N GLY B 38 -4.62 -34.91 -18.90
CA GLY B 38 -3.65 -34.17 -19.69
C GLY B 38 -2.81 -35.09 -20.57
N ASP B 39 -2.08 -34.45 -21.49
CA ASP B 39 -1.32 -35.19 -22.51
C ASP B 39 0.09 -35.56 -22.01
N SER B 40 0.89 -34.57 -21.63
CA SER B 40 2.29 -34.80 -21.31
C SER B 40 2.47 -35.32 -19.90
N ASP B 41 3.66 -35.85 -19.63
CA ASP B 41 4.00 -36.24 -18.27
C ASP B 41 4.76 -35.15 -17.52
N LEU B 42 5.42 -34.24 -18.25
CA LEU B 42 5.95 -33.04 -17.61
C LEU B 42 4.89 -32.44 -16.68
N GLN B 43 3.60 -32.58 -17.04
CA GLN B 43 2.53 -32.00 -16.24
C GLN B 43 2.41 -32.64 -14.88
N LEU B 44 2.88 -33.87 -14.72
CA LEU B 44 2.71 -34.55 -13.45
C LEU B 44 4.00 -34.68 -12.66
N GLU B 45 5.14 -34.34 -13.26
CA GLU B 45 6.42 -34.64 -12.62
C GLU B 45 6.61 -33.86 -11.33
N ARG B 46 6.30 -32.55 -11.34
CA ARG B 46 6.42 -31.73 -10.13
C ARG B 46 5.06 -31.29 -9.61
N ILE B 47 4.03 -32.12 -9.81
CA ILE B 47 2.68 -31.76 -9.40
C ILE B 47 2.54 -31.69 -7.88
N ASN B 48 3.48 -32.28 -7.15
CA ASN B 48 3.39 -32.30 -5.70
C ASN B 48 3.87 -31.01 -5.06
N VAL B 49 4.66 -30.22 -5.79
CA VAL B 49 5.13 -28.94 -5.26
C VAL B 49 3.95 -28.12 -4.76
N TYR B 50 2.85 -28.17 -5.51
CA TYR B 50 1.68 -27.35 -5.22
C TYR B 50 0.43 -28.13 -4.88
N TYR B 51 0.37 -29.42 -5.20
CA TYR B 51 -0.83 -30.20 -4.98
C TYR B 51 -0.54 -31.38 -4.07
N ASN B 52 -1.44 -31.62 -3.13
CA ASN B 52 -1.46 -32.88 -2.39
C ASN B 52 -2.22 -33.92 -3.19
N GLU B 53 -1.72 -35.17 -3.18
CA GLU B 53 -2.32 -36.26 -3.94
C GLU B 53 -3.27 -37.03 -3.04
N ALA B 54 -4.55 -37.03 -3.40
CA ALA B 54 -5.59 -37.66 -2.60
C ALA B 54 -5.83 -39.10 -3.06
N THR B 55 -6.64 -39.82 -2.28
CA THR B 55 -7.07 -41.14 -2.66
C THR B 55 -8.06 -41.04 -3.83
N GLY B 56 -8.20 -42.15 -4.55
CA GLY B 56 -8.80 -42.08 -5.87
C GLY B 56 -7.91 -41.42 -6.89
N ASN B 57 -6.63 -41.21 -6.56
CA ASN B 57 -5.67 -40.47 -7.37
C ASN B 57 -6.27 -39.14 -7.85
N LYS B 58 -6.64 -38.31 -6.88
CA LYS B 58 -7.10 -36.94 -7.09
C LYS B 58 -6.06 -35.97 -6.54
N TYR B 59 -6.08 -34.73 -7.05
CA TYR B 59 -5.09 -33.73 -6.70
C TYR B 59 -5.74 -32.53 -6.02
N VAL B 60 -5.34 -32.28 -4.78
CA VAL B 60 -5.94 -31.25 -3.93
C VAL B 60 -4.90 -30.16 -3.66
N PRO B 61 -5.16 -28.92 -4.08
CA PRO B 61 -4.16 -27.86 -3.86
C PRO B 61 -3.77 -27.75 -2.39
N ARG B 62 -2.49 -27.47 -2.16
CA ARG B 62 -1.96 -27.20 -0.83
C ARG B 62 -2.16 -25.71 -0.54
N ALA B 63 -3.42 -25.34 -0.34
CA ALA B 63 -3.82 -23.95 -0.25
C ALA B 63 -4.72 -23.72 0.95
N ILE B 64 -4.37 -22.70 1.75
CA ILE B 64 -5.16 -22.29 2.90
C ILE B 64 -5.85 -21.00 2.54
N LEU B 65 -7.16 -20.95 2.74
CA LEU B 65 -7.97 -19.79 2.38
C LEU B 65 -8.40 -19.09 3.66
N VAL B 66 -8.08 -17.80 3.77
CA VAL B 66 -8.24 -17.02 5.01
C VAL B 66 -8.95 -15.73 4.69
N ASP B 67 -10.02 -15.42 5.44
CA ASP B 67 -10.60 -14.10 5.36
C ASP B 67 -11.26 -13.77 6.70
N LEU B 68 -11.46 -12.48 6.96
CA LEU B 68 -12.17 -12.06 8.15
C LEU B 68 -13.67 -11.88 7.93
N GLU B 69 -14.12 -11.86 6.67
CA GLU B 69 -15.49 -11.84 6.20
C GLU B 69 -15.76 -13.12 5.44
N PRO B 70 -17.01 -13.56 5.36
CA PRO B 70 -17.32 -14.72 4.51
C PRO B 70 -17.54 -14.40 3.05
N GLY B 71 -17.84 -13.14 2.72
CA GLY B 71 -18.06 -12.68 1.36
C GLY B 71 -17.28 -13.37 0.24
N THR B 72 -16.05 -12.88 -0.03
CA THR B 72 -15.23 -13.44 -1.11
C THR B 72 -15.06 -14.95 -0.97
N MET B 73 -14.87 -15.44 0.25
CA MET B 73 -14.61 -16.86 0.44
C MET B 73 -15.78 -17.72 -0.05
N ASP B 74 -17.01 -17.28 0.18
CA ASP B 74 -18.14 -17.95 -0.45
C ASP B 74 -18.05 -17.85 -1.97
N SER B 75 -17.67 -16.68 -2.49
CA SER B 75 -17.43 -16.53 -3.92
C SER B 75 -16.51 -17.63 -4.44
N VAL B 76 -15.36 -17.79 -3.81
CA VAL B 76 -14.41 -18.77 -4.29
C VAL B 76 -15.05 -20.15 -4.33
N ARG B 77 -15.70 -20.55 -3.25
CA ARG B 77 -16.32 -21.87 -3.26
C ARG B 77 -17.33 -22.02 -4.39
N SER B 78 -17.90 -20.91 -4.88
CA SER B 78 -18.83 -20.95 -6.01
C SER B 78 -18.12 -21.06 -7.35
N GLY B 79 -16.98 -20.39 -7.49
CA GLY B 79 -16.32 -20.24 -8.75
C GLY B 79 -16.00 -21.57 -9.41
N PRO B 80 -15.44 -21.47 -10.62
CA PRO B 80 -15.26 -22.68 -11.45
C PRO B 80 -14.46 -23.78 -10.77
N PHE B 81 -13.33 -23.45 -10.15
CA PHE B 81 -12.53 -24.40 -9.41
C PHE B 81 -12.80 -24.36 -7.92
N GLY B 82 -13.95 -23.80 -7.50
CA GLY B 82 -14.24 -23.74 -6.08
C GLY B 82 -14.12 -25.10 -5.40
N GLN B 83 -14.69 -26.13 -6.02
CA GLN B 83 -14.74 -27.43 -5.39
C GLN B 83 -13.37 -28.09 -5.30
N ILE B 84 -12.34 -27.55 -5.95
CA ILE B 84 -11.05 -28.25 -5.89
C ILE B 84 -10.42 -28.04 -4.52
N PHE B 85 -10.76 -26.95 -3.84
CA PHE B 85 -10.10 -26.59 -2.60
C PHE B 85 -10.59 -27.42 -1.44
N ARG B 86 -9.67 -27.82 -0.58
CA ARG B 86 -9.98 -28.68 0.56
C ARG B 86 -10.85 -27.94 1.58
N PRO B 87 -12.06 -28.41 1.86
CA PRO B 87 -13.02 -27.61 2.65
C PRO B 87 -12.54 -27.27 4.05
N ASP B 88 -11.75 -28.11 4.69
CA ASP B 88 -11.26 -27.70 6.00
C ASP B 88 -10.31 -26.53 5.92
N ASN B 89 -9.81 -26.18 4.74
CA ASN B 89 -8.85 -25.09 4.61
C ASN B 89 -9.51 -23.74 4.36
N PHE B 90 -10.84 -23.66 4.46
CA PHE B 90 -11.52 -22.38 4.47
C PHE B 90 -11.61 -21.93 5.93
N VAL B 91 -10.75 -20.99 6.32
CA VAL B 91 -10.68 -20.48 7.70
C VAL B 91 -11.08 -19.02 7.66
N PHE B 92 -12.22 -18.70 8.26
CA PHE B 92 -12.75 -17.34 8.20
C PHE B 92 -13.43 -16.92 9.51
N GLY B 93 -13.44 -15.62 9.75
CA GLY B 93 -14.27 -15.01 10.77
C GLY B 93 -15.56 -14.47 10.17
N GLN B 94 -16.13 -13.46 10.85
CA GLN B 94 -17.40 -12.89 10.42
C GLN B 94 -17.46 -11.38 10.49
N SER B 95 -16.78 -10.78 11.46
CA SER B 95 -16.88 -9.34 11.67
C SER B 95 -16.24 -8.52 10.56
N GLY B 96 -15.48 -9.14 9.67
CA GLY B 96 -14.71 -8.34 8.73
C GLY B 96 -13.62 -7.52 9.39
N ALA B 97 -12.85 -6.80 8.58
CA ALA B 97 -11.73 -6.00 9.06
C ALA B 97 -11.82 -4.54 8.64
N GLY B 98 -12.85 -4.15 7.90
CA GLY B 98 -13.09 -2.73 7.63
C GLY B 98 -11.97 -1.97 6.94
N ASN B 99 -11.18 -2.64 6.10
CA ASN B 99 -10.06 -1.94 5.45
C ASN B 99 -9.12 -1.29 6.47
N ASN B 100 -8.95 -1.94 7.62
CA ASN B 100 -8.24 -1.37 8.76
C ASN B 100 -7.09 -2.28 9.13
N TRP B 101 -5.85 -1.81 8.92
CA TRP B 101 -4.67 -2.63 9.23
C TRP B 101 -4.68 -3.09 10.67
N ALA B 102 -5.10 -2.22 11.61
CA ALA B 102 -5.14 -2.59 13.01
C ALA B 102 -6.12 -3.72 13.29
N LYS B 103 -7.31 -3.66 12.70
CA LYS B 103 -8.27 -4.74 12.94
C LYS B 103 -7.72 -6.09 12.48
N GLY B 104 -6.89 -6.11 11.42
CA GLY B 104 -6.37 -7.34 10.87
C GLY B 104 -5.18 -7.88 11.64
N HIS B 105 -4.35 -6.97 12.11
CA HIS B 105 -3.11 -7.35 12.77
C HIS B 105 -3.27 -7.57 14.26
N TYR B 106 -4.14 -6.79 14.92
CA TYR B 106 -4.14 -6.65 16.38
C TYR B 106 -5.43 -7.07 17.06
N THR B 107 -6.60 -6.78 16.50
CA THR B 107 -7.82 -7.15 17.21
C THR B 107 -8.58 -8.27 16.52
N GLU B 108 -9.26 -7.98 15.42
CA GLU B 108 -10.07 -8.99 14.75
C GLU B 108 -9.23 -10.15 14.24
N GLY B 109 -8.09 -9.86 13.61
CA GLY B 109 -7.25 -10.92 13.08
C GLY B 109 -6.66 -11.82 14.16
N ALA B 110 -6.29 -11.23 15.31
CA ALA B 110 -5.75 -12.01 16.40
C ALA B 110 -6.68 -13.15 16.82
N GLU B 111 -7.98 -12.86 16.96
CA GLU B 111 -8.94 -13.94 17.29
C GLU B 111 -8.78 -15.14 16.36
N LEU B 112 -8.62 -14.92 15.06
CA LEU B 112 -8.72 -16.02 14.10
C LEU B 112 -7.37 -16.66 13.75
N VAL B 113 -6.23 -16.06 14.12
CA VAL B 113 -4.97 -16.47 13.51
C VAL B 113 -4.56 -17.89 13.94
N ASP B 114 -4.70 -18.22 15.23
CA ASP B 114 -4.32 -19.57 15.66
C ASP B 114 -5.10 -20.61 14.87
N SER B 115 -6.38 -20.36 14.57
CA SER B 115 -7.14 -21.29 13.76
C SER B 115 -6.49 -21.46 12.40
N VAL B 116 -5.94 -20.38 11.86
CA VAL B 116 -5.25 -20.47 10.58
C VAL B 116 -3.95 -21.22 10.75
N LEU B 117 -3.20 -20.90 11.81
CA LEU B 117 -1.92 -21.59 12.03
C LEU B 117 -2.10 -23.10 12.20
N ASP B 118 -3.28 -23.54 12.68
CA ASP B 118 -3.55 -24.97 12.79
C ASP B 118 -3.63 -25.65 11.41
N VAL B 119 -4.43 -25.09 10.49
CA VAL B 119 -4.46 -25.65 9.13
C VAL B 119 -3.08 -25.63 8.50
N VAL B 120 -2.34 -24.53 8.70
CA VAL B 120 -0.98 -24.46 8.18
C VAL B 120 -0.17 -25.63 8.67
N ARG B 121 -0.19 -25.84 9.99
CA ARG B 121 0.60 -26.93 10.59
C ARG B 121 0.18 -28.29 10.05
N LYS B 122 -1.13 -28.53 9.89
CA LYS B 122 -1.57 -29.79 9.29
C LYS B 122 -0.91 -30.00 7.93
N GLU B 123 -0.97 -28.98 7.06
CA GLU B 123 -0.37 -29.10 5.73
C GLU B 123 1.14 -29.26 5.78
N SER B 124 1.82 -28.54 6.67
CA SER B 124 3.28 -28.69 6.82
C SER B 124 3.63 -30.11 7.21
N GLU B 125 2.83 -30.76 8.05
CA GLU B 125 3.18 -32.09 8.51
C GLU B 125 3.16 -33.10 7.36
N SER B 126 2.16 -33.01 6.48
CA SER B 126 2.14 -33.87 5.31
C SER B 126 3.45 -33.85 4.51
N CYS B 127 4.25 -32.79 4.64
CA CYS B 127 5.21 -32.42 3.60
C CYS B 127 6.54 -33.14 3.76
N ASP B 128 6.98 -33.78 2.68
CA ASP B 128 8.24 -34.53 2.68
C ASP B 128 9.43 -33.59 2.89
N CYS B 129 9.52 -32.49 2.13
CA CYS B 129 10.50 -31.43 2.42
C CYS B 129 9.86 -30.10 2.04
N LEU B 130 9.34 -29.41 3.03
CA LEU B 130 8.67 -28.14 2.80
C LEU B 130 9.70 -27.07 2.43
N GLN B 131 9.55 -26.49 1.22
CA GLN B 131 10.40 -25.38 0.81
C GLN B 131 10.08 -24.13 1.60
N GLY B 132 8.79 -23.90 1.82
CA GLY B 132 8.32 -22.69 2.46
C GLY B 132 6.92 -22.37 1.97
N PHE B 133 6.58 -21.09 2.10
CA PHE B 133 5.21 -20.62 1.96
C PHE B 133 5.15 -19.50 0.93
N GLN B 134 4.06 -19.44 0.21
CA GLN B 134 3.74 -18.26 -0.57
C GLN B 134 2.38 -17.75 -0.15
N LEU B 135 2.27 -16.44 -0.08
CA LEU B 135 1.05 -15.78 0.35
C LEU B 135 0.63 -14.77 -0.69
N THR B 136 -0.68 -14.66 -0.88
CA THR B 136 -1.30 -13.67 -1.74
C THR B 136 -2.16 -12.75 -0.89
N HIS B 137 -1.97 -11.46 -1.06
CA HIS B 137 -2.69 -10.46 -0.27
C HIS B 137 -2.50 -9.11 -0.94
N SER B 138 -3.39 -8.19 -0.62
CA SER B 138 -3.18 -6.78 -0.90
C SER B 138 -2.59 -6.14 0.35
N LEU B 139 -1.97 -4.98 0.15
CA LEU B 139 -1.44 -4.21 1.26
C LEU B 139 -2.34 -3.03 1.64
N GLY B 140 -3.46 -2.81 0.94
CA GLY B 140 -4.27 -1.62 1.15
C GLY B 140 -5.55 -1.83 1.93
N GLY B 141 -6.05 -3.06 2.01
CA GLY B 141 -7.22 -3.37 2.81
C GLY B 141 -6.83 -3.66 4.24
N GLY B 142 -7.57 -4.57 4.88
CA GLY B 142 -7.33 -4.84 6.27
C GLY B 142 -7.01 -6.28 6.62
N THR B 143 -7.70 -7.23 5.98
CA THR B 143 -7.37 -8.62 6.25
C THR B 143 -6.02 -8.93 5.62
N GLY B 144 -5.97 -9.15 4.32
CA GLY B 144 -4.70 -9.52 3.68
C GLY B 144 -3.55 -8.64 4.10
N SER B 145 -3.81 -7.36 4.29
CA SER B 145 -2.79 -6.44 4.79
C SER B 145 -2.37 -6.73 6.22
N GLY B 146 -3.23 -6.38 7.19
CA GLY B 146 -2.87 -6.49 8.59
C GLY B 146 -2.80 -7.90 9.14
N MET B 147 -3.79 -8.74 8.85
CA MET B 147 -3.72 -10.13 9.29
C MET B 147 -2.71 -10.90 8.47
N GLY B 148 -2.73 -10.71 7.15
CA GLY B 148 -1.70 -11.26 6.30
C GLY B 148 -0.33 -11.13 6.94
N THR B 149 0.07 -9.93 7.36
CA THR B 149 1.40 -9.78 7.95
C THR B 149 1.48 -10.31 9.39
N LEU B 150 0.36 -10.47 10.07
CA LEU B 150 0.39 -11.15 11.34
C LEU B 150 0.72 -12.63 11.14
N LEU B 151 0.05 -13.27 10.19
CA LEU B 151 0.37 -14.65 9.86
C LEU B 151 1.85 -14.81 9.53
N ILE B 152 2.37 -13.93 8.68
CA ILE B 152 3.77 -14.03 8.27
C ILE B 152 4.67 -13.94 9.50
N SER B 153 4.36 -13.03 10.43
CA SER B 153 5.19 -12.93 11.62
C SER B 153 5.12 -14.18 12.45
N LYS B 154 3.96 -14.83 12.49
CA LYS B 154 3.83 -16.02 13.31
C LYS B 154 4.45 -17.22 12.61
N ILE B 155 4.22 -17.34 11.30
CA ILE B 155 4.79 -18.45 10.53
C ILE B 155 6.31 -18.46 10.65
N ARG B 156 6.94 -17.27 10.63
CA ARG B 156 8.37 -17.17 10.78
C ARG B 156 8.85 -17.60 12.15
N GLU B 157 7.97 -17.55 13.14
CA GLU B 157 8.31 -17.97 14.50
C GLU B 157 8.26 -19.49 14.61
N GLU B 158 7.28 -20.12 14.00
CA GLU B 158 7.19 -21.56 13.95
C GLU B 158 8.18 -22.20 12.97
N TYR B 159 8.47 -21.55 11.85
CA TYR B 159 9.29 -22.12 10.78
C TYR B 159 10.37 -21.11 10.41
N PRO B 160 11.23 -20.79 11.37
CA PRO B 160 12.15 -19.66 11.17
C PRO B 160 13.11 -19.85 10.00
N ASP B 161 13.25 -21.06 9.46
CA ASP B 161 14.22 -21.36 8.42
C ASP B 161 13.58 -21.75 7.08
N ARG B 162 12.26 -21.79 7.00
CA ARG B 162 11.54 -21.93 5.75
C ARG B 162 11.51 -20.58 5.01
N ILE B 163 11.30 -20.63 3.71
CA ILE B 163 11.24 -19.41 2.90
C ILE B 163 9.82 -18.84 2.93
N MET B 164 9.73 -17.52 3.14
CA MET B 164 8.49 -16.76 3.03
C MET B 164 8.51 -15.92 1.74
N ASN B 165 7.63 -16.29 0.80
CA ASN B 165 7.37 -15.64 -0.49
C ASN B 165 5.97 -15.01 -0.49
N THR B 166 5.86 -13.73 -0.87
CA THR B 166 4.55 -13.14 -1.04
C THR B 166 4.37 -12.55 -2.43
N PHE B 167 3.10 -12.53 -2.88
CA PHE B 167 2.63 -11.66 -3.96
C PHE B 167 1.80 -10.54 -3.31
N SER B 168 2.34 -9.35 -3.25
CA SER B 168 1.73 -8.24 -2.53
C SER B 168 1.24 -7.17 -3.50
N VAL B 169 -0.08 -7.05 -3.65
CA VAL B 169 -0.68 -6.00 -4.48
C VAL B 169 -0.57 -4.65 -3.77
N MET B 170 0.14 -3.71 -4.37
CA MET B 170 0.31 -2.33 -3.90
C MET B 170 -0.92 -1.49 -4.22
N PRO B 171 -1.41 -0.70 -3.27
CA PRO B 171 -2.55 0.19 -3.54
C PRO B 171 -2.19 1.29 -4.54
N SER B 172 -3.21 1.77 -5.25
CA SER B 172 -3.06 2.96 -6.09
C SER B 172 -4.31 3.81 -6.10
N PRO B 173 -4.16 5.13 -6.03
CA PRO B 173 -5.31 6.03 -6.27
C PRO B 173 -6.10 5.73 -7.53
N LYS B 174 -5.46 5.27 -8.60
CA LYS B 174 -6.22 4.91 -9.80
C LYS B 174 -7.19 3.76 -9.55
N VAL B 175 -6.90 2.91 -8.57
CA VAL B 175 -7.78 1.79 -8.26
C VAL B 175 -7.78 1.67 -6.74
N SER B 176 -8.58 2.48 -6.05
CA SER B 176 -8.52 2.45 -4.60
C SER B 176 -9.92 2.35 -4.00
N ASP B 177 -10.03 1.52 -2.95
CA ASP B 177 -11.26 1.35 -2.21
C ASP B 177 -11.47 2.45 -1.18
N THR B 178 -10.41 2.94 -0.55
CA THR B 178 -10.54 3.85 0.58
C THR B 178 -9.30 4.71 0.67
N VAL B 179 -9.41 5.83 1.39
CA VAL B 179 -8.29 6.76 1.52
C VAL B 179 -7.18 6.29 2.43
N VAL B 180 -7.42 5.26 3.23
CA VAL B 180 -6.44 4.92 4.24
C VAL B 180 -5.48 3.87 3.72
N GLU B 181 -5.50 3.61 2.40
CA GLU B 181 -4.64 2.56 1.87
C GLU B 181 -3.17 2.88 2.04
N PRO B 182 -2.72 4.13 1.96
CA PRO B 182 -1.30 4.38 2.22
C PRO B 182 -0.89 4.10 3.65
N TYR B 183 -1.79 4.27 4.63
CA TYR B 183 -1.52 3.83 5.99
C TYR B 183 -1.36 2.33 6.06
N ASN B 184 -2.33 1.59 5.51
CA ASN B 184 -2.27 0.13 5.57
C ASN B 184 -1.05 -0.42 4.86
N ALA B 185 -0.60 0.23 3.78
CA ALA B 185 0.50 -0.32 2.99
C ALA B 185 1.84 -0.07 3.66
N THR B 186 2.02 1.11 4.27
CA THR B 186 3.28 1.42 4.94
C THR B 186 3.49 0.52 6.16
N LEU B 187 2.42 0.27 6.93
CA LEU B 187 2.54 -0.65 8.06
C LEU B 187 2.85 -2.05 7.58
N SER B 188 2.25 -2.47 6.46
CA SER B 188 2.56 -3.77 5.88
C SER B 188 3.98 -3.83 5.36
N VAL B 189 4.45 -2.79 4.65
CA VAL B 189 5.77 -2.85 4.04
C VAL B 189 6.84 -3.00 5.12
N HIS B 190 6.67 -2.29 6.23
CA HIS B 190 7.51 -2.50 7.40
C HIS B 190 7.61 -3.98 7.74
N GLN B 191 6.46 -4.64 7.80
CA GLN B 191 6.45 -6.07 8.09
C GLN B 191 7.18 -6.85 7.00
N LEU B 192 6.87 -6.55 5.72
CA LEU B 192 7.43 -7.31 4.61
C LEU B 192 8.95 -7.21 4.58
N VAL B 193 9.48 -6.01 4.83
CA VAL B 193 10.92 -5.77 4.81
C VAL B 193 11.63 -6.64 5.83
N GLU B 194 10.95 -6.99 6.91
CA GLU B 194 11.56 -7.74 7.99
C GLU B 194 11.33 -9.25 7.89
N ASN B 195 10.19 -9.70 7.35
CA ASN B 195 9.79 -11.09 7.53
C ASN B 195 9.59 -11.86 6.25
N THR B 196 9.88 -11.30 5.08
CA THR B 196 9.80 -12.13 3.89
C THR B 196 11.16 -12.19 3.26
N ASP B 197 11.44 -13.35 2.65
CA ASP B 197 12.59 -13.56 1.77
C ASP B 197 12.38 -12.91 0.41
N GLU B 198 11.20 -13.11 -0.21
CA GLU B 198 10.91 -12.58 -1.55
C GLU B 198 9.46 -12.12 -1.64
N THR B 199 9.25 -10.85 -2.03
CA THR B 199 7.92 -10.37 -2.37
C THR B 199 7.91 -9.83 -3.80
N TYR B 200 6.89 -10.23 -4.55
CA TYR B 200 6.64 -9.70 -5.89
C TYR B 200 5.70 -8.50 -5.75
N CYS B 201 6.20 -7.31 -6.08
CA CYS B 201 5.43 -6.08 -5.93
C CYS B 201 4.51 -5.95 -7.14
N ILE B 202 3.27 -6.43 -7.01
CA ILE B 202 2.24 -6.22 -8.02
C ILE B 202 1.54 -4.89 -7.76
N ASP B 203 1.80 -3.90 -8.60
CA ASP B 203 1.30 -2.56 -8.40
C ASP B 203 -0.03 -2.41 -9.12
N ASN B 204 -1.09 -2.05 -8.40
CA ASN B 204 -2.37 -1.81 -9.05
C ASN B 204 -2.30 -0.58 -9.94
N GLU B 205 -1.29 0.28 -9.74
CA GLU B 205 -1.08 1.39 -10.67
C GLU B 205 -0.61 0.87 -12.03
N ALA B 206 0.33 -0.07 -12.03
CA ALA B 206 0.76 -0.66 -13.28
C ALA B 206 -0.36 -1.45 -13.96
N LEU B 207 -1.00 -2.36 -13.22
CA LEU B 207 -2.06 -3.14 -13.84
C LEU B 207 -3.11 -2.23 -14.45
N TYR B 208 -3.29 -1.03 -13.90
CA TYR B 208 -4.29 -0.12 -14.44
C TYR B 208 -3.79 0.49 -15.74
N ASP B 209 -2.62 1.12 -15.69
CA ASP B 209 -2.04 1.71 -16.88
C ASP B 209 -1.90 0.70 -18.01
N ILE B 210 -1.51 -0.53 -17.68
CA ILE B 210 -1.37 -1.54 -18.73
C ILE B 210 -2.74 -1.88 -19.31
N CYS B 211 -3.76 -1.98 -18.47
CA CYS B 211 -5.11 -2.22 -18.96
C CYS B 211 -5.63 -1.05 -19.79
N PHE B 212 -5.30 0.18 -19.39
CA PHE B 212 -5.85 1.36 -20.04
C PHE B 212 -5.08 1.68 -21.31
N ARG B 213 -3.77 1.92 -21.19
CA ARG B 213 -2.94 2.33 -22.33
C ARG B 213 -2.70 1.19 -23.30
N THR B 214 -2.10 0.10 -22.84
CA THR B 214 -1.66 -0.91 -23.78
C THR B 214 -2.83 -1.78 -24.26
N LEU B 215 -3.61 -2.34 -23.34
CA LEU B 215 -4.70 -3.20 -23.77
C LEU B 215 -5.91 -2.43 -24.24
N LYS B 216 -5.85 -1.09 -24.17
CA LYS B 216 -6.91 -0.21 -24.65
C LYS B 216 -8.27 -0.56 -24.02
N LEU B 217 -8.25 -0.98 -22.76
CA LEU B 217 -9.48 -1.17 -21.99
C LEU B 217 -9.88 0.17 -21.38
N THR B 218 -11.08 0.62 -21.72
CA THR B 218 -11.48 1.97 -21.34
C THR B 218 -11.81 2.04 -19.86
N THR B 219 -12.40 0.98 -19.30
CA THR B 219 -12.87 0.98 -17.93
C THR B 219 -12.53 -0.37 -17.29
N PRO B 220 -11.30 -0.51 -16.80
CA PRO B 220 -10.79 -1.82 -16.35
C PRO B 220 -11.38 -2.25 -15.03
N THR B 221 -11.75 -3.53 -14.94
CA THR B 221 -12.30 -4.11 -13.73
C THR B 221 -11.19 -4.83 -12.94
N TYR B 222 -11.52 -5.33 -11.74
CA TYR B 222 -10.53 -6.15 -11.05
C TYR B 222 -10.25 -7.42 -11.86
N GLY B 223 -11.22 -7.87 -12.66
CA GLY B 223 -11.03 -9.07 -13.44
C GLY B 223 -10.03 -8.91 -14.56
N ASP B 224 -9.95 -7.71 -15.15
CA ASP B 224 -8.94 -7.41 -16.15
C ASP B 224 -7.55 -7.32 -15.52
N LEU B 225 -7.46 -6.66 -14.35
CA LEU B 225 -6.22 -6.58 -13.59
C LEU B 225 -5.75 -7.97 -13.14
N ASN B 226 -6.68 -8.84 -12.73
CA ASN B 226 -6.30 -10.12 -12.16
C ASN B 226 -5.86 -11.11 -13.23
N HIS B 227 -6.43 -11.02 -14.43
CA HIS B 227 -5.86 -11.66 -15.61
C HIS B 227 -4.34 -11.40 -15.69
N LEU B 228 -3.95 -10.13 -15.70
CA LEU B 228 -2.53 -9.80 -15.73
C LEU B 228 -1.77 -10.43 -14.58
N VAL B 229 -2.45 -10.66 -13.46
CA VAL B 229 -1.80 -11.16 -12.25
C VAL B 229 -1.62 -12.67 -12.33
N SER B 230 -2.63 -13.39 -12.85
CA SER B 230 -2.48 -14.82 -13.08
C SER B 230 -1.34 -15.12 -14.05
N ALA B 231 -1.29 -14.38 -15.16
CA ALA B 231 -0.25 -14.56 -16.17
C ALA B 231 1.14 -14.43 -15.55
N THR B 232 1.37 -13.37 -14.78
CA THR B 232 2.63 -13.23 -14.06
C THR B 232 2.80 -14.36 -13.05
N MET B 233 1.78 -14.63 -12.24
CA MET B 233 1.96 -15.64 -11.20
C MET B 233 2.32 -16.99 -11.82
N SER B 234 1.73 -17.30 -12.98
CA SER B 234 2.09 -18.54 -13.66
C SER B 234 3.52 -18.48 -14.17
N GLY B 235 3.95 -17.35 -14.71
CA GLY B 235 5.30 -17.23 -15.21
C GLY B 235 6.36 -17.43 -14.13
N VAL B 236 6.26 -16.67 -13.03
CA VAL B 236 7.28 -16.71 -11.99
C VAL B 236 7.24 -18.00 -11.18
N THR B 237 6.31 -18.90 -11.45
CA THR B 237 6.33 -20.20 -10.81
C THR B 237 6.55 -21.33 -11.81
N THR B 238 6.76 -21.02 -13.10
CA THR B 238 7.03 -22.08 -14.07
C THR B 238 8.19 -22.96 -13.62
N CYS B 239 9.32 -22.32 -13.28
CA CYS B 239 10.52 -23.08 -12.93
C CYS B 239 10.34 -23.93 -11.68
N LEU B 240 9.28 -23.69 -10.91
CA LEU B 240 8.97 -24.52 -9.75
C LEU B 240 8.12 -25.71 -10.10
N ARG B 241 7.22 -25.55 -11.08
CA ARG B 241 6.18 -26.53 -11.38
C ARG B 241 6.55 -27.47 -12.51
N PHE B 242 7.66 -27.19 -13.22
CA PHE B 242 8.05 -27.96 -14.37
C PHE B 242 9.53 -28.30 -14.34
N PRO B 243 9.90 -29.46 -14.88
CA PRO B 243 11.31 -29.86 -14.90
C PRO B 243 12.12 -29.02 -15.88
N GLY B 244 13.36 -28.71 -15.50
CA GLY B 244 14.25 -27.96 -16.36
C GLY B 244 15.70 -28.32 -16.13
N GLN B 245 16.59 -27.62 -16.87
CA GLN B 245 18.03 -27.66 -16.59
C GLN B 245 18.32 -27.04 -15.23
N LEU B 246 17.44 -26.18 -14.74
CA LEU B 246 17.71 -25.44 -13.52
C LEU B 246 17.33 -26.23 -12.26
N ASN B 247 16.18 -26.87 -12.26
CA ASN B 247 15.65 -27.41 -11.02
C ASN B 247 15.66 -26.32 -9.94
N ALA B 248 14.75 -25.35 -10.12
CA ALA B 248 14.76 -24.17 -9.26
C ALA B 248 13.80 -24.34 -8.10
N ASP B 249 14.06 -23.58 -7.04
CA ASP B 249 13.19 -23.56 -5.88
C ASP B 249 13.29 -22.19 -5.21
N LEU B 250 12.48 -22.01 -4.18
CA LEU B 250 12.38 -20.69 -3.55
C LEU B 250 13.70 -20.24 -2.91
N ARG B 251 14.38 -21.12 -2.18
CA ARG B 251 15.63 -20.72 -1.50
C ARG B 251 16.71 -20.32 -2.50
N LYS B 252 16.99 -21.17 -3.49
CA LYS B 252 17.98 -20.79 -4.49
C LYS B 252 17.61 -19.47 -5.14
N LEU B 253 16.31 -19.24 -5.38
CA LEU B 253 15.88 -17.99 -5.97
C LEU B 253 16.27 -16.82 -5.08
N ALA B 254 16.03 -16.97 -3.76
CA ALA B 254 16.36 -15.91 -2.81
C ALA B 254 17.85 -15.69 -2.72
N VAL B 255 18.63 -16.77 -2.67
CA VAL B 255 20.08 -16.64 -2.61
C VAL B 255 20.58 -15.78 -3.76
N ASN B 256 20.11 -16.07 -4.97
CA ASN B 256 20.67 -15.45 -6.15
C ASN B 256 20.08 -14.08 -6.44
N MET B 257 18.84 -13.82 -6.01
CA MET B 257 18.21 -12.53 -6.30
C MET B 257 18.57 -11.45 -5.28
N VAL B 258 18.88 -11.82 -4.05
CA VAL B 258 18.88 -10.87 -2.93
C VAL B 258 20.29 -10.59 -2.42
N PRO B 259 21.02 -9.62 -3.00
CA PRO B 259 22.37 -9.34 -2.50
C PRO B 259 22.40 -8.86 -1.06
N PHE B 260 21.38 -8.11 -0.66
CA PHE B 260 21.25 -7.57 0.67
C PHE B 260 19.86 -7.89 1.18
N PRO B 261 19.70 -8.19 2.46
CA PRO B 261 18.49 -8.94 2.87
C PRO B 261 17.23 -8.11 2.76
N ARG B 262 17.30 -6.81 3.02
CA ARG B 262 16.10 -6.00 2.94
C ARG B 262 15.68 -5.70 1.50
N LEU B 263 16.61 -5.76 0.55
CA LEU B 263 16.32 -5.45 -0.84
C LEU B 263 15.80 -6.68 -1.58
N HIS B 264 14.60 -7.13 -1.16
CA HIS B 264 13.98 -8.32 -1.73
C HIS B 264 12.61 -8.03 -2.36
N PHE B 265 12.46 -6.83 -2.91
CA PHE B 265 11.21 -6.46 -3.58
C PHE B 265 11.43 -6.44 -5.08
N PHE B 266 10.74 -7.35 -5.77
CA PHE B 266 10.93 -7.67 -7.17
C PHE B 266 9.88 -7.01 -8.06
N MET B 267 10.35 -6.45 -9.21
CA MET B 267 9.55 -5.94 -10.32
C MET B 267 9.19 -7.10 -11.24
N PRO B 268 7.94 -7.55 -11.30
CA PRO B 268 7.58 -8.56 -12.29
C PRO B 268 7.24 -7.92 -13.64
N GLY B 269 7.30 -8.74 -14.68
CA GLY B 269 6.98 -8.30 -16.03
C GLY B 269 6.50 -9.45 -16.88
N PHE B 270 5.68 -9.12 -17.87
CA PHE B 270 5.15 -10.18 -18.71
C PHE B 270 5.16 -9.72 -20.15
N ALA B 271 5.41 -10.67 -21.06
CA ALA B 271 5.31 -10.44 -22.51
C ALA B 271 4.79 -11.72 -23.15
N PRO B 272 3.81 -11.63 -24.08
CA PRO B 272 3.15 -10.43 -24.56
C PRO B 272 1.99 -10.03 -23.65
N LEU B 273 1.76 -8.74 -23.42
CA LEU B 273 0.55 -8.32 -22.73
C LEU B 273 -0.68 -8.63 -23.58
N THR B 274 -1.61 -9.40 -23.00
CA THR B 274 -2.83 -9.85 -23.66
C THR B 274 -4.04 -9.48 -22.82
N SER B 275 -5.12 -9.07 -23.50
CA SER B 275 -6.39 -8.80 -22.83
C SER B 275 -7.24 -10.06 -22.87
N ARG B 276 -8.03 -10.25 -21.81
CA ARG B 276 -8.83 -11.46 -21.61
C ARG B 276 -9.77 -11.70 -22.79
N GLY B 277 -9.98 -12.98 -23.12
CA GLY B 277 -10.92 -13.35 -24.17
C GLY B 277 -10.38 -13.21 -25.57
N SER B 278 -10.11 -11.97 -26.01
CA SER B 278 -9.58 -11.76 -27.35
C SER B 278 -8.18 -12.35 -27.46
N GLN B 279 -8.02 -13.30 -28.38
CA GLN B 279 -6.74 -13.93 -28.70
C GLN B 279 -6.23 -13.40 -30.03
N GLN B 280 -5.00 -12.92 -30.05
CA GLN B 280 -4.32 -12.61 -31.30
C GLN B 280 -3.44 -13.80 -31.70
N TYR B 281 -3.11 -13.86 -33.00
CA TYR B 281 -2.80 -15.13 -33.65
C TYR B 281 -1.36 -15.26 -34.14
N ARG B 282 -0.59 -14.19 -34.17
CA ARG B 282 0.83 -14.28 -34.54
C ARG B 282 1.65 -14.51 -33.28
N ALA B 283 2.42 -15.57 -33.26
CA ALA B 283 3.37 -15.71 -32.16
C ALA B 283 4.44 -14.64 -32.29
N LEU B 284 5.09 -14.35 -31.17
CA LEU B 284 6.18 -13.39 -31.19
C LEU B 284 7.47 -14.08 -31.61
N THR B 285 8.32 -13.29 -32.25
CA THR B 285 9.70 -13.66 -32.42
C THR B 285 10.45 -13.48 -31.11
N VAL B 286 11.35 -14.41 -30.81
CA VAL B 286 12.23 -14.34 -29.63
C VAL B 286 12.80 -12.93 -29.47
N PRO B 287 13.18 -12.24 -30.54
CA PRO B 287 13.61 -10.84 -30.36
C PRO B 287 12.53 -9.95 -29.79
N GLU B 288 11.26 -10.23 -30.10
CA GLU B 288 10.15 -9.42 -29.61
C GLU B 288 9.90 -9.70 -28.13
N LEU B 289 9.87 -10.98 -27.76
CA LEU B 289 9.71 -11.31 -26.34
C LEU B 289 10.71 -10.56 -25.49
N THR B 290 11.96 -10.51 -25.95
CA THR B 290 13.02 -9.91 -25.14
C THR B 290 12.82 -8.40 -24.99
N GLN B 291 12.63 -7.69 -26.10
CA GLN B 291 12.44 -6.24 -25.99
C GLN B 291 11.18 -5.91 -25.18
N GLN B 292 10.10 -6.67 -25.40
CA GLN B 292 8.86 -6.39 -24.68
C GLN B 292 9.00 -6.64 -23.17
N MET B 293 9.60 -7.77 -22.78
CA MET B 293 9.68 -8.11 -21.36
C MET B 293 10.52 -7.11 -20.58
N PHE B 294 11.54 -6.53 -21.19
CA PHE B 294 12.32 -5.48 -20.54
C PHE B 294 11.70 -4.10 -20.70
N ASP B 295 10.54 -3.99 -21.36
CA ASP B 295 9.92 -2.70 -21.56
C ASP B 295 9.22 -2.27 -20.28
N SER B 296 9.39 -0.99 -19.92
CA SER B 296 8.66 -0.51 -18.75
C SER B 296 7.17 -0.70 -18.91
N LYS B 297 6.65 -0.60 -20.14
CA LYS B 297 5.23 -0.83 -20.40
C LYS B 297 4.75 -2.23 -20.01
N ASN B 298 5.66 -3.17 -19.78
CA ASN B 298 5.33 -4.53 -19.41
C ASN B 298 5.60 -4.83 -17.94
N MET B 299 6.13 -3.86 -17.19
CA MET B 299 6.36 -4.01 -15.75
C MET B 299 5.03 -3.96 -14.97
N MET B 300 4.92 -4.80 -13.94
CA MET B 300 3.75 -4.83 -13.07
C MET B 300 3.95 -4.05 -11.77
N ALA B 301 5.07 -3.33 -11.67
CA ALA B 301 5.33 -2.34 -10.62
C ALA B 301 5.61 -1.04 -11.33
N ALA B 302 4.80 -0.02 -11.07
CA ALA B 302 4.93 1.20 -11.85
C ALA B 302 6.23 1.93 -11.52
N CYS B 303 7.35 1.38 -11.97
CA CYS B 303 8.65 2.01 -11.86
C CYS B 303 9.30 2.03 -13.23
N ASP B 304 10.00 3.11 -13.52
CA ASP B 304 10.85 3.26 -14.68
C ASP B 304 12.17 2.55 -14.44
N PRO B 305 12.48 1.48 -15.17
CA PRO B 305 13.77 0.78 -14.93
C PRO B 305 14.96 1.62 -15.31
N ARG B 306 14.77 2.66 -16.14
CA ARG B 306 15.84 3.57 -16.52
C ARG B 306 16.16 4.59 -15.42
N HIS B 307 15.32 4.70 -14.39
CA HIS B 307 15.62 5.53 -13.24
C HIS B 307 16.40 4.79 -12.16
N GLY B 308 16.78 3.53 -12.41
CA GLY B 308 17.55 2.77 -11.46
C GLY B 308 18.43 1.73 -12.11
N ARG B 309 19.08 0.89 -11.31
CA ARG B 309 19.96 -0.14 -11.84
C ARG B 309 19.46 -1.51 -11.43
N TYR B 310 19.61 -2.47 -12.32
CA TYR B 310 19.26 -3.85 -12.04
C TYR B 310 20.34 -4.47 -11.16
N LEU B 311 19.99 -4.79 -9.92
CA LEU B 311 20.88 -5.61 -9.10
C LEU B 311 20.97 -7.01 -9.66
N THR B 312 19.83 -7.65 -9.93
CA THR B 312 19.79 -9.00 -10.51
C THR B 312 18.55 -9.13 -11.38
N VAL B 313 18.56 -10.14 -12.25
CA VAL B 313 17.45 -10.34 -13.17
C VAL B 313 17.25 -11.83 -13.34
N ALA B 314 15.99 -12.27 -13.41
CA ALA B 314 15.64 -13.63 -13.76
C ALA B 314 14.57 -13.60 -14.83
N ALA B 315 14.80 -14.29 -15.95
CA ALA B 315 13.85 -14.33 -17.06
C ALA B 315 13.53 -15.78 -17.41
N ILE B 316 12.28 -16.01 -17.81
CA ILE B 316 11.74 -17.35 -18.02
C ILE B 316 10.95 -17.33 -19.32
N PHE B 317 11.34 -18.17 -20.27
CA PHE B 317 10.77 -18.22 -21.61
C PHE B 317 9.96 -19.50 -21.76
N ARG B 318 8.74 -19.38 -22.28
CA ARG B 318 7.86 -20.52 -22.41
C ARG B 318 7.46 -20.69 -23.86
N GLY B 319 7.52 -21.92 -24.35
CA GLY B 319 7.15 -22.27 -25.72
C GLY B 319 8.26 -22.99 -26.46
N ARG B 320 7.97 -23.34 -27.71
CA ARG B 320 8.93 -23.98 -28.61
C ARG B 320 9.73 -22.90 -29.33
N MET B 321 10.99 -22.75 -28.97
CA MET B 321 11.80 -21.68 -29.53
C MET B 321 13.27 -22.07 -29.43
N SER B 322 14.11 -21.32 -30.14
CA SER B 322 15.55 -21.59 -30.14
C SER B 322 16.16 -21.07 -28.85
N MET B 323 16.64 -21.98 -28.00
CA MET B 323 17.48 -21.56 -26.91
C MET B 323 18.72 -20.82 -27.40
N LYS B 324 19.23 -21.18 -28.59
CA LYS B 324 20.31 -20.39 -29.17
C LYS B 324 19.88 -18.94 -29.39
N GLU B 325 18.69 -18.74 -29.95
CA GLU B 325 18.22 -17.39 -30.19
C GLU B 325 17.91 -16.67 -28.87
N VAL B 326 17.27 -17.39 -27.92
CA VAL B 326 17.04 -16.85 -26.59
C VAL B 326 18.36 -16.39 -25.96
N ASP B 327 19.41 -17.21 -26.12
CA ASP B 327 20.74 -16.84 -25.61
C ASP B 327 21.22 -15.55 -26.24
N GLU B 328 21.13 -15.46 -27.57
CA GLU B 328 21.69 -14.31 -28.27
C GLU B 328 20.92 -13.05 -27.94
N GLN B 329 19.58 -13.20 -27.82
CA GLN B 329 18.73 -12.04 -27.56
C GLN B 329 18.94 -11.56 -26.13
N MET B 330 19.14 -12.48 -25.18
CA MET B 330 19.37 -12.09 -23.80
C MET B 330 20.74 -11.43 -23.62
N LEU B 331 21.79 -12.01 -24.21
CA LEU B 331 23.10 -11.36 -24.20
C LEU B 331 23.03 -10.01 -24.89
N ASN B 332 22.21 -9.91 -25.94
CA ASN B 332 22.10 -8.70 -26.74
C ASN B 332 21.58 -7.51 -25.93
N VAL B 333 20.56 -7.73 -25.10
CA VAL B 333 19.93 -6.61 -24.39
C VAL B 333 20.86 -6.06 -23.30
N GLN B 334 21.66 -6.93 -22.67
CA GLN B 334 22.61 -6.50 -21.64
C GLN B 334 23.76 -5.69 -22.24
N ASN B 335 24.44 -6.25 -23.24
CA ASN B 335 25.58 -5.57 -23.85
C ASN B 335 25.18 -4.26 -24.50
N LYS B 336 23.90 -4.10 -24.85
CA LYS B 336 23.37 -2.88 -25.43
C LYS B 336 23.03 -1.84 -24.39
N ASN B 337 22.55 -2.26 -23.23
CA ASN B 337 22.16 -1.38 -22.15
C ASN B 337 22.87 -1.75 -20.86
N SER B 338 24.12 -2.20 -20.98
CA SER B 338 24.92 -2.65 -19.84
C SER B 338 25.05 -1.56 -18.78
N SER B 339 24.75 -0.31 -19.12
CA SER B 339 24.78 0.76 -18.13
C SER B 339 23.81 0.47 -16.98
N TYR B 340 22.65 -0.10 -17.28
CA TYR B 340 21.56 -0.22 -16.33
C TYR B 340 21.66 -1.47 -15.46
N PHE B 341 22.77 -2.20 -15.52
CA PHE B 341 23.01 -3.37 -14.68
C PHE B 341 24.23 -3.08 -13.82
N VAL B 342 24.15 -3.38 -12.52
CA VAL B 342 25.31 -3.09 -11.69
C VAL B 342 26.53 -3.84 -12.26
N GLU B 343 27.65 -3.13 -12.30
CA GLU B 343 28.92 -3.75 -12.67
C GLU B 343 29.45 -4.66 -11.58
N TRP B 344 29.08 -4.42 -10.32
CA TRP B 344 29.72 -5.11 -9.21
C TRP B 344 29.02 -6.41 -8.82
N ILE B 345 28.04 -6.87 -9.59
CA ILE B 345 27.56 -8.24 -9.53
C ILE B 345 27.73 -8.83 -10.93
N PRO B 346 28.83 -9.55 -11.17
CA PRO B 346 29.05 -10.09 -12.51
C PRO B 346 27.95 -11.07 -12.88
N ASN B 347 27.55 -11.02 -14.16
CA ASN B 347 26.65 -12.01 -14.75
C ASN B 347 25.36 -12.15 -13.96
N ASN B 348 24.74 -11.00 -13.64
CA ASN B 348 23.57 -10.97 -12.76
C ASN B 348 22.26 -11.25 -13.49
N VAL B 349 22.30 -11.64 -14.77
CA VAL B 349 21.11 -11.97 -15.56
C VAL B 349 21.14 -13.45 -15.90
N LYS B 350 20.17 -14.20 -15.42
CA LYS B 350 20.08 -15.62 -15.71
C LYS B 350 18.77 -15.88 -16.42
N THR B 351 18.75 -16.92 -17.25
CA THR B 351 17.61 -17.23 -18.11
C THR B 351 17.27 -18.71 -18.01
N ALA B 352 15.99 -19.01 -18.20
CA ALA B 352 15.48 -20.37 -18.13
C ALA B 352 14.47 -20.55 -19.25
N VAL B 353 14.24 -21.80 -19.64
CA VAL B 353 13.27 -22.11 -20.69
C VAL B 353 12.46 -23.33 -20.29
N CYS B 354 11.17 -23.31 -20.62
CA CYS B 354 10.29 -24.44 -20.40
C CYS B 354 9.48 -24.68 -21.67
N ASP B 355 9.43 -25.95 -22.11
CA ASP B 355 8.80 -26.25 -23.40
C ASP B 355 7.33 -25.88 -23.41
N ILE B 356 6.63 -26.05 -22.29
CA ILE B 356 5.18 -25.88 -22.26
C ILE B 356 4.87 -24.38 -22.23
N PRO B 357 4.06 -23.84 -23.15
CA PRO B 357 3.61 -22.45 -23.02
C PRO B 357 2.37 -22.37 -22.16
N PRO B 358 1.97 -21.18 -21.73
CA PRO B 358 0.69 -21.02 -21.06
C PRO B 358 -0.48 -21.09 -22.03
N ARG B 359 -1.65 -21.43 -21.48
CA ARG B 359 -2.90 -21.46 -22.25
C ARG B 359 -3.06 -20.23 -23.12
N GLY B 360 -3.20 -20.45 -24.43
CA GLY B 360 -3.57 -19.38 -25.32
C GLY B 360 -2.45 -18.51 -25.80
N LEU B 361 -1.20 -18.88 -25.54
CA LEU B 361 -0.04 -18.25 -26.15
C LEU B 361 0.89 -19.34 -26.63
N LYS B 362 1.51 -19.12 -27.77
CA LYS B 362 2.50 -20.08 -28.24
C LYS B 362 3.89 -19.76 -27.73
N MET B 363 4.09 -18.54 -27.22
CA MET B 363 5.39 -18.05 -26.82
C MET B 363 5.20 -16.94 -25.79
N SER B 364 5.85 -17.06 -24.63
CA SER B 364 5.71 -16.02 -23.63
C SER B 364 7.01 -15.88 -22.83
N ALA B 365 7.16 -14.70 -22.22
CA ALA B 365 8.33 -14.35 -21.42
C ALA B 365 7.89 -13.67 -20.13
N THR B 366 8.14 -14.29 -18.99
CA THR B 366 7.98 -13.63 -17.70
C THR B 366 9.32 -13.11 -17.20
N PHE B 367 9.28 -12.01 -16.45
CA PHE B 367 10.48 -11.26 -16.10
C PHE B 367 10.46 -10.92 -14.61
N ILE B 368 11.56 -11.23 -13.91
CA ILE B 368 11.71 -10.93 -12.49
C ILE B 368 12.94 -10.04 -12.30
N GLY B 369 12.71 -8.76 -12.03
CA GLY B 369 13.79 -7.82 -11.83
C GLY B 369 13.90 -7.37 -10.35
N ASN B 370 15.11 -7.41 -9.83
CA ASN B 370 15.43 -6.70 -8.59
C ASN B 370 16.16 -5.41 -8.99
N SER B 371 15.38 -4.41 -9.36
CA SER B 371 15.89 -3.11 -9.73
C SER B 371 15.86 -2.16 -8.54
N THR B 372 16.86 -1.29 -8.45
CA THR B 372 16.78 -0.25 -7.45
C THR B 372 15.72 0.80 -7.78
N ALA B 373 15.02 0.68 -8.91
CA ALA B 373 13.98 1.63 -9.25
C ALA B 373 12.68 1.35 -8.51
N ILE B 374 12.53 0.18 -7.89
CA ILE B 374 11.36 -0.11 -7.07
C ILE B 374 11.17 0.95 -5.99
N GLN B 375 12.23 1.68 -5.64
CA GLN B 375 12.03 2.73 -4.65
C GLN B 375 10.97 3.72 -5.11
N GLU B 376 10.93 4.00 -6.41
CA GLU B 376 9.91 4.90 -6.97
C GLU B 376 8.54 4.52 -6.42
N LEU B 377 8.31 3.21 -6.26
CA LEU B 377 7.05 2.73 -5.72
C LEU B 377 6.90 3.13 -4.25
N PHE B 378 7.90 2.81 -3.43
CA PHE B 378 7.81 3.15 -2.01
C PHE B 378 7.78 4.65 -1.80
N LYS B 379 8.50 5.41 -2.63
CA LYS B 379 8.43 6.87 -2.52
C LYS B 379 7.02 7.36 -2.76
N ARG B 380 6.34 6.76 -3.73
CA ARG B 380 4.98 7.16 -4.02
C ARG B 380 4.09 6.93 -2.82
N ILE B 381 4.16 5.71 -2.27
CA ILE B 381 3.33 5.38 -1.12
C ILE B 381 3.75 6.18 0.10
N SER B 382 5.04 6.51 0.22
CA SER B 382 5.44 7.33 1.36
C SER B 382 4.93 8.76 1.24
N GLU B 383 4.84 9.30 0.03
CA GLU B 383 4.29 10.64 -0.13
C GLU B 383 2.82 10.67 0.26
N GLN B 384 2.02 9.77 -0.33
CA GLN B 384 0.61 9.68 0.05
C GLN B 384 0.46 9.56 1.57
N PHE B 385 1.27 8.71 2.20
CA PHE B 385 1.17 8.49 3.64
C PHE B 385 1.35 9.78 4.43
N THR B 386 2.40 10.54 4.14
CA THR B 386 2.63 11.69 4.99
C THR B 386 1.75 12.85 4.60
N ALA B 387 1.14 12.82 3.42
CA ALA B 387 0.19 13.87 3.07
C ALA B 387 -0.91 13.93 4.13
N MET B 388 -1.32 12.77 4.61
CA MET B 388 -2.35 12.55 5.62
C MET B 388 -1.77 12.63 7.03
N PHE B 389 -0.66 11.93 7.28
CA PHE B 389 -0.13 11.79 8.63
C PHE B 389 0.32 13.11 9.22
N ARG B 390 0.81 14.05 8.39
CA ARG B 390 1.24 15.34 8.95
C ARG B 390 0.06 16.08 9.58
N ARG B 391 -1.15 15.60 9.35
CA ARG B 391 -2.36 16.15 9.92
C ARG B 391 -3.07 15.11 10.77
N LYS B 392 -2.45 13.97 11.00
CA LYS B 392 -3.04 12.90 11.79
C LYS B 392 -4.47 12.63 11.32
N ALA B 393 -4.66 12.69 10.01
CA ALA B 393 -5.97 12.46 9.42
C ALA B 393 -6.31 10.99 9.37
N PHE B 394 -7.56 10.67 9.68
CA PHE B 394 -8.11 9.31 9.71
C PHE B 394 -7.43 8.42 10.73
N LEU B 395 -6.53 8.97 11.55
CA LEU B 395 -5.80 8.13 12.50
C LEU B 395 -6.73 7.50 13.56
N HIS B 396 -7.84 8.17 13.89
CA HIS B 396 -8.72 7.65 14.93
C HIS B 396 -9.16 6.24 14.64
N TRP B 397 -9.32 5.90 13.35
CA TRP B 397 -9.72 4.54 13.01
C TRP B 397 -8.74 3.55 13.60
N TYR B 398 -7.48 3.96 13.78
CA TYR B 398 -6.41 3.10 14.28
C TYR B 398 -6.18 3.28 15.77
N THR B 399 -6.06 4.51 16.26
CA THR B 399 -5.96 4.71 17.69
C THR B 399 -7.09 4.00 18.42
N GLY B 400 -8.27 3.98 17.82
CA GLY B 400 -9.40 3.30 18.42
C GLY B 400 -9.24 1.81 18.58
N GLU B 401 -8.26 1.20 17.91
CA GLU B 401 -8.08 -0.23 18.04
C GLU B 401 -6.82 -0.57 18.80
N GLY B 402 -6.19 0.42 19.45
CA GLY B 402 -5.04 0.20 20.28
C GLY B 402 -3.77 0.87 19.78
N MET B 403 -3.69 1.14 18.48
CA MET B 403 -2.43 1.61 17.93
C MET B 403 -2.09 3.00 18.43
N ASP B 404 -0.81 3.31 18.34
CA ASP B 404 -0.21 4.54 18.84
C ASP B 404 0.36 5.28 17.65
N GLU B 405 0.32 6.62 17.70
CA GLU B 405 0.96 7.42 16.64
C GLU B 405 2.37 6.93 16.40
N MET B 406 3.05 6.53 17.48
CA MET B 406 4.44 6.12 17.41
C MET B 406 4.62 4.99 16.41
N GLU B 407 3.74 3.99 16.47
CA GLU B 407 3.86 2.87 15.55
C GLU B 407 3.83 3.33 14.10
N PHE B 408 3.10 4.42 13.83
CA PHE B 408 3.03 4.96 12.48
C PHE B 408 4.34 5.63 12.11
N THR B 409 4.92 6.39 13.03
CA THR B 409 6.21 7.03 12.77
C THR B 409 7.30 5.99 12.52
N GLU B 410 7.29 4.89 13.27
CA GLU B 410 8.28 3.84 13.06
C GLU B 410 8.16 3.25 11.65
N ALA B 411 6.95 2.84 11.25
CA ALA B 411 6.76 2.21 9.95
C ALA B 411 7.18 3.16 8.83
N GLU B 412 6.66 4.39 8.85
CA GLU B 412 7.05 5.39 7.87
C GLU B 412 8.56 5.46 7.76
N SER B 413 9.22 5.41 8.89
CA SER B 413 10.63 5.71 8.95
C SER B 413 11.42 4.51 8.43
N ASN B 414 10.95 3.30 8.76
CA ASN B 414 11.58 2.10 8.21
C ASN B 414 11.45 2.08 6.70
N MET B 415 10.35 2.64 6.17
CA MET B 415 10.17 2.67 4.73
C MET B 415 11.09 3.66 4.07
N ASN B 416 11.11 4.89 4.60
CA ASN B 416 12.05 5.88 4.08
C ASN B 416 13.48 5.37 4.13
N ASP B 417 13.82 4.60 5.18
CA ASP B 417 15.11 3.90 5.21
C ASP B 417 15.27 2.98 4.00
N LEU B 418 14.27 2.13 3.75
CA LEU B 418 14.34 1.21 2.61
C LEU B 418 14.62 1.95 1.31
N VAL B 419 14.00 3.12 1.13
CA VAL B 419 14.28 3.91 -0.07
C VAL B 419 15.74 4.37 -0.06
N SER B 420 16.25 4.76 1.10
CA SER B 420 17.65 5.14 1.18
C SER B 420 18.56 3.99 0.76
N GLU B 421 18.28 2.79 1.29
CA GLU B 421 19.08 1.63 0.93
C GLU B 421 19.04 1.39 -0.57
N TYR B 422 17.86 1.47 -1.19
CA TYR B 422 17.80 1.24 -2.63
C TYR B 422 18.58 2.31 -3.37
N GLN B 423 18.72 3.49 -2.77
CA GLN B 423 19.44 4.55 -3.45
C GLN B 423 20.94 4.38 -3.30
N GLN B 424 21.37 3.75 -2.21
CA GLN B 424 22.79 3.54 -1.98
C GLN B 424 23.44 2.81 -3.15
N TYR B 425 22.76 1.81 -3.70
CA TYR B 425 23.35 0.95 -4.72
C TYR B 425 23.04 1.39 -6.14
N GLN B 426 22.00 2.20 -6.33
CA GLN B 426 21.73 2.80 -7.63
C GLN B 426 22.85 3.72 -8.06
N ASP B 427 23.76 4.05 -7.14
CA ASP B 427 24.93 4.87 -7.40
C ASP B 427 26.25 4.09 -7.39
N ALA B 428 26.41 3.16 -6.44
CA ALA B 428 27.60 2.29 -6.33
C ALA B 428 28.11 1.79 -7.68
N MET C 1 -25.37 -11.73 8.15
CA MET C 1 -25.89 -11.00 9.29
C MET C 1 -25.73 -9.50 9.02
N ARG C 2 -25.10 -8.78 9.96
CA ARG C 2 -24.85 -7.34 9.83
C ARG C 2 -26.15 -6.54 9.94
N GLU C 3 -26.87 -6.77 11.03
CA GLU C 3 -28.19 -6.17 11.19
C GLU C 3 -28.07 -4.76 11.74
N CYS C 4 -28.97 -3.89 11.26
CA CYS C 4 -29.09 -2.53 11.77
C CYS C 4 -30.46 -2.38 12.43
N ILE C 5 -30.48 -1.83 13.63
CA ILE C 5 -31.73 -1.49 14.31
C ILE C 5 -31.96 0.01 14.14
N SER C 6 -33.18 0.39 13.75
CA SER C 6 -33.53 1.78 13.59
C SER C 6 -34.35 2.24 14.79
N ILE C 7 -34.00 3.41 15.33
CA ILE C 7 -34.74 4.00 16.44
C ILE C 7 -35.28 5.36 16.01
N HIS C 8 -36.61 5.50 16.07
CA HIS C 8 -37.35 6.67 15.61
C HIS C 8 -37.91 7.40 16.83
N VAL C 9 -37.45 8.62 17.05
CA VAL C 9 -37.70 9.34 18.31
C VAL C 9 -38.46 10.63 18.01
N GLY C 10 -39.59 10.82 18.71
CA GLY C 10 -40.38 12.03 18.60
C GLY C 10 -41.18 12.06 17.30
N GLN C 11 -41.91 13.16 17.12
CA GLN C 11 -42.79 13.25 15.97
C GLN C 11 -42.01 13.09 14.68
N ALA C 12 -41.03 13.95 14.43
CA ALA C 12 -40.35 13.95 13.14
C ALA C 12 -39.71 12.60 12.88
N GLY C 13 -39.04 12.05 13.90
CA GLY C 13 -38.42 10.75 13.76
C GLY C 13 -39.42 9.66 13.45
N VAL C 14 -40.56 9.66 14.12
CA VAL C 14 -41.55 8.61 13.92
C VAL C 14 -42.18 8.71 12.53
N GLN C 15 -42.61 9.92 12.13
CA GLN C 15 -43.22 10.09 10.82
C GLN C 15 -42.22 9.83 9.70
N ILE C 16 -40.96 10.21 9.88
CA ILE C 16 -39.99 9.88 8.84
C ILE C 16 -39.77 8.37 8.79
N GLY C 17 -39.88 7.68 9.93
CA GLY C 17 -39.85 6.23 9.91
C GLY C 17 -41.00 5.64 9.11
N ASN C 18 -42.19 6.22 9.24
CA ASN C 18 -43.29 5.78 8.40
C ASN C 18 -42.91 5.85 6.93
N ALA C 19 -42.53 7.06 6.47
CA ALA C 19 -42.06 7.21 5.10
C ALA C 19 -41.04 6.14 4.73
N CYS C 20 -39.98 6.01 5.56
CA CYS C 20 -38.88 5.10 5.22
C CYS C 20 -39.32 3.65 5.16
N TRP C 21 -40.08 3.20 6.16
CA TRP C 21 -40.44 1.77 6.18
C TRP C 21 -41.51 1.44 5.16
N GLU C 22 -42.36 2.40 4.79
CA GLU C 22 -43.25 2.14 3.65
C GLU C 22 -42.44 2.00 2.36
N LEU C 23 -41.41 2.84 2.21
CA LEU C 23 -40.58 2.77 1.00
C LEU C 23 -39.79 1.46 0.95
N TYR C 24 -39.12 1.09 2.06
CA TYR C 24 -38.39 -0.18 2.11
C TYR C 24 -39.27 -1.33 1.65
N CYS C 25 -40.48 -1.44 2.23
CA CYS C 25 -41.42 -2.49 1.82
C CYS C 25 -41.64 -2.47 0.32
N LEU C 26 -41.89 -1.28 -0.25
CA LEU C 26 -42.08 -1.22 -1.70
C LEU C 26 -40.81 -1.60 -2.44
N GLU C 27 -39.65 -1.36 -1.86
CA GLU C 27 -38.42 -1.75 -2.53
C GLU C 27 -38.22 -3.26 -2.47
N HIS C 28 -38.58 -3.88 -1.36
CA HIS C 28 -38.28 -5.30 -1.22
C HIS C 28 -39.47 -6.19 -1.54
N GLY C 29 -40.58 -5.62 -1.99
CA GLY C 29 -41.77 -6.41 -2.26
C GLY C 29 -42.42 -6.99 -1.03
N ILE C 30 -42.33 -6.32 0.10
CA ILE C 30 -43.05 -6.76 1.30
C ILE C 30 -44.41 -6.08 1.31
N GLN C 31 -45.46 -6.85 1.64
CA GLN C 31 -46.81 -6.34 1.73
C GLN C 31 -47.08 -5.76 3.11
N PRO C 32 -48.14 -4.97 3.25
CA PRO C 32 -48.44 -4.35 4.56
C PRO C 32 -48.70 -5.36 5.66
N ASP C 33 -48.98 -6.61 5.33
CA ASP C 33 -49.10 -7.64 6.36
C ASP C 33 -47.78 -8.37 6.61
N GLY C 34 -46.66 -7.84 6.10
CA GLY C 34 -45.36 -8.42 6.38
C GLY C 34 -44.96 -9.60 5.51
N GLN C 35 -45.82 -10.09 4.65
CA GLN C 35 -45.47 -11.24 3.83
C GLN C 35 -44.69 -10.78 2.59
N MET C 36 -43.79 -11.67 2.13
CA MET C 36 -42.88 -11.39 1.01
C MET C 36 -42.82 -12.60 0.07
N PRO C 37 -43.68 -12.65 -0.96
CA PRO C 37 -43.73 -13.88 -1.80
C PRO C 37 -42.39 -14.40 -2.29
N SER C 38 -41.43 -13.51 -2.60
CA SER C 38 -40.15 -13.95 -3.16
C SER C 38 -39.27 -14.63 -2.13
N ASP C 39 -39.34 -14.24 -0.85
CA ASP C 39 -38.53 -14.94 0.15
C ASP C 39 -39.01 -16.37 0.30
N LYS C 40 -38.28 -17.32 -0.26
CA LYS C 40 -38.60 -18.72 -0.02
C LYS C 40 -37.97 -19.26 1.26
N THR C 41 -36.93 -18.61 1.80
CA THR C 41 -36.36 -19.01 3.09
C THR C 41 -37.30 -18.55 4.20
N ILE C 42 -38.16 -19.46 4.63
CA ILE C 42 -39.24 -19.15 5.55
C ILE C 42 -38.73 -19.15 6.97
N GLY C 43 -39.16 -18.15 7.75
CA GLY C 43 -38.72 -18.01 9.13
C GLY C 43 -37.34 -17.41 9.31
N GLY C 44 -36.53 -17.36 8.23
CA GLY C 44 -35.21 -16.71 8.25
C GLY C 44 -34.50 -16.54 6.92
N GLY C 45 -33.17 -16.54 6.99
CA GLY C 45 -32.28 -16.29 5.87
C GLY C 45 -31.21 -15.27 6.21
N ASP C 46 -30.17 -15.16 5.37
CA ASP C 46 -29.15 -14.12 5.52
C ASP C 46 -29.08 -13.22 4.29
N ASP C 47 -30.18 -13.13 3.56
CA ASP C 47 -30.26 -12.23 2.42
C ASP C 47 -30.03 -10.79 2.88
N SER C 48 -29.75 -9.92 1.91
CA SER C 48 -29.37 -8.56 2.25
C SER C 48 -30.48 -7.84 2.99
N PHE C 49 -31.75 -8.01 2.55
CA PHE C 49 -32.85 -7.29 3.20
C PHE C 49 -33.02 -7.71 4.65
N ASN C 50 -32.44 -8.83 5.05
CA ASN C 50 -32.54 -9.25 6.45
C ASN C 50 -31.74 -8.33 7.39
N THR C 51 -30.89 -7.46 6.85
CA THR C 51 -30.20 -6.53 7.72
C THR C 51 -31.18 -5.53 8.34
N PHE C 52 -32.30 -5.28 7.67
CA PHE C 52 -33.34 -4.39 8.17
C PHE C 52 -34.64 -5.08 8.59
N PHE C 53 -34.86 -6.33 8.19
CA PHE C 53 -36.10 -7.04 8.50
C PHE C 53 -35.77 -8.40 9.09
N SER C 54 -36.38 -8.72 10.25
CA SER C 54 -36.41 -10.12 10.69
C SER C 54 -37.66 -10.81 10.14
N GLU C 55 -37.63 -12.15 10.17
CA GLU C 55 -38.70 -12.99 9.62
C GLU C 55 -39.29 -13.83 10.73
N THR C 56 -40.63 -13.86 10.84
CA THR C 56 -41.25 -14.83 11.75
C THR C 56 -41.41 -16.17 11.05
N GLY C 57 -41.63 -17.22 11.88
CA GLY C 57 -41.92 -18.54 11.34
C GLY C 57 -43.16 -18.55 10.44
N ALA C 58 -44.11 -17.65 10.72
CA ALA C 58 -45.34 -17.51 9.95
C ALA C 58 -45.16 -16.70 8.67
N GLY C 59 -43.93 -16.31 8.34
CA GLY C 59 -43.65 -15.64 7.10
C GLY C 59 -43.67 -14.12 7.13
N LYS C 60 -43.87 -13.52 8.30
CA LYS C 60 -43.90 -12.07 8.39
C LYS C 60 -42.47 -11.51 8.48
N HIS C 61 -42.19 -10.47 7.70
CA HIS C 61 -40.94 -9.72 7.81
C HIS C 61 -41.23 -8.47 8.62
N VAL C 62 -40.48 -8.31 9.70
CA VAL C 62 -40.76 -7.32 10.72
C VAL C 62 -39.61 -6.33 10.79
N PRO C 63 -39.85 -5.04 10.62
CA PRO C 63 -38.79 -4.04 10.77
C PRO C 63 -38.03 -4.25 12.08
N ARG C 64 -36.70 -4.26 11.98
CA ARG C 64 -35.83 -4.13 13.14
C ARG C 64 -35.80 -2.67 13.58
N ALA C 65 -36.93 -2.21 14.11
CA ALA C 65 -37.12 -0.81 14.40
C ALA C 65 -37.88 -0.65 15.71
N VAL C 66 -37.78 0.54 16.27
CA VAL C 66 -38.44 0.90 17.51
C VAL C 66 -38.85 2.37 17.41
N PHE C 67 -40.14 2.65 17.58
CA PHE C 67 -40.65 4.01 17.60
C PHE C 67 -40.88 4.39 19.05
N VAL C 68 -40.39 5.56 19.43
CA VAL C 68 -40.52 6.09 20.77
C VAL C 68 -41.00 7.52 20.64
N ASP C 69 -42.10 7.84 21.30
CA ASP C 69 -42.49 9.24 21.44
C ASP C 69 -43.05 9.42 22.83
N LEU C 70 -42.75 10.56 23.44
CA LEU C 70 -43.22 10.85 24.78
C LEU C 70 -44.74 11.05 24.88
N GLU C 71 -45.44 11.16 23.77
CA GLU C 71 -46.89 11.16 23.73
C GLU C 71 -47.38 10.21 22.67
N PRO C 72 -48.71 9.96 22.62
CA PRO C 72 -49.22 8.86 21.81
C PRO C 72 -49.86 9.26 20.48
N THR C 73 -50.21 10.53 20.31
CA THR C 73 -50.78 10.98 19.04
C THR C 73 -50.11 10.34 17.83
N VAL C 74 -48.82 10.63 17.64
CA VAL C 74 -48.17 10.29 16.38
C VAL C 74 -47.99 8.78 16.26
N ILE C 75 -47.69 8.09 17.35
CA ILE C 75 -47.52 6.65 17.21
C ILE C 75 -48.85 5.89 17.14
N ASP C 76 -49.93 6.46 17.68
CA ASP C 76 -51.25 5.86 17.48
C ASP C 76 -51.62 5.79 15.99
N GLU C 77 -51.15 6.75 15.19
CA GLU C 77 -51.42 6.70 13.76
C GLU C 77 -50.75 5.48 13.14
N VAL C 78 -49.53 5.15 13.56
CA VAL C 78 -48.91 3.90 13.14
C VAL C 78 -49.76 2.71 13.58
N ARG C 79 -50.11 2.67 14.88
CA ARG C 79 -50.83 1.52 15.43
C ARG C 79 -52.11 1.21 14.66
N THR C 80 -52.67 2.19 13.94
CA THR C 80 -53.92 1.97 13.21
C THR C 80 -53.80 2.16 11.70
N GLY C 81 -52.64 2.58 11.20
CA GLY C 81 -52.48 2.92 9.81
C GLY C 81 -52.29 1.70 8.91
N THR C 82 -51.91 1.99 7.66
CA THR C 82 -51.85 0.93 6.66
C THR C 82 -50.88 -0.17 7.06
N TYR C 83 -49.80 0.18 7.77
CA TYR C 83 -48.75 -0.77 8.10
C TYR C 83 -48.78 -1.18 9.56
N ARG C 84 -49.91 -0.95 10.24
CA ARG C 84 -50.07 -1.43 11.61
C ARG C 84 -49.65 -2.90 11.76
N GLN C 85 -49.93 -3.71 10.73
CA GLN C 85 -49.62 -5.13 10.85
C GLN C 85 -48.14 -5.44 10.80
N LEU C 86 -47.31 -4.48 10.37
CA LEU C 86 -45.89 -4.75 10.20
C LEU C 86 -45.19 -4.87 11.54
N PHE C 87 -45.64 -4.10 12.53
CA PHE C 87 -44.91 -3.92 13.78
C PHE C 87 -45.59 -4.69 14.91
N HIS C 88 -44.81 -5.46 15.64
CA HIS C 88 -45.25 -5.98 16.91
C HIS C 88 -45.49 -4.82 17.88
N PRO C 89 -46.55 -4.88 18.67
CA PRO C 89 -46.87 -3.74 19.54
C PRO C 89 -45.72 -3.30 20.41
N GLU C 90 -44.91 -4.24 20.90
CA GLU C 90 -43.80 -3.90 21.79
C GLU C 90 -42.82 -2.92 21.14
N GLN C 91 -42.79 -2.88 19.81
CA GLN C 91 -41.92 -1.99 19.05
C GLN C 91 -42.38 -0.55 19.09
N LEU C 92 -43.65 -0.27 19.46
CA LEU C 92 -44.24 1.06 19.43
C LEU C 92 -44.49 1.55 20.85
N ILE C 93 -43.67 2.49 21.31
CA ILE C 93 -43.54 2.85 22.71
C ILE C 93 -43.93 4.32 22.87
N THR C 94 -45.02 4.57 23.59
CA THR C 94 -45.50 5.92 23.81
C THR C 94 -45.66 6.17 25.30
N GLY C 95 -45.52 7.44 25.70
CA GLY C 95 -45.94 7.93 26.99
C GLY C 95 -47.25 8.69 26.91
N LYS C 96 -47.45 9.58 27.89
CA LYS C 96 -48.71 10.27 28.11
C LYS C 96 -48.60 11.77 27.93
N GLU C 97 -47.47 12.34 28.35
CA GLU C 97 -47.17 13.76 28.30
C GLU C 97 -45.93 13.90 27.42
N ASP C 98 -45.93 14.86 26.50
CA ASP C 98 -44.73 14.96 25.67
C ASP C 98 -43.70 15.86 26.37
N ALA C 99 -42.68 16.31 25.65
CA ALA C 99 -41.63 17.09 26.29
C ALA C 99 -41.94 18.57 26.28
N ALA C 100 -43.13 18.93 25.76
CA ALA C 100 -43.55 20.32 25.58
C ALA C 100 -42.42 21.18 25.01
N ASN C 101 -41.80 20.71 23.92
CA ASN C 101 -40.73 21.42 23.24
C ASN C 101 -39.56 21.78 24.17
N ASN C 102 -39.34 21.01 25.22
CA ASN C 102 -38.31 21.32 26.21
C ASN C 102 -37.28 20.20 26.27
N TYR C 103 -36.02 20.51 25.91
CA TYR C 103 -34.97 19.51 25.99
C TYR C 103 -34.91 18.88 27.37
N ALA C 104 -35.09 19.68 28.42
CA ALA C 104 -34.95 19.18 29.78
C ALA C 104 -36.00 18.12 30.08
N ARG C 105 -37.26 18.40 29.77
CA ARG C 105 -38.30 17.40 30.01
C ARG C 105 -38.04 16.16 29.20
N GLY C 106 -37.55 16.33 27.97
CA GLY C 106 -37.23 15.18 27.14
C GLY C 106 -36.09 14.36 27.73
N HIS C 107 -35.03 15.04 28.17
CA HIS C 107 -33.84 14.35 28.67
C HIS C 107 -34.01 13.86 30.11
N TYR C 108 -34.51 14.72 31.00
CA TYR C 108 -34.62 14.37 32.41
C TYR C 108 -36.06 14.07 32.81
N THR C 109 -36.85 15.11 33.10
CA THR C 109 -38.17 14.98 33.70
C THR C 109 -39.01 13.87 33.10
N ILE C 110 -39.65 14.13 31.97
CA ILE C 110 -40.50 13.09 31.40
C ILE C 110 -39.68 11.90 30.90
N GLY C 111 -38.46 12.13 30.42
CA GLY C 111 -37.74 11.08 29.71
C GLY C 111 -37.14 10.03 30.60
N LYS C 112 -36.70 10.40 31.80
CA LYS C 112 -36.27 9.38 32.75
C LYS C 112 -37.38 8.37 33.05
N GLU C 113 -38.63 8.73 32.80
CA GLU C 113 -39.70 7.81 33.13
C GLU C 113 -39.81 6.63 32.17
N ILE C 114 -39.21 6.70 30.97
CA ILE C 114 -39.48 5.68 29.96
C ILE C 114 -38.19 5.05 29.40
N ILE C 115 -37.02 5.64 29.70
CA ILE C 115 -35.77 5.18 29.11
C ILE C 115 -35.55 3.70 29.35
N ASP C 116 -35.73 3.22 30.58
CA ASP C 116 -35.46 1.81 30.81
C ASP C 116 -36.37 0.94 29.96
N LEU C 117 -37.65 1.27 29.88
CA LEU C 117 -38.53 0.49 29.01
C LEU C 117 -38.02 0.50 27.58
N VAL C 118 -37.58 1.66 27.09
CA VAL C 118 -37.08 1.74 25.72
C VAL C 118 -35.84 0.85 25.57
N LEU C 119 -34.83 1.04 26.43
CA LEU C 119 -33.63 0.22 26.29
C LEU C 119 -33.94 -1.27 26.36
N ASP C 120 -34.92 -1.66 27.19
CA ASP C 120 -35.35 -3.06 27.25
C ASP C 120 -35.92 -3.52 25.91
N ARG C 121 -36.73 -2.69 25.27
CA ARG C 121 -37.20 -3.06 23.94
C ARG C 121 -36.06 -3.13 22.94
N ILE C 122 -35.13 -2.16 22.97
CA ILE C 122 -34.01 -2.21 22.06
C ILE C 122 -33.23 -3.49 22.27
N ARG C 123 -33.01 -3.85 23.53
CA ARG C 123 -32.31 -5.09 23.85
C ARG C 123 -33.02 -6.30 23.24
N LYS C 124 -34.35 -6.35 23.33
CA LYS C 124 -35.07 -7.50 22.77
C LYS C 124 -34.84 -7.60 21.27
N LEU C 125 -34.58 -6.47 20.60
CA LEU C 125 -34.22 -6.51 19.18
C LEU C 125 -32.77 -6.96 18.99
N ALA C 126 -31.84 -6.36 19.74
CA ALA C 126 -30.44 -6.74 19.60
C ALA C 126 -30.27 -8.23 19.81
N ASP C 127 -31.06 -8.83 20.70
CA ASP C 127 -30.89 -10.24 21.03
C ASP C 127 -31.33 -11.16 19.91
N GLN C 128 -32.12 -10.67 18.95
CA GLN C 128 -32.43 -11.45 17.77
C GLN C 128 -31.32 -11.43 16.72
N CYS C 129 -30.22 -10.72 16.98
CA CYS C 129 -29.23 -10.39 15.97
C CYS C 129 -28.05 -11.33 16.08
N THR C 130 -27.71 -11.99 14.96
CA THR C 130 -26.55 -12.87 14.94
C THR C 130 -25.25 -12.08 14.82
N GLY C 131 -25.28 -10.86 14.27
CA GLY C 131 -24.10 -10.02 14.16
C GLY C 131 -24.41 -8.53 14.04
N LEU C 132 -24.97 -7.96 15.10
CA LEU C 132 -25.49 -6.60 15.07
C LEU C 132 -24.40 -5.58 14.74
N GLN C 133 -24.68 -4.71 13.77
CA GLN C 133 -23.73 -3.72 13.26
C GLN C 133 -23.84 -2.39 13.98
N GLY C 134 -25.05 -1.90 14.23
CA GLY C 134 -25.19 -0.61 14.83
C GLY C 134 -26.63 -0.14 14.73
N PHE C 135 -26.83 1.11 15.13
CA PHE C 135 -28.14 1.73 15.27
C PHE C 135 -28.29 2.90 14.30
N LEU C 136 -29.54 3.15 13.88
CA LEU C 136 -29.89 4.28 13.04
C LEU C 136 -30.98 5.07 13.75
N VAL C 137 -30.63 6.27 14.23
CA VAL C 137 -31.43 7.06 15.15
C VAL C 137 -31.99 8.26 14.39
N PHE C 138 -33.31 8.29 14.20
CA PHE C 138 -33.99 9.37 13.49
C PHE C 138 -34.71 10.25 14.51
N HIS C 139 -34.51 11.55 14.41
CA HIS C 139 -35.03 12.44 15.43
C HIS C 139 -34.86 13.85 14.91
N SER C 140 -35.62 14.77 15.48
CA SER C 140 -35.47 16.18 15.18
C SER C 140 -34.51 16.83 16.19
N PHE C 141 -33.80 17.86 15.72
CA PHE C 141 -33.09 18.79 16.60
C PHE C 141 -34.06 19.61 17.43
N GLY C 142 -35.21 19.95 16.87
CA GLY C 142 -36.04 21.01 17.40
C GLY C 142 -36.96 20.62 18.53
N GLY C 143 -37.59 19.44 18.45
CA GLY C 143 -38.54 19.06 19.45
C GLY C 143 -37.89 18.75 20.78
N GLY C 144 -38.70 18.77 21.84
CA GLY C 144 -38.19 18.42 23.15
C GLY C 144 -37.89 16.94 23.30
N THR C 145 -38.69 16.08 22.67
CA THR C 145 -38.41 14.65 22.66
C THR C 145 -37.26 14.34 21.70
N GLY C 146 -37.41 14.72 20.44
CA GLY C 146 -36.37 14.67 19.43
C GLY C 146 -34.99 14.99 19.92
N SER C 147 -34.85 16.03 20.74
CA SER C 147 -33.54 16.50 21.23
C SER C 147 -33.16 15.93 22.59
N GLY C 148 -33.98 16.19 23.62
CA GLY C 148 -33.64 15.70 24.95
C GLY C 148 -33.68 14.18 25.08
N PHE C 149 -34.68 13.52 24.52
CA PHE C 149 -34.74 12.09 24.75
C PHE C 149 -33.70 11.36 23.91
N THR C 150 -33.61 11.70 22.62
CA THR C 150 -32.54 11.17 21.79
C THR C 150 -31.19 11.16 22.51
N SER C 151 -30.80 12.29 23.10
CA SER C 151 -29.46 12.36 23.67
C SER C 151 -29.35 11.49 24.91
N LEU C 152 -30.39 11.48 25.78
CA LEU C 152 -30.45 10.50 26.86
C LEU C 152 -30.25 9.08 26.34
N LEU C 153 -31.02 8.71 25.31
CA LEU C 153 -30.88 7.38 24.72
C LEU C 153 -29.48 7.13 24.18
N MET C 154 -28.88 8.14 23.52
CA MET C 154 -27.55 7.97 22.94
C MET C 154 -26.52 7.68 24.03
N GLU C 155 -26.51 8.50 25.09
CA GLU C 155 -25.67 8.26 26.25
C GLU C 155 -25.84 6.82 26.74
N ARG C 156 -27.11 6.38 26.85
CA ARG C 156 -27.36 5.05 27.38
C ARG C 156 -26.94 3.98 26.40
N LEU C 157 -27.13 4.22 25.09
CA LEU C 157 -26.69 3.23 24.11
C LEU C 157 -25.18 3.03 24.17
N SER C 158 -24.43 4.12 24.37
CA SER C 158 -22.98 4.00 24.54
C SER C 158 -22.63 3.12 25.72
N VAL C 159 -23.47 3.12 26.75
CA VAL C 159 -23.14 2.34 27.93
C VAL C 159 -23.44 0.86 27.68
N ASP C 160 -24.60 0.56 27.10
CA ASP C 160 -25.01 -0.82 26.88
C ASP C 160 -24.39 -1.42 25.63
N TYR C 161 -23.96 -0.61 24.67
CA TYR C 161 -23.41 -1.20 23.46
C TYR C 161 -22.02 -0.66 23.15
N GLY C 162 -21.33 -0.12 24.14
CA GLY C 162 -19.93 0.22 23.97
C GLY C 162 -19.75 1.00 22.70
N LYS C 163 -18.77 0.61 21.90
CA LYS C 163 -18.40 1.42 20.75
C LYS C 163 -19.24 1.11 19.50
N LYS C 164 -20.08 0.06 19.57
CA LYS C 164 -21.04 -0.29 18.51
C LYS C 164 -21.69 0.94 17.88
N SER C 165 -21.78 0.94 16.54
CA SER C 165 -21.99 2.14 15.73
C SER C 165 -23.36 2.77 15.90
N LYS C 166 -23.38 4.09 16.06
CA LYS C 166 -24.60 4.87 16.14
C LYS C 166 -24.55 5.97 15.08
N LEU C 167 -25.39 5.83 14.04
CA LEU C 167 -25.61 6.84 13.02
C LEU C 167 -26.89 7.61 13.29
N GLU C 168 -26.90 8.87 12.89
CA GLU C 168 -28.01 9.79 13.12
C GLU C 168 -28.56 10.30 11.79
N PHE C 169 -29.89 10.36 11.70
CA PHE C 169 -30.60 11.19 10.74
C PHE C 169 -31.32 12.25 11.55
N SER C 170 -30.86 13.51 11.45
CA SER C 170 -31.27 14.59 12.32
C SER C 170 -31.95 15.70 11.54
N ILE C 171 -33.15 16.10 11.97
CA ILE C 171 -33.90 17.17 11.31
C ILE C 171 -33.47 18.50 11.92
N TYR C 172 -32.81 19.31 11.11
CA TYR C 172 -32.30 20.63 11.45
C TYR C 172 -33.41 21.66 11.21
N PRO C 173 -33.64 22.55 12.16
CA PRO C 173 -34.89 23.32 12.16
C PRO C 173 -34.88 24.43 11.13
N ALA C 174 -36.07 24.65 10.54
CA ALA C 174 -36.30 25.70 9.56
C ALA C 174 -37.48 26.56 9.99
N PRO C 175 -37.36 27.90 9.91
CA PRO C 175 -38.51 28.78 10.18
C PRO C 175 -39.80 28.43 9.44
N GLN C 176 -39.72 28.02 8.17
CA GLN C 176 -40.91 27.69 7.38
C GLN C 176 -41.75 26.59 7.99
N VAL C 177 -41.18 25.71 8.82
CA VAL C 177 -41.95 24.64 9.44
C VAL C 177 -41.74 24.55 10.93
N SER C 178 -40.88 25.40 11.51
CA SER C 178 -40.62 25.36 12.95
C SER C 178 -41.90 25.18 13.75
N THR C 179 -41.79 24.58 14.93
CA THR C 179 -42.92 24.51 15.87
C THR C 179 -42.64 25.29 17.15
N ALA C 180 -41.46 25.90 17.32
CA ALA C 180 -41.12 26.42 18.63
C ALA C 180 -40.04 27.49 18.51
N VAL C 181 -40.21 28.59 19.24
CA VAL C 181 -39.16 29.59 19.25
C VAL C 181 -37.90 29.08 19.90
N VAL C 182 -37.99 27.96 20.65
CA VAL C 182 -36.87 27.51 21.47
C VAL C 182 -36.06 26.46 20.72
N GLU C 183 -36.42 26.18 19.47
CA GLU C 183 -35.71 25.13 18.75
C GLU C 183 -34.20 25.37 18.66
N PRO C 184 -33.68 26.60 18.66
CA PRO C 184 -32.21 26.74 18.70
C PRO C 184 -31.59 26.21 19.99
N TYR C 185 -32.20 26.48 21.15
CA TYR C 185 -31.72 25.95 22.42
C TYR C 185 -31.69 24.43 22.41
N ASN C 186 -32.83 23.81 22.13
CA ASN C 186 -32.83 22.35 22.08
C ASN C 186 -31.77 21.85 21.12
N SER C 187 -31.56 22.58 20.01
CA SER C 187 -30.63 22.15 18.97
C SER C 187 -29.20 22.09 19.48
N ILE C 188 -28.74 23.16 20.12
CA ILE C 188 -27.37 23.20 20.63
C ILE C 188 -27.17 22.18 21.73
N LEU C 189 -28.16 22.03 22.61
CA LEU C 189 -28.01 21.11 23.73
C LEU C 189 -27.84 19.68 23.23
N THR C 190 -28.72 19.24 22.32
CA THR C 190 -28.63 17.85 21.87
C THR C 190 -27.39 17.62 20.99
N THR C 191 -27.02 18.61 20.18
CA THR C 191 -25.81 18.48 19.39
C THR C 191 -24.59 18.30 20.29
N HIS C 192 -24.53 19.07 21.38
CA HIS C 192 -23.42 18.94 22.33
C HIS C 192 -23.48 17.61 23.05
N THR C 193 -24.63 17.29 23.63
CA THR C 193 -24.76 16.07 24.43
C THR C 193 -24.53 14.79 23.61
N THR C 194 -24.65 14.86 22.30
CA THR C 194 -24.59 13.68 21.47
C THR C 194 -23.27 13.54 20.73
N LEU C 195 -22.54 14.65 20.56
CA LEU C 195 -21.37 14.68 19.69
C LEU C 195 -20.41 13.51 19.98
N GLU C 196 -20.14 13.23 21.26
CA GLU C 196 -19.29 12.11 21.68
C GLU C 196 -19.89 10.74 21.40
N HIS C 197 -21.21 10.64 21.21
CA HIS C 197 -21.85 9.33 21.15
C HIS C 197 -22.30 8.96 19.76
N SER C 198 -22.12 9.83 18.78
CA SER C 198 -22.48 9.53 17.41
C SER C 198 -21.21 9.39 16.58
N ASP C 199 -21.22 8.42 15.66
CA ASP C 199 -20.12 8.13 14.74
C ASP C 199 -20.28 8.81 13.39
N CYS C 200 -21.52 9.04 12.98
CA CYS C 200 -21.82 9.69 11.71
C CYS C 200 -23.25 10.19 11.77
N ALA C 201 -23.45 11.45 11.42
CA ALA C 201 -24.76 12.08 11.48
C ALA C 201 -25.07 12.82 10.18
N PHE C 202 -26.15 12.40 9.50
CA PHE C 202 -26.63 13.03 8.28
C PHE C 202 -27.74 14.02 8.66
N MET C 203 -27.45 15.33 8.52
CA MET C 203 -28.39 16.42 8.81
C MET C 203 -29.29 16.73 7.63
N VAL C 204 -30.57 16.96 7.90
CA VAL C 204 -31.53 17.36 6.89
C VAL C 204 -32.09 18.71 7.31
N ASP C 205 -31.87 19.72 6.48
CA ASP C 205 -32.31 21.08 6.74
C ASP C 205 -33.73 21.22 6.21
N ASN C 206 -34.69 21.46 7.11
CA ASN C 206 -36.09 21.50 6.67
C ASN C 206 -36.32 22.53 5.58
N GLU C 207 -35.60 23.65 5.61
CA GLU C 207 -35.75 24.66 4.55
C GLU C 207 -35.17 24.17 3.22
N ALA C 208 -34.07 23.41 3.26
CA ALA C 208 -33.56 22.80 2.03
C ALA C 208 -34.61 21.88 1.42
N ILE C 209 -35.17 20.97 2.22
CA ILE C 209 -36.20 20.07 1.73
C ILE C 209 -37.45 20.85 1.31
N TYR C 210 -37.81 21.90 2.05
CA TYR C 210 -38.97 22.70 1.68
C TYR C 210 -38.75 23.36 0.33
N ASP C 211 -37.57 23.96 0.14
CA ASP C 211 -37.31 24.64 -1.13
C ASP C 211 -37.33 23.65 -2.28
N ILE C 212 -36.68 22.50 -2.10
CA ILE C 212 -36.61 21.50 -3.17
C ILE C 212 -38.02 21.06 -3.60
N CYS C 213 -38.90 20.81 -2.63
CA CYS C 213 -40.29 20.48 -2.97
C CYS C 213 -40.96 21.61 -3.74
N ARG C 214 -40.77 22.85 -3.28
CA ARG C 214 -41.41 23.98 -3.93
C ARG C 214 -40.88 24.15 -5.35
N ARG C 215 -39.57 24.09 -5.53
CA ARG C 215 -38.97 24.31 -6.84
C ARG C 215 -39.24 23.13 -7.78
N ASN C 216 -38.93 21.91 -7.34
CA ASN C 216 -38.81 20.78 -8.27
C ASN C 216 -40.08 19.95 -8.39
N LEU C 217 -41.08 20.19 -7.56
CA LEU C 217 -42.28 19.36 -7.60
C LEU C 217 -43.53 20.24 -7.60
N ASP C 218 -43.40 21.49 -8.06
CA ASP C 218 -43.99 22.65 -7.41
C ASP C 218 -45.21 22.32 -6.56
N ILE C 219 -44.94 21.96 -5.31
CA ILE C 219 -45.91 22.01 -4.24
C ILE C 219 -45.88 23.41 -3.66
N GLU C 220 -47.01 24.14 -3.77
CA GLU C 220 -47.06 25.51 -3.27
C GLU C 220 -46.63 25.60 -1.81
N ARG C 221 -47.25 24.78 -0.95
CA ARG C 221 -46.96 24.78 0.49
C ARG C 221 -46.78 23.33 0.92
N PRO C 222 -45.57 22.78 0.74
CA PRO C 222 -45.36 21.35 1.00
C PRO C 222 -45.70 20.99 2.44
N THR C 223 -46.11 19.74 2.64
CA THR C 223 -46.46 19.24 3.95
C THR C 223 -45.32 18.40 4.52
N TYR C 224 -45.48 17.98 5.78
CA TYR C 224 -44.57 16.96 6.29
C TYR C 224 -44.63 15.71 5.44
N THR C 225 -45.81 15.39 4.89
CA THR C 225 -45.89 14.21 4.05
C THR C 225 -45.14 14.40 2.74
N ASN C 226 -45.14 15.63 2.21
CA ASN C 226 -44.31 15.98 1.05
C ASN C 226 -42.83 15.87 1.37
N LEU C 227 -42.39 16.50 2.47
CA LEU C 227 -40.99 16.48 2.89
C LEU C 227 -40.51 15.08 3.19
N ASN C 228 -41.32 14.31 3.94
CA ASN C 228 -40.85 13.02 4.42
C ASN C 228 -40.64 12.06 3.27
N ARG C 229 -41.48 12.18 2.23
CA ARG C 229 -41.38 11.24 1.14
C ARG C 229 -40.10 11.49 0.35
N LEU C 230 -39.63 12.73 0.34
CA LEU C 230 -38.35 13.00 -0.30
C LEU C 230 -37.20 12.59 0.62
N ILE C 231 -37.30 12.89 1.91
CA ILE C 231 -36.29 12.42 2.86
C ILE C 231 -36.10 10.91 2.73
N SER C 232 -37.21 10.19 2.68
CA SER C 232 -37.06 8.74 2.69
C SER C 232 -36.26 8.26 1.49
N GLN C 233 -36.35 8.96 0.35
CA GLN C 233 -35.58 8.56 -0.82
C GLN C 233 -34.09 8.70 -0.56
N ILE C 234 -33.70 9.78 0.10
CA ILE C 234 -32.29 9.97 0.45
C ILE C 234 -31.86 8.96 1.51
N VAL C 235 -32.69 8.72 2.52
CA VAL C 235 -32.40 7.66 3.47
C VAL C 235 -32.27 6.32 2.75
N SER C 236 -33.14 6.07 1.78
CA SER C 236 -33.09 4.79 1.10
C SER C 236 -31.80 4.63 0.31
N SER C 237 -31.31 5.71 -0.31
CA SER C 237 -30.04 5.62 -1.03
C SER C 237 -28.89 5.31 -0.09
N ILE C 238 -28.87 5.91 1.10
CA ILE C 238 -27.75 5.66 2.00
C ILE C 238 -27.78 4.22 2.51
N THR C 239 -28.95 3.67 2.73
CA THR C 239 -29.05 2.33 3.27
C THR C 239 -29.09 1.26 2.18
N ALA C 240 -29.28 1.65 0.93
CA ALA C 240 -29.42 0.68 -0.15
C ALA C 240 -28.25 -0.28 -0.16
N SER C 241 -27.06 0.20 0.17
CA SER C 241 -25.86 -0.65 0.23
C SER C 241 -25.96 -1.72 1.30
N LEU C 242 -26.76 -1.51 2.35
CA LEU C 242 -26.92 -2.55 3.36
C LEU C 242 -28.05 -3.52 3.05
N ARG C 243 -29.07 -3.07 2.35
CA ARG C 243 -30.25 -3.89 2.13
C ARG C 243 -30.19 -4.67 0.82
N PHE C 244 -29.38 -4.22 -0.12
CA PHE C 244 -29.31 -4.84 -1.42
C PHE C 244 -27.92 -5.44 -1.67
N ASP C 245 -27.93 -6.49 -2.44
CA ASP C 245 -26.69 -7.10 -2.88
C ASP C 245 -26.18 -6.34 -4.10
N GLY C 246 -24.95 -6.64 -4.48
CA GLY C 246 -24.43 -5.97 -5.65
C GLY C 246 -22.95 -6.13 -5.90
N ALA C 247 -22.61 -6.52 -7.13
CA ALA C 247 -21.22 -6.57 -7.54
C ALA C 247 -20.54 -5.21 -7.34
N LEU C 248 -21.12 -4.16 -7.92
CA LEU C 248 -20.59 -2.80 -7.85
C LEU C 248 -21.05 -2.04 -6.60
N ASN C 249 -21.52 -2.75 -5.58
CA ASN C 249 -22.14 -2.17 -4.40
C ASN C 249 -21.13 -2.05 -3.25
N VAL C 250 -21.02 -0.85 -2.69
CA VAL C 250 -20.03 -0.50 -1.69
C VAL C 250 -20.71 -0.38 -0.32
N ASP C 251 -20.22 -1.12 0.67
CA ASP C 251 -20.85 -1.06 1.98
C ASP C 251 -20.76 0.36 2.53
N LEU C 252 -21.85 0.80 3.17
CA LEU C 252 -21.87 2.13 3.75
C LEU C 252 -20.71 2.33 4.72
N THR C 253 -20.30 1.29 5.44
CA THR C 253 -19.19 1.44 6.36
C THR C 253 -17.89 1.77 5.63
N GLU C 254 -17.76 1.33 4.38
CA GLU C 254 -16.59 1.68 3.59
C GLU C 254 -16.58 3.15 3.18
N PHE C 255 -17.77 3.73 2.95
CA PHE C 255 -17.84 5.17 2.74
C PHE C 255 -17.50 5.92 4.02
N GLN C 256 -17.93 5.40 5.19
CA GLN C 256 -17.61 6.07 6.45
C GLN C 256 -16.11 6.19 6.70
N THR C 257 -15.31 5.20 6.27
CA THR C 257 -13.86 5.36 6.33
C THR C 257 -13.45 6.71 5.77
N ASN C 258 -13.97 7.05 4.59
CA ASN C 258 -13.58 8.26 3.87
C ASN C 258 -14.28 9.50 4.39
N LEU C 259 -15.47 9.34 5.00
CA LEU C 259 -16.27 10.50 5.35
C LEU C 259 -15.90 11.13 6.68
N VAL C 260 -15.27 10.38 7.58
CA VAL C 260 -14.96 10.88 8.91
C VAL C 260 -13.44 11.01 9.08
N PRO C 261 -12.88 12.17 8.89
CA PRO C 261 -11.43 12.29 8.99
C PRO C 261 -10.97 12.44 10.43
N TYR C 262 -11.82 13.03 11.27
CA TYR C 262 -11.61 13.10 12.70
C TYR C 262 -12.95 12.86 13.39
N PRO C 263 -12.94 12.32 14.62
CA PRO C 263 -14.21 11.91 15.23
C PRO C 263 -15.25 13.02 15.28
N ARG C 264 -14.86 14.26 15.60
CA ARG C 264 -15.86 15.33 15.64
C ARG C 264 -16.31 15.79 14.24
N ILE C 265 -15.48 15.65 13.20
CA ILE C 265 -15.88 16.03 11.86
C ILE C 265 -16.61 14.86 11.24
N HIS C 266 -17.85 14.62 11.65
CA HIS C 266 -18.60 13.46 11.18
C HIS C 266 -19.97 13.83 10.64
N PHE C 267 -20.09 14.99 9.98
CA PHE C 267 -21.38 15.48 9.47
C PHE C 267 -21.39 15.58 7.95
N PRO C 268 -21.72 14.51 7.24
CA PRO C 268 -21.64 14.56 5.77
C PRO C 268 -22.81 15.31 5.16
N LEU C 269 -22.54 15.92 4.01
CA LEU C 269 -23.52 16.71 3.29
C LEU C 269 -24.11 15.80 2.23
N ALA C 270 -25.43 15.63 2.24
CA ALA C 270 -26.12 14.77 1.29
C ALA C 270 -26.73 15.64 0.20
N THR C 271 -26.71 15.11 -1.02
CA THR C 271 -27.29 15.79 -2.17
C THR C 271 -27.87 14.70 -3.05
N TYR C 272 -29.08 14.93 -3.55
CA TYR C 272 -29.83 13.88 -4.25
C TYR C 272 -30.38 14.39 -5.58
N ALA C 273 -30.35 13.53 -6.58
CA ALA C 273 -30.87 13.87 -7.91
C ALA C 273 -31.31 12.57 -8.58
N PRO C 274 -32.34 12.62 -9.45
CA PRO C 274 -33.15 13.78 -9.78
C PRO C 274 -34.42 13.77 -8.95
N VAL C 275 -34.84 14.97 -8.55
CA VAL C 275 -36.12 15.20 -7.91
C VAL C 275 -36.98 15.98 -8.88
N ILE C 276 -37.85 15.29 -9.58
CA ILE C 276 -38.52 15.83 -10.76
C ILE C 276 -39.95 15.33 -10.71
N SER C 277 -40.86 16.14 -11.24
CA SER C 277 -42.27 15.75 -11.20
C SER C 277 -42.62 14.82 -12.38
N ALA C 278 -43.70 14.05 -12.20
CA ALA C 278 -44.14 13.16 -13.27
C ALA C 278 -44.25 13.90 -14.61
N GLU C 279 -44.87 15.07 -14.60
CA GLU C 279 -45.11 15.78 -15.85
C GLU C 279 -43.80 16.29 -16.45
N LYS C 280 -42.87 16.77 -15.61
CA LYS C 280 -41.59 17.26 -16.10
C LYS C 280 -40.62 16.14 -16.45
N ALA C 281 -40.93 14.91 -16.04
CA ALA C 281 -40.11 13.75 -16.32
C ALA C 281 -40.57 12.98 -17.54
N TYR C 282 -41.81 13.22 -17.96
CA TYR C 282 -42.35 12.62 -19.18
C TYR C 282 -41.51 12.99 -20.41
N HIS C 283 -41.12 11.99 -21.18
CA HIS C 283 -40.37 12.22 -22.41
C HIS C 283 -38.98 12.82 -22.19
N GLU C 284 -38.66 13.22 -20.97
CA GLU C 284 -37.35 13.75 -20.65
C GLU C 284 -36.60 12.71 -19.82
N GLN C 285 -35.60 12.06 -20.42
CA GLN C 285 -34.83 11.04 -19.74
C GLN C 285 -33.51 11.62 -19.25
N LEU C 286 -33.23 11.44 -17.96
CA LEU C 286 -32.04 12.01 -17.36
C LEU C 286 -30.90 10.99 -17.31
N SER C 287 -29.79 11.37 -17.93
CA SER C 287 -28.62 10.54 -18.11
C SER C 287 -27.82 10.46 -16.83
N VAL C 288 -26.97 9.44 -16.75
CA VAL C 288 -25.99 9.39 -15.67
C VAL C 288 -25.28 10.72 -15.53
N ALA C 289 -24.92 11.34 -16.64
CA ALA C 289 -24.13 12.57 -16.49
C ALA C 289 -25.00 13.74 -16.03
N GLU C 290 -26.30 13.68 -16.33
CA GLU C 290 -27.16 14.79 -15.95
C GLU C 290 -27.38 14.82 -14.44
N ILE C 291 -27.84 13.69 -13.88
CA ILE C 291 -28.04 13.56 -12.44
C ILE C 291 -26.74 13.77 -11.67
N THR C 292 -25.60 13.36 -12.23
CA THR C 292 -24.33 13.56 -11.56
C THR C 292 -24.00 15.05 -11.44
N ASN C 293 -24.20 15.81 -12.52
CA ASN C 293 -24.04 17.25 -12.44
C ASN C 293 -24.92 17.85 -11.34
N ALA C 294 -26.18 17.41 -11.25
CA ALA C 294 -27.11 17.96 -10.28
C ALA C 294 -26.51 17.98 -8.88
N CYS C 295 -25.70 16.96 -8.56
CA CYS C 295 -25.14 16.83 -7.22
C CYS C 295 -24.29 18.00 -6.84
N PHE C 296 -23.76 18.74 -7.81
CA PHE C 296 -22.90 19.87 -7.49
C PHE C 296 -23.61 21.20 -7.66
N GLU C 297 -24.93 21.17 -7.83
CA GLU C 297 -25.74 22.38 -7.72
C GLU C 297 -26.20 22.56 -6.28
N PRO C 298 -25.77 23.63 -5.59
CA PRO C 298 -26.14 23.76 -4.16
C PRO C 298 -27.64 23.72 -3.90
N ALA C 299 -28.46 24.01 -4.90
CA ALA C 299 -29.90 23.97 -4.62
C ALA C 299 -30.45 22.55 -4.46
N ASN C 300 -29.62 21.51 -4.59
CA ASN C 300 -30.09 20.14 -4.40
C ASN C 300 -29.59 19.49 -3.12
N GLN C 301 -28.83 20.21 -2.28
CA GLN C 301 -28.33 19.71 -1.00
C GLN C 301 -29.43 19.59 0.05
N MET C 302 -29.21 18.68 1.02
CA MET C 302 -30.11 18.61 2.18
C MET C 302 -29.87 19.72 3.16
N VAL C 303 -28.69 20.31 3.14
CA VAL C 303 -28.38 21.40 4.05
C VAL C 303 -28.00 22.61 3.21
N LYS C 304 -28.47 23.78 3.62
CA LYS C 304 -28.13 25.01 2.92
C LYS C 304 -26.74 25.47 3.36
N CYS C 305 -25.80 25.45 2.42
CA CYS C 305 -24.43 25.93 2.59
C CYS C 305 -23.84 26.02 1.19
N ASP C 306 -22.73 26.74 1.07
CA ASP C 306 -22.02 26.80 -0.21
C ASP C 306 -20.76 25.96 -0.18
N PRO C 307 -20.78 24.73 -0.70
CA PRO C 307 -19.53 23.98 -0.79
C PRO C 307 -18.54 24.68 -1.69
N ARG C 308 -19.02 25.51 -2.63
CA ARG C 308 -18.15 26.29 -3.49
C ARG C 308 -17.26 27.25 -2.72
N HIS C 309 -17.68 27.70 -1.54
CA HIS C 309 -16.88 28.59 -0.74
C HIS C 309 -16.30 27.88 0.49
N GLY C 310 -16.12 26.56 0.38
CA GLY C 310 -15.45 25.75 1.39
C GLY C 310 -14.55 24.71 0.74
N LYS C 311 -14.14 23.69 1.49
CA LYS C 311 -13.22 22.66 1.01
C LYS C 311 -13.74 21.25 1.27
N TYR C 312 -13.44 20.36 0.33
CA TYR C 312 -13.84 18.97 0.44
C TYR C 312 -12.76 18.15 1.15
N MET C 313 -13.20 17.32 2.08
CA MET C 313 -12.34 16.30 2.67
C MET C 313 -12.79 14.91 2.25
N ALA C 314 -13.78 14.82 1.38
CA ALA C 314 -14.31 13.53 0.94
C ALA C 314 -15.45 13.77 -0.02
N CYS C 315 -15.62 12.88 -0.99
CA CYS C 315 -16.71 12.99 -1.95
C CYS C 315 -17.11 11.59 -2.41
N CYS C 316 -18.38 11.21 -2.16
CA CYS C 316 -18.87 9.86 -2.47
C CYS C 316 -20.10 9.96 -3.35
N LEU C 317 -20.23 9.06 -4.33
CA LEU C 317 -21.45 8.99 -5.12
C LEU C 317 -22.08 7.60 -4.99
N LEU C 318 -23.30 7.57 -4.47
CA LEU C 318 -24.07 6.34 -4.37
C LEU C 318 -25.15 6.35 -5.46
N TYR C 319 -24.94 5.56 -6.52
CA TYR C 319 -25.86 5.46 -7.64
C TYR C 319 -26.76 4.25 -7.44
N ARG C 320 -28.02 4.39 -7.84
CA ARG C 320 -28.88 3.24 -7.95
C ARG C 320 -29.61 3.25 -9.29
N GLY C 321 -29.82 2.06 -9.83
CA GLY C 321 -30.54 1.86 -11.05
C GLY C 321 -29.65 1.68 -12.26
N ASP C 322 -30.10 2.19 -13.41
CA ASP C 322 -29.46 1.97 -14.70
C ASP C 322 -28.22 2.83 -14.84
N VAL C 323 -27.13 2.35 -14.24
CA VAL C 323 -25.86 3.08 -14.21
C VAL C 323 -24.73 2.06 -14.35
N VAL C 324 -23.78 2.36 -15.23
CA VAL C 324 -22.57 1.54 -15.36
C VAL C 324 -21.38 2.44 -15.11
N PRO C 325 -20.22 1.86 -14.77
CA PRO C 325 -19.10 2.71 -14.31
C PRO C 325 -18.53 3.60 -15.40
N LYS C 326 -18.50 3.11 -16.65
CA LYS C 326 -18.02 3.94 -17.75
C LYS C 326 -18.70 5.31 -17.78
N ASP C 327 -20.04 5.31 -17.76
CA ASP C 327 -20.79 6.57 -17.70
C ASP C 327 -20.32 7.41 -16.52
N VAL C 328 -20.54 6.92 -15.31
CA VAL C 328 -20.02 7.52 -14.08
C VAL C 328 -18.68 8.16 -14.34
N ASN C 329 -17.68 7.34 -14.71
CA ASN C 329 -16.34 7.88 -14.92
C ASN C 329 -16.32 9.05 -15.89
N ALA C 330 -17.01 8.91 -17.04
CA ALA C 330 -17.12 10.03 -17.96
C ALA C 330 -17.65 11.28 -17.25
N ALA C 331 -18.83 11.15 -16.62
CA ALA C 331 -19.49 12.27 -15.96
C ALA C 331 -18.57 12.97 -14.96
N ILE C 332 -17.86 12.20 -14.12
CA ILE C 332 -16.95 12.79 -13.15
C ILE C 332 -15.87 13.62 -13.85
N ALA C 333 -15.30 13.09 -14.93
CA ALA C 333 -14.21 13.79 -15.61
C ALA C 333 -14.65 15.15 -16.12
N THR C 334 -15.86 15.23 -16.67
CA THR C 334 -16.38 16.51 -17.11
C THR C 334 -16.57 17.45 -15.92
N ILE C 335 -17.33 16.99 -14.90
CA ILE C 335 -17.55 17.85 -13.73
C ILE C 335 -16.23 18.34 -13.15
N LYS C 336 -15.20 17.49 -13.15
CA LYS C 336 -13.94 17.88 -12.53
C LYS C 336 -13.39 19.13 -13.18
N THR C 337 -13.43 19.20 -14.52
CA THR C 337 -12.90 20.36 -15.23
C THR C 337 -13.83 21.56 -15.12
N LYS C 338 -15.14 21.32 -15.11
CA LYS C 338 -16.13 22.37 -15.26
C LYS C 338 -16.75 22.86 -13.94
N ARG C 339 -16.28 22.38 -12.78
CA ARG C 339 -16.88 22.78 -11.52
C ARG C 339 -15.82 23.07 -10.46
N SER C 340 -16.31 23.73 -9.39
CA SER C 340 -15.49 24.30 -8.32
C SER C 340 -15.38 23.27 -7.19
N ILE C 341 -14.40 22.38 -7.27
CA ILE C 341 -14.26 21.27 -6.32
C ILE C 341 -12.85 21.31 -5.76
N GLN C 342 -12.66 22.02 -4.66
CA GLN C 342 -11.37 22.19 -4.04
C GLN C 342 -11.28 21.29 -2.82
N PHE C 343 -10.28 20.41 -2.78
CA PHE C 343 -10.05 19.53 -1.64
C PHE C 343 -9.04 20.17 -0.69
N VAL C 344 -9.20 19.87 0.60
CA VAL C 344 -8.12 20.21 1.53
C VAL C 344 -6.83 19.54 1.07
N ASP C 345 -5.71 20.06 1.54
CA ASP C 345 -4.46 19.57 0.97
C ASP C 345 -4.02 18.24 1.54
N TRP C 346 -4.69 17.73 2.57
CA TRP C 346 -4.23 16.53 3.22
C TRP C 346 -5.02 15.31 2.83
N CYS C 347 -5.84 15.38 1.79
CA CYS C 347 -6.54 14.14 1.48
C CYS C 347 -6.72 14.00 -0.02
N PRO C 348 -6.74 12.78 -0.53
CA PRO C 348 -6.76 12.58 -1.98
C PRO C 348 -8.09 13.06 -2.57
N THR C 349 -8.04 13.43 -3.84
CA THR C 349 -9.19 14.07 -4.46
C THR C 349 -10.10 13.10 -5.22
N GLY C 350 -9.79 11.81 -5.22
CA GLY C 350 -10.66 10.86 -5.90
C GLY C 350 -12.07 10.82 -5.35
N PHE C 351 -12.96 10.32 -6.18
CA PHE C 351 -14.37 10.19 -5.85
C PHE C 351 -14.68 8.72 -5.62
N LYS C 352 -15.34 8.42 -4.51
CA LYS C 352 -15.71 7.03 -4.18
C LYS C 352 -17.13 6.73 -4.65
N VAL C 353 -17.27 5.66 -5.42
CA VAL C 353 -18.47 5.37 -6.21
C VAL C 353 -19.06 4.02 -5.81
N GLY C 354 -20.37 4.00 -5.61
CA GLY C 354 -21.08 2.76 -5.47
C GLY C 354 -22.27 2.79 -6.40
N ILE C 355 -22.70 1.58 -6.78
CA ILE C 355 -23.79 1.40 -7.73
C ILE C 355 -24.63 0.24 -7.23
N ASN C 356 -25.92 0.50 -7.00
CA ASN C 356 -26.91 -0.53 -6.76
C ASN C 356 -27.80 -0.59 -7.97
N TYR C 357 -28.03 -1.80 -8.49
CA TYR C 357 -28.74 -1.84 -9.76
C TYR C 357 -30.25 -1.71 -9.59
N GLN C 358 -30.75 -1.98 -8.41
CA GLN C 358 -32.18 -1.89 -8.16
C GLN C 358 -32.63 -0.43 -8.33
N PRO C 359 -33.57 -0.14 -9.22
CA PRO C 359 -33.91 1.24 -9.54
C PRO C 359 -34.74 1.85 -8.41
N PRO C 360 -34.70 3.16 -8.26
CA PRO C 360 -35.45 3.79 -7.18
C PRO C 360 -36.93 3.49 -7.30
N THR C 361 -37.61 3.56 -6.17
CA THR C 361 -39.04 3.40 -6.21
C THR C 361 -39.71 4.69 -5.78
N VAL C 362 -40.93 4.86 -6.28
CA VAL C 362 -41.78 5.92 -5.80
C VAL C 362 -42.91 5.25 -5.08
N VAL C 363 -43.48 5.99 -4.14
CA VAL C 363 -44.66 5.63 -3.39
C VAL C 363 -45.89 6.00 -4.21
N PRO C 364 -46.93 5.11 -4.29
CA PRO C 364 -48.19 5.45 -4.96
C PRO C 364 -48.67 6.87 -4.67
N GLY C 365 -49.12 7.57 -5.70
CA GLY C 365 -49.69 8.89 -5.47
C GLY C 365 -48.69 9.89 -4.91
N GLY C 366 -47.40 9.59 -5.03
CA GLY C 366 -46.40 10.56 -4.66
C GLY C 366 -46.15 11.56 -5.77
N ASP C 367 -45.45 12.63 -5.42
CA ASP C 367 -45.16 13.64 -6.41
C ASP C 367 -43.85 13.41 -7.13
N LEU C 368 -43.04 12.45 -6.69
CA LEU C 368 -41.74 12.19 -7.32
C LEU C 368 -41.91 11.34 -8.58
N ALA C 369 -41.31 11.79 -9.67
CA ALA C 369 -41.28 10.94 -10.86
C ALA C 369 -40.52 9.67 -10.54
N LYS C 370 -41.01 8.55 -11.05
CA LYS C 370 -40.23 7.33 -11.03
C LYS C 370 -39.18 7.43 -12.14
N VAL C 371 -37.92 7.47 -11.76
CA VAL C 371 -36.83 7.62 -12.72
C VAL C 371 -36.12 6.28 -12.89
N GLN C 372 -35.42 6.15 -14.02
CA GLN C 372 -34.63 4.94 -14.27
C GLN C 372 -33.33 4.89 -13.45
N ARG C 373 -32.74 6.04 -13.12
CA ARG C 373 -31.50 6.05 -12.37
C ARG C 373 -31.47 7.28 -11.44
N ALA C 374 -30.72 7.16 -10.35
CA ALA C 374 -30.68 8.21 -9.33
C ALA C 374 -29.32 8.17 -8.64
N VAL C 375 -29.01 9.23 -7.90
CA VAL C 375 -27.73 9.32 -7.19
C VAL C 375 -27.91 10.10 -5.90
N CYS C 376 -27.25 9.67 -4.84
CA CYS C 376 -27.04 10.50 -3.67
C CYS C 376 -25.54 10.69 -3.49
N MET C 377 -25.10 11.94 -3.46
CA MET C 377 -23.72 12.26 -3.15
C MET C 377 -23.59 12.55 -1.65
N LEU C 378 -22.55 11.98 -1.04
CA LEU C 378 -22.19 12.24 0.35
C LEU C 378 -20.81 12.89 0.33
N SER C 379 -20.73 14.16 0.72
CA SER C 379 -19.45 14.84 0.75
C SER C 379 -19.20 15.39 2.15
N ASN C 380 -17.93 15.36 2.56
CA ASN C 380 -17.51 16.04 3.77
C ASN C 380 -16.85 17.35 3.34
N THR C 381 -17.58 18.45 3.54
CA THR C 381 -17.16 19.77 3.14
C THR C 381 -17.20 20.66 4.37
N THR C 382 -16.18 21.51 4.51
CA THR C 382 -16.20 22.51 5.56
C THR C 382 -17.46 23.35 5.49
N ALA C 383 -18.06 23.46 4.31
CA ALA C 383 -19.22 24.33 4.13
C ALA C 383 -20.33 24.03 5.12
N ILE C 384 -20.49 22.76 5.51
CA ILE C 384 -21.56 22.39 6.43
C ILE C 384 -21.52 23.21 7.72
N ALA C 385 -20.36 23.75 8.09
CA ALA C 385 -20.26 24.50 9.33
C ALA C 385 -21.09 25.78 9.30
N GLU C 386 -21.45 26.26 8.11
CA GLU C 386 -22.41 27.34 7.97
C GLU C 386 -23.70 27.05 8.74
N ALA C 387 -24.25 25.84 8.57
CA ALA C 387 -25.44 25.49 9.33
C ALA C 387 -25.21 25.62 10.83
N TRP C 388 -23.99 25.36 11.32
CA TRP C 388 -23.75 25.54 12.75
C TRP C 388 -23.70 27.02 13.09
N ALA C 389 -23.11 27.84 12.22
CA ALA C 389 -23.11 29.27 12.46
C ALA C 389 -24.54 29.82 12.54
N ARG C 390 -25.37 29.56 11.52
CA ARG C 390 -26.74 30.03 11.59
C ARG C 390 -27.37 29.66 12.92
N LEU C 391 -27.42 28.36 13.23
CA LEU C 391 -28.03 27.92 14.49
C LEU C 391 -27.38 28.57 15.70
N ASP C 392 -26.04 28.60 15.73
CA ASP C 392 -25.32 29.21 16.83
C ASP C 392 -25.66 30.69 16.97
N HIS C 393 -25.97 31.38 15.87
CA HIS C 393 -26.33 32.78 16.00
C HIS C 393 -27.70 32.95 16.64
N LYS C 394 -28.68 32.12 16.24
CA LYS C 394 -30.00 32.22 16.86
C LYS C 394 -29.91 31.92 18.35
N PHE C 395 -29.25 30.82 18.71
CA PHE C 395 -28.96 30.55 20.11
C PHE C 395 -28.46 31.77 20.86
N ASP C 396 -27.51 32.50 20.27
CA ASP C 396 -26.89 33.60 21.00
C ASP C 396 -27.86 34.75 21.23
N LEU C 397 -28.65 35.11 20.22
CA LEU C 397 -29.56 36.23 20.38
C LEU C 397 -30.43 36.06 21.62
N MET C 398 -31.05 34.89 21.77
CA MET C 398 -31.89 34.66 22.93
C MET C 398 -31.09 34.42 24.21
N TYR C 399 -29.92 33.80 24.14
CA TYR C 399 -29.27 33.43 25.39
C TYR C 399 -28.60 34.62 26.07
N ALA C 400 -28.40 35.71 25.33
CA ALA C 400 -27.78 36.89 25.92
C ALA C 400 -28.77 37.63 26.81
N LYS C 401 -30.08 37.54 26.50
CA LYS C 401 -31.13 38.01 27.40
C LYS C 401 -31.68 36.89 28.27
N ARG C 402 -31.10 35.69 28.20
CA ARG C 402 -31.57 34.52 28.93
C ARG C 402 -33.03 34.20 28.67
N ALA C 403 -33.56 34.65 27.51
CA ALA C 403 -34.93 34.37 27.12
C ALA C 403 -35.23 32.87 27.21
N PHE C 404 -36.34 32.54 27.87
CA PHE C 404 -36.90 31.19 27.94
C PHE C 404 -36.05 30.24 28.79
N VAL C 405 -34.90 30.70 29.29
CA VAL C 405 -33.99 29.79 29.96
C VAL C 405 -34.56 29.29 31.27
N HIS C 406 -35.56 30.01 31.81
CA HIS C 406 -36.21 29.61 33.07
C HIS C 406 -37.03 28.35 32.89
N TRP C 407 -37.63 28.13 31.71
CA TRP C 407 -38.33 26.87 31.51
C TRP C 407 -37.38 25.69 31.55
N TYR C 408 -36.10 25.92 31.25
CA TYR C 408 -35.12 24.84 31.30
C TYR C 408 -34.61 24.66 32.73
N VAL C 409 -34.34 25.77 33.42
CA VAL C 409 -33.81 25.71 34.79
C VAL C 409 -34.86 25.16 35.76
N GLY C 410 -36.13 25.54 35.60
CA GLY C 410 -37.20 24.99 36.42
C GLY C 410 -37.39 23.50 36.28
N GLU C 411 -36.84 22.90 35.22
CA GLU C 411 -36.89 21.45 35.05
C GLU C 411 -35.64 20.76 35.61
N GLY C 412 -34.71 21.51 36.20
CA GLY C 412 -33.53 20.94 36.84
C GLY C 412 -32.19 21.28 36.18
N MET C 413 -32.18 21.91 35.01
CA MET C 413 -30.93 22.25 34.34
C MET C 413 -30.29 23.52 34.91
N GLU C 414 -29.03 23.72 34.55
CA GLU C 414 -28.26 24.86 35.02
C GLU C 414 -27.76 25.66 33.84
N GLU C 415 -27.59 26.96 34.06
CA GLU C 415 -27.10 27.81 32.99
C GLU C 415 -25.78 27.27 32.47
N GLY C 416 -25.01 26.60 33.33
CA GLY C 416 -23.69 26.13 32.93
C GLY C 416 -23.75 25.11 31.82
N GLU C 417 -24.84 24.32 31.78
CA GLU C 417 -25.02 23.38 30.69
C GLU C 417 -25.19 24.10 29.37
N PHE C 418 -25.81 25.28 29.39
CA PHE C 418 -25.99 26.07 28.19
C PHE C 418 -24.66 26.58 27.67
N SER C 419 -23.87 27.19 28.56
CA SER C 419 -22.59 27.70 28.10
C SER C 419 -21.64 26.57 27.76
N GLU C 420 -21.76 25.44 28.45
CA GLU C 420 -20.88 24.33 28.12
C GLU C 420 -21.24 23.79 26.75
N ALA C 421 -22.53 23.64 26.47
CA ALA C 421 -22.97 23.24 25.14
C ALA C 421 -22.52 24.26 24.08
N ARG C 422 -22.83 25.54 24.31
CA ARG C 422 -22.43 26.53 23.31
C ARG C 422 -20.93 26.53 23.07
N GLU C 423 -20.13 26.40 24.12
CA GLU C 423 -18.69 26.40 23.92
C GLU C 423 -18.27 25.23 23.04
N ASP C 424 -18.85 24.06 23.27
CA ASP C 424 -18.55 22.93 22.41
C ASP C 424 -18.84 23.27 20.95
N MET C 425 -20.02 23.85 20.67
CA MET C 425 -20.36 24.31 19.33
C MET C 425 -19.35 25.33 18.79
N ALA C 426 -18.89 26.25 19.64
CA ALA C 426 -17.90 27.21 19.20
C ALA C 426 -16.61 26.51 18.78
N ALA C 427 -16.22 25.48 19.53
CA ALA C 427 -15.05 24.70 19.18
C ALA C 427 -15.30 23.87 17.93
N LEU C 428 -16.48 23.25 17.83
CA LEU C 428 -16.86 22.57 16.59
C LEU C 428 -16.65 23.48 15.38
N GLU C 429 -17.13 24.73 15.48
CA GLU C 429 -17.00 25.65 14.36
C GLU C 429 -15.55 25.96 14.07
N LYS C 430 -14.71 25.97 15.11
CA LYS C 430 -13.29 26.25 14.92
C LYS C 430 -12.59 25.03 14.36
N ASP C 431 -12.96 23.83 14.82
CA ASP C 431 -12.48 22.60 14.18
C ASP C 431 -12.73 22.62 12.69
N TYR C 432 -13.91 23.09 12.29
CA TYR C 432 -14.20 23.11 10.86
C TYR C 432 -13.30 24.12 10.14
N GLU C 433 -12.94 25.22 10.81
CA GLU C 433 -11.94 26.13 10.24
C GLU C 433 -10.57 25.46 10.15
N GLU C 434 -10.12 24.84 11.25
CA GLU C 434 -8.77 24.28 11.27
C GLU C 434 -8.57 23.25 10.16
N VAL C 435 -9.54 22.36 9.93
CA VAL C 435 -9.30 21.28 8.99
C VAL C 435 -9.07 21.81 7.58
N GLY C 436 -9.56 22.99 7.26
CA GLY C 436 -9.48 23.49 5.91
C GLY C 436 -8.25 24.31 5.63
N VAL C 437 -7.68 24.91 6.67
CA VAL C 437 -6.38 25.57 6.60
C VAL C 437 -5.36 24.67 5.95
N ASP C 438 -4.44 25.24 5.17
CA ASP C 438 -3.40 24.42 4.54
C ASP C 438 -2.35 23.97 5.55
N SER C 439 -1.63 22.91 5.16
CA SER C 439 -0.51 22.37 5.92
C SER C 439 0.73 23.24 5.75
N VAL C 440 1.72 23.00 6.63
CA VAL C 440 2.93 23.82 6.70
C VAL C 440 4.19 23.03 6.31
N MET D 1 -55.59 11.89 25.85
CA MET D 1 -56.36 12.96 26.47
C MET D 1 -55.49 13.98 27.20
N ARG D 2 -55.84 15.26 27.09
CA ARG D 2 -55.17 16.33 27.82
C ARG D 2 -56.27 17.19 28.40
N GLU D 3 -56.52 17.07 29.68
CA GLU D 3 -57.71 17.65 30.28
C GLU D 3 -57.38 18.99 30.92
N ILE D 4 -58.04 20.01 30.46
CA ILE D 4 -58.07 21.27 31.19
C ILE D 4 -59.23 21.19 32.15
N VAL D 5 -59.05 21.73 33.34
CA VAL D 5 -60.12 21.90 34.32
C VAL D 5 -60.50 23.37 34.33
N HIS D 6 -61.77 23.65 34.03
CA HIS D 6 -62.32 24.99 33.97
C HIS D 6 -62.77 25.48 35.34
N ILE D 7 -62.73 26.80 35.54
CA ILE D 7 -63.11 27.38 36.82
C ILE D 7 -63.62 28.82 36.64
N GLN D 8 -64.91 29.05 36.89
CA GLN D 8 -65.50 30.38 36.92
C GLN D 8 -65.72 30.85 38.36
N ALA D 9 -65.43 32.12 38.63
CA ALA D 9 -65.62 32.66 39.96
C ALA D 9 -66.16 34.08 39.88
N GLY D 10 -66.97 34.44 40.90
CA GLY D 10 -67.49 35.78 41.03
C GLY D 10 -68.55 36.11 40.00
N GLN D 11 -68.97 37.37 40.03
CA GLN D 11 -70.02 37.76 39.10
C GLN D 11 -69.53 37.68 37.66
N CYS D 12 -68.57 38.54 37.30
CA CYS D 12 -68.07 38.52 35.91
C CYS D 12 -67.54 37.15 35.53
N GLY D 13 -66.85 36.48 36.44
CA GLY D 13 -66.33 35.15 36.15
C GLY D 13 -67.37 34.21 35.54
N ASN D 14 -68.51 34.05 36.23
CA ASN D 14 -69.45 33.03 35.81
C ASN D 14 -70.12 33.38 34.48
N GLN D 15 -70.41 34.66 34.26
CA GLN D 15 -71.11 35.06 33.06
C GLN D 15 -70.25 34.84 31.80
N ILE D 16 -69.02 35.37 31.80
CA ILE D 16 -68.16 35.17 30.63
C ILE D 16 -67.81 33.69 30.49
N GLY D 17 -67.82 32.95 31.60
CA GLY D 17 -67.64 31.51 31.52
C GLY D 17 -68.82 30.78 30.88
N ALA D 18 -70.03 31.31 31.04
CA ALA D 18 -71.18 30.64 30.46
C ALA D 18 -71.16 30.74 28.94
N LYS D 19 -71.01 31.96 28.40
CA LYS D 19 -71.04 32.12 26.95
C LYS D 19 -69.91 31.34 26.29
N PHE D 20 -68.77 31.21 27.00
CA PHE D 20 -67.71 30.33 26.53
C PHE D 20 -68.27 28.93 26.25
N TRP D 21 -68.87 28.30 27.26
CA TRP D 21 -69.38 26.94 27.12
C TRP D 21 -70.46 26.85 26.04
N GLU D 22 -71.30 27.86 25.92
CA GLU D 22 -72.29 27.88 24.86
C GLU D 22 -71.61 27.81 23.48
N VAL D 23 -70.62 28.67 23.25
CA VAL D 23 -70.04 28.82 21.90
C VAL D 23 -69.32 27.54 21.49
N ILE D 24 -68.49 26.99 22.37
CA ILE D 24 -67.69 25.83 21.98
C ILE D 24 -68.57 24.60 21.94
N SER D 25 -69.62 24.55 22.77
CA SER D 25 -70.59 23.48 22.67
C SER D 25 -71.21 23.44 21.28
N ASP D 26 -71.56 24.62 20.76
CA ASP D 26 -72.15 24.73 19.43
C ASP D 26 -71.13 24.37 18.35
N GLU D 27 -69.89 24.85 18.47
CA GLU D 27 -68.87 24.47 17.49
C GLU D 27 -68.62 22.97 17.51
N HIS D 28 -68.55 22.38 18.71
CA HIS D 28 -68.27 20.96 18.88
C HIS D 28 -69.49 20.08 18.64
N GLY D 29 -70.68 20.66 18.47
CA GLY D 29 -71.90 19.89 18.25
C GLY D 29 -72.45 19.25 19.50
N ILE D 30 -72.86 20.07 20.47
CA ILE D 30 -73.35 19.57 21.75
C ILE D 30 -74.47 20.50 22.22
N ASP D 31 -75.66 19.94 22.44
CA ASP D 31 -76.84 20.71 22.83
C ASP D 31 -76.92 20.83 24.34
N PRO D 32 -77.91 21.55 24.89
CA PRO D 32 -77.93 21.77 26.35
C PRO D 32 -78.18 20.51 27.17
N THR D 33 -78.34 19.36 26.55
CA THR D 33 -78.44 18.12 27.30
C THR D 33 -77.09 17.45 27.50
N GLY D 34 -76.16 17.66 26.58
CA GLY D 34 -74.90 16.98 26.61
C GLY D 34 -74.77 15.83 25.63
N SER D 35 -75.50 15.85 24.53
CA SER D 35 -75.39 14.84 23.49
C SER D 35 -74.89 15.47 22.21
N TYR D 36 -74.32 14.63 21.35
CA TYR D 36 -73.59 15.09 20.17
C TYR D 36 -74.48 14.99 18.93
N HIS D 37 -74.89 16.15 18.44
CA HIS D 37 -75.56 16.26 17.14
C HIS D 37 -74.70 17.15 16.25
N GLY D 38 -73.61 16.56 15.74
CA GLY D 38 -72.69 17.30 14.91
C GLY D 38 -72.42 16.58 13.60
N ASP D 39 -71.92 17.35 12.65
CA ASP D 39 -71.65 16.84 11.32
C ASP D 39 -70.34 16.05 11.27
N SER D 40 -69.23 16.72 11.55
CA SER D 40 -67.88 16.17 11.37
C SER D 40 -67.36 15.60 12.69
N ASP D 41 -66.67 14.48 12.61
CA ASP D 41 -66.06 13.92 13.81
C ASP D 41 -64.87 14.74 14.30
N LEU D 42 -64.36 15.67 13.49
CA LEU D 42 -63.35 16.60 13.98
C LEU D 42 -63.79 17.30 15.26
N GLN D 43 -65.10 17.37 15.52
CA GLN D 43 -65.62 18.02 16.72
C GLN D 43 -65.53 17.15 17.96
N LEU D 44 -65.14 15.88 17.83
CA LEU D 44 -64.96 15.00 18.97
C LEU D 44 -63.52 14.57 19.20
N GLU D 45 -62.68 14.58 18.15
CA GLU D 45 -61.28 14.18 18.25
C GLU D 45 -60.59 14.61 19.55
N ARG D 46 -60.67 15.90 19.88
CA ARG D 46 -60.08 16.45 21.09
C ARG D 46 -61.17 16.87 22.09
N ILE D 47 -62.35 16.26 22.02
CA ILE D 47 -63.47 16.72 22.81
C ILE D 47 -63.26 16.51 24.30
N ASN D 48 -62.40 15.56 24.68
CA ASN D 48 -62.14 15.27 26.08
C ASN D 48 -61.35 16.35 26.78
N VAL D 49 -60.79 17.32 26.04
CA VAL D 49 -59.99 18.37 26.66
C VAL D 49 -60.85 19.23 27.57
N TYR D 50 -62.10 19.48 27.17
CA TYR D 50 -63.01 20.34 27.92
C TYR D 50 -64.27 19.63 28.39
N TYR D 51 -64.35 18.31 28.20
CA TYR D 51 -65.62 17.60 28.34
C TYR D 51 -65.42 16.23 28.98
N ASN D 52 -66.06 16.01 30.13
CA ASN D 52 -66.18 14.68 30.71
C ASN D 52 -67.15 13.83 29.90
N GLU D 53 -66.78 12.58 29.66
CA GLU D 53 -67.62 11.67 28.91
C GLU D 53 -68.50 10.91 29.90
N ALA D 54 -69.81 10.95 29.68
CA ALA D 54 -70.76 10.26 30.53
C ALA D 54 -71.56 9.27 29.67
N THR D 55 -71.73 8.06 30.19
CA THR D 55 -72.52 7.07 29.47
C THR D 55 -73.93 7.61 29.24
N GLY D 56 -74.67 6.91 28.38
CA GLY D 56 -75.71 7.59 27.64
C GLY D 56 -75.15 8.54 26.63
N ASN D 57 -73.85 8.46 26.35
CA ASN D 57 -73.13 9.36 25.46
C ASN D 57 -73.46 10.83 25.74
N LYS D 58 -73.21 11.22 26.97
CA LYS D 58 -73.43 12.60 27.40
C LYS D 58 -72.09 13.21 27.77
N TYR D 59 -71.84 14.42 27.29
CA TYR D 59 -70.60 15.15 27.56
C TYR D 59 -70.89 16.25 28.57
N VAL D 60 -70.16 16.23 29.68
CA VAL D 60 -70.38 17.16 30.78
C VAL D 60 -69.17 18.08 30.84
N PRO D 61 -69.36 19.39 30.72
CA PRO D 61 -68.23 20.31 30.94
C PRO D 61 -67.47 19.95 32.21
N ARG D 62 -66.13 19.95 32.11
CA ARG D 62 -65.27 19.85 33.28
C ARG D 62 -65.14 21.23 33.92
N ALA D 63 -66.28 21.73 34.40
CA ALA D 63 -66.37 23.10 34.89
C ALA D 63 -66.72 23.13 36.38
N ILE D 64 -66.21 24.15 37.08
CA ILE D 64 -66.46 24.39 38.50
C ILE D 64 -67.03 25.79 38.62
N LEU D 65 -68.33 25.90 38.85
CA LEU D 65 -68.97 27.19 39.04
C LEU D 65 -68.83 27.61 40.49
N VAL D 66 -68.47 28.87 40.74
CA VAL D 66 -68.18 29.34 42.09
C VAL D 66 -68.62 30.79 42.21
N ASP D 67 -69.11 31.14 43.41
CA ASP D 67 -69.46 32.53 43.76
C ASP D 67 -69.74 32.59 45.26
N LEU D 68 -69.61 33.79 45.83
CA LEU D 68 -69.94 34.01 47.24
C LEU D 68 -71.35 34.57 47.43
N GLU D 69 -72.20 34.51 46.40
CA GLU D 69 -73.60 34.88 46.43
C GLU D 69 -74.35 33.95 45.49
N PRO D 70 -75.54 33.46 45.88
CA PRO D 70 -76.22 32.45 45.06
C PRO D 70 -76.95 33.02 43.86
N GLY D 71 -76.98 34.35 43.71
CA GLY D 71 -77.73 34.95 42.60
C GLY D 71 -77.16 34.55 41.26
N THR D 72 -75.89 34.88 41.04
CA THR D 72 -75.19 34.46 39.84
C THR D 72 -75.30 32.96 39.63
N MET D 73 -75.25 32.17 40.71
CA MET D 73 -75.30 30.71 40.57
C MET D 73 -76.65 30.25 40.03
N ASP D 74 -77.75 30.89 40.44
CA ASP D 74 -79.07 30.51 39.95
C ASP D 74 -79.21 30.84 38.47
N SER D 75 -78.81 32.06 38.08
CA SER D 75 -78.92 32.46 36.69
C SER D 75 -78.19 31.53 35.75
N VAL D 76 -77.23 30.75 36.25
CA VAL D 76 -76.42 29.93 35.37
C VAL D 76 -77.24 28.78 34.79
N ARG D 77 -77.78 27.93 35.66
CA ARG D 77 -78.56 26.79 35.17
C ARG D 77 -79.84 27.26 34.51
N SER D 78 -80.42 28.34 35.02
CA SER D 78 -81.55 28.96 34.33
C SER D 78 -81.14 29.42 32.93
N GLY D 79 -79.95 30.00 32.81
CA GLY D 79 -79.45 30.43 31.54
C GLY D 79 -79.51 29.34 30.49
N PRO D 80 -79.27 29.73 29.23
CA PRO D 80 -79.16 28.74 28.16
C PRO D 80 -78.07 27.74 28.47
N PHE D 81 -78.41 26.46 28.44
CA PHE D 81 -77.47 25.35 28.65
C PHE D 81 -77.25 25.00 30.12
N GLY D 82 -77.90 25.69 31.07
CA GLY D 82 -77.63 25.45 32.48
C GLY D 82 -77.70 23.99 32.92
N GLN D 83 -78.36 23.15 32.13
CA GLN D 83 -78.62 21.77 32.50
C GLN D 83 -77.60 20.78 31.94
N ILE D 84 -76.59 21.26 31.22
CA ILE D 84 -75.47 20.40 30.80
C ILE D 84 -74.38 20.35 31.85
N PHE D 85 -74.43 21.24 32.83
CA PHE D 85 -73.43 21.30 33.88
C PHE D 85 -73.63 20.19 34.89
N ARG D 86 -72.56 19.91 35.64
CA ARG D 86 -72.62 18.96 36.74
C ARG D 86 -73.16 19.66 37.97
N PRO D 87 -74.28 19.20 38.53
CA PRO D 87 -74.90 19.94 39.65
C PRO D 87 -74.03 19.98 40.89
N ASP D 88 -73.20 18.95 41.10
CA ASP D 88 -72.27 18.97 42.21
C ASP D 88 -71.25 20.08 42.08
N ASN D 89 -70.93 20.48 40.84
CA ASN D 89 -69.83 21.42 40.59
C ASN D 89 -70.24 22.88 40.80
N PHE D 90 -71.47 23.16 41.16
CA PHE D 90 -71.82 24.47 41.68
C PHE D 90 -71.37 24.55 43.13
N VAL D 91 -70.78 25.69 43.51
CA VAL D 91 -70.28 25.90 44.87
C VAL D 91 -70.50 27.37 45.20
N PHE D 92 -71.55 27.66 45.95
CA PHE D 92 -72.00 29.01 46.22
C PHE D 92 -71.79 29.33 47.69
N GLY D 93 -71.55 30.59 47.97
CA GLY D 93 -71.62 31.11 49.31
C GLY D 93 -73.00 31.70 49.56
N GLN D 94 -73.06 32.61 50.52
CA GLN D 94 -74.30 33.30 50.78
C GLN D 94 -74.01 34.76 51.07
N SER D 95 -73.23 34.99 52.14
CA SER D 95 -72.87 36.34 52.56
C SER D 95 -72.63 37.25 51.35
N GLY D 96 -71.78 36.82 50.42
CA GLY D 96 -71.34 37.66 49.34
C GLY D 96 -70.01 38.35 49.65
N ALA D 97 -69.44 38.96 48.60
CA ALA D 97 -68.15 39.63 48.69
C ALA D 97 -68.24 41.14 48.77
N GLY D 98 -69.33 41.73 48.28
CA GLY D 98 -69.51 43.16 48.41
C GLY D 98 -68.38 43.98 47.84
N ASN D 99 -67.79 43.51 46.73
CA ASN D 99 -66.75 44.22 46.00
C ASN D 99 -65.53 44.51 46.87
N ASN D 100 -65.31 43.74 47.92
CA ASN D 100 -64.12 43.85 48.74
C ASN D 100 -63.18 42.70 48.38
N TRP D 101 -61.91 43.02 48.12
CA TRP D 101 -60.94 41.97 47.80
C TRP D 101 -60.54 41.19 49.05
N ALA D 102 -60.41 41.87 50.20
CA ALA D 102 -60.03 41.17 51.43
C ALA D 102 -61.10 40.18 51.84
N LYS D 103 -62.35 40.40 51.42
CA LYS D 103 -63.44 39.48 51.70
C LYS D 103 -63.33 38.21 50.86
N GLY D 104 -62.80 38.32 49.64
CA GLY D 104 -62.67 37.15 48.79
C GLY D 104 -61.42 36.34 49.05
N HIS D 105 -60.34 37.00 49.48
CA HIS D 105 -59.04 36.36 49.60
C HIS D 105 -58.85 35.76 50.99
N TYR D 106 -58.98 36.61 52.02
CA TYR D 106 -58.56 36.21 53.35
C TYR D 106 -59.69 35.68 54.24
N THR D 107 -60.89 36.27 54.20
CA THR D 107 -61.92 35.93 55.17
C THR D 107 -63.00 35.13 54.49
N GLU D 108 -64.04 35.75 53.94
CA GLU D 108 -65.24 35.02 53.55
C GLU D 108 -64.98 34.04 52.40
N GLY D 109 -64.13 34.40 51.44
CA GLY D 109 -63.69 33.44 50.45
C GLY D 109 -62.85 32.32 51.04
N ALA D 110 -62.03 32.64 52.06
CA ALA D 110 -61.18 31.65 52.72
C ALA D 110 -61.98 30.49 53.30
N GLU D 111 -63.20 30.76 53.76
CA GLU D 111 -64.05 29.72 54.31
C GLU D 111 -64.65 28.87 53.20
N LEU D 112 -65.19 29.50 52.17
CA LEU D 112 -65.76 28.71 51.08
C LEU D 112 -64.70 28.00 50.25
N VAL D 113 -63.40 28.31 50.40
CA VAL D 113 -62.41 27.85 49.43
C VAL D 113 -62.19 26.34 49.52
N ASP D 114 -62.06 25.80 50.74
CA ASP D 114 -61.76 24.37 50.86
C ASP D 114 -62.87 23.52 50.25
N SER D 115 -64.08 24.05 50.19
CA SER D 115 -65.21 23.36 49.55
C SER D 115 -65.04 23.33 48.03
N VAL D 116 -64.51 24.42 47.46
CA VAL D 116 -64.18 24.44 46.03
C VAL D 116 -63.02 23.51 45.75
N LEU D 117 -61.96 23.63 46.53
CA LEU D 117 -60.83 22.71 46.39
C LEU D 117 -61.30 21.27 46.29
N ASP D 118 -62.25 20.87 47.13
CA ASP D 118 -62.77 19.51 47.06
C ASP D 118 -63.26 19.17 45.66
N VAL D 119 -63.97 20.11 45.02
CA VAL D 119 -64.52 19.86 43.69
C VAL D 119 -63.40 19.80 42.64
N VAL D 120 -62.40 20.68 42.78
CA VAL D 120 -61.26 20.59 41.88
C VAL D 120 -60.68 19.17 41.91
N ARG D 121 -60.33 18.69 43.12
CA ARG D 121 -59.67 17.39 43.22
C ARG D 121 -60.50 16.30 42.55
N LYS D 122 -61.80 16.23 42.85
CA LYS D 122 -62.60 15.16 42.26
C LYS D 122 -62.45 15.15 40.74
N GLU D 123 -62.60 16.32 40.11
CA GLU D 123 -62.48 16.39 38.65
C GLU D 123 -61.04 16.14 38.20
N SER D 124 -60.06 16.72 38.90
CA SER D 124 -58.67 16.51 38.56
C SER D 124 -58.32 15.02 38.58
N GLU D 125 -58.59 14.34 39.68
CA GLU D 125 -58.20 12.93 39.79
C GLU D 125 -58.86 12.06 38.71
N SER D 126 -59.96 12.51 38.12
CA SER D 126 -60.60 11.80 37.03
C SER D 126 -59.92 12.01 35.68
N CYS D 127 -58.79 12.73 35.63
CA CYS D 127 -58.14 13.08 34.37
C CYS D 127 -57.03 12.08 34.04
N ASP D 128 -57.02 11.61 32.80
CA ASP D 128 -55.88 10.82 32.37
C ASP D 128 -54.59 11.62 32.47
N CYS D 129 -54.57 12.84 31.93
CA CYS D 129 -53.36 13.67 31.93
C CYS D 129 -53.76 15.14 32.08
N LEU D 130 -53.70 15.63 33.30
CA LEU D 130 -54.16 16.98 33.61
C LEU D 130 -53.20 18.02 32.98
N GLN D 131 -53.68 18.75 31.98
CA GLN D 131 -52.96 19.95 31.55
C GLN D 131 -52.81 20.93 32.70
N GLY D 132 -53.92 21.31 33.27
CA GLY D 132 -54.00 22.34 34.26
C GLY D 132 -55.37 22.99 34.18
N PHE D 133 -55.40 24.26 34.58
CA PHE D 133 -56.65 24.97 34.81
C PHE D 133 -56.72 26.27 34.04
N GLN D 134 -57.94 26.66 33.68
CA GLN D 134 -58.21 28.03 33.27
C GLN D 134 -59.34 28.60 34.12
N LEU D 135 -59.09 29.76 34.74
CA LEU D 135 -60.06 30.45 35.57
C LEU D 135 -60.54 31.70 34.86
N THR D 136 -61.86 31.85 34.71
CA THR D 136 -62.48 33.09 34.27
C THR D 136 -62.92 33.88 35.49
N HIS D 137 -62.60 35.16 35.51
CA HIS D 137 -62.99 36.01 36.62
C HIS D 137 -62.82 37.45 36.17
N SER D 138 -63.08 38.38 37.08
CA SER D 138 -62.73 39.78 36.89
C SER D 138 -61.76 40.15 37.99
N LEU D 139 -61.11 41.30 37.85
CA LEU D 139 -60.16 41.77 38.85
C LEU D 139 -60.68 42.97 39.62
N GLY D 140 -61.99 43.20 39.56
CA GLY D 140 -62.67 44.24 40.32
C GLY D 140 -63.81 43.78 41.21
N GLY D 141 -64.35 42.58 40.97
CA GLY D 141 -65.58 42.16 41.61
C GLY D 141 -65.50 41.39 42.92
N GLY D 142 -64.44 41.60 43.70
CA GLY D 142 -64.34 41.00 45.02
C GLY D 142 -64.32 39.49 45.11
N THR D 143 -65.29 38.80 44.50
CA THR D 143 -65.27 37.35 44.55
C THR D 143 -64.32 36.80 43.50
N GLY D 144 -64.54 37.19 42.23
CA GLY D 144 -63.63 36.80 41.17
C GLY D 144 -62.19 37.20 41.44
N SER D 145 -61.97 38.41 41.96
CA SER D 145 -60.59 38.89 42.17
C SER D 145 -59.95 38.22 43.38
N GLY D 146 -60.52 38.41 44.57
CA GLY D 146 -59.87 37.95 45.78
C GLY D 146 -59.90 36.44 45.94
N MET D 147 -61.08 35.84 45.78
CA MET D 147 -61.16 34.40 45.95
C MET D 147 -60.46 33.68 44.81
N GLY D 148 -60.68 34.19 43.59
CA GLY D 148 -59.99 33.67 42.43
C GLY D 148 -58.48 33.58 42.64
N THR D 149 -57.86 34.67 43.08
CA THR D 149 -56.43 34.64 43.36
C THR D 149 -56.09 33.76 44.55
N LEU D 150 -57.01 33.61 45.51
CA LEU D 150 -56.75 32.66 46.58
C LEU D 150 -56.89 31.23 46.08
N LEU D 151 -57.88 30.97 45.24
CA LEU D 151 -58.07 29.62 44.72
C LEU D 151 -56.89 29.21 43.83
N ILE D 152 -56.37 30.14 43.03
CA ILE D 152 -55.13 29.93 42.30
C ILE D 152 -54.02 29.51 43.27
N SER D 153 -53.73 30.37 44.25
CA SER D 153 -52.68 30.07 45.22
C SER D 153 -52.85 28.66 45.78
N LYS D 154 -54.09 28.28 46.10
CA LYS D 154 -54.30 26.97 46.71
C LYS D 154 -54.13 25.84 45.70
N ILE D 155 -54.65 26.00 44.49
CA ILE D 155 -54.49 24.97 43.47
C ILE D 155 -53.02 24.79 43.13
N ARG D 156 -52.26 25.89 43.05
CA ARG D 156 -50.84 25.78 42.74
C ARG D 156 -50.09 25.03 43.84
N GLU D 157 -50.53 25.17 45.09
CA GLU D 157 -49.90 24.47 46.21
C GLU D 157 -50.06 22.96 46.06
N GLU D 158 -51.10 22.52 45.38
CA GLU D 158 -51.43 21.12 45.27
C GLU D 158 -51.16 20.55 43.90
N TYR D 159 -50.93 21.40 42.91
CA TYR D 159 -50.61 20.99 41.56
C TYR D 159 -49.46 21.86 41.06
N PRO D 160 -48.37 21.97 41.82
CA PRO D 160 -47.34 22.96 41.46
C PRO D 160 -46.74 22.76 40.08
N ASP D 161 -47.02 21.63 39.44
CA ASP D 161 -46.47 21.25 38.16
C ASP D 161 -47.56 21.15 37.10
N ARG D 162 -48.62 21.93 37.26
CA ARG D 162 -49.65 22.07 36.24
C ARG D 162 -49.74 23.54 35.87
N ILE D 163 -50.19 23.80 34.64
CA ILE D 163 -50.22 25.16 34.13
C ILE D 163 -51.43 25.87 34.72
N MET D 164 -51.25 27.14 35.09
CA MET D 164 -52.32 27.99 35.62
C MET D 164 -52.57 29.10 34.60
N ASN D 165 -53.63 28.94 33.81
CA ASN D 165 -54.03 29.85 32.76
C ASN D 165 -55.32 30.56 33.17
N THR D 166 -55.28 31.89 33.27
CA THR D 166 -56.45 32.66 33.67
C THR D 166 -56.89 33.62 32.57
N PHE D 167 -58.21 33.81 32.46
CA PHE D 167 -58.83 34.92 31.72
C PHE D 167 -59.27 35.98 32.72
N SER D 168 -58.56 37.08 32.77
CA SER D 168 -58.82 38.08 33.78
C SER D 168 -59.44 39.30 33.11
N VAL D 169 -60.52 39.84 33.71
CA VAL D 169 -61.27 40.96 33.16
C VAL D 169 -60.95 42.22 33.97
N MET D 170 -60.42 43.24 33.29
CA MET D 170 -59.75 44.42 33.80
C MET D 170 -60.74 45.58 33.95
N PRO D 171 -60.77 46.22 35.10
CA PRO D 171 -61.78 47.26 35.34
C PRO D 171 -61.52 48.58 34.60
N SER D 172 -62.59 49.11 34.00
CA SER D 172 -62.55 50.35 33.24
C SER D 172 -63.62 51.32 33.77
N PRO D 173 -63.24 52.53 34.24
CA PRO D 173 -64.24 53.50 34.70
C PRO D 173 -65.28 53.86 33.64
N LYS D 174 -65.10 53.33 32.43
CA LYS D 174 -66.10 53.41 31.39
C LYS D 174 -67.10 52.27 31.44
N VAL D 175 -67.10 51.46 32.50
CA VAL D 175 -68.01 50.31 32.54
C VAL D 175 -68.51 50.02 33.95
N SER D 176 -67.76 50.45 34.97
CA SER D 176 -68.22 50.31 36.34
C SER D 176 -67.78 51.52 37.13
N ASP D 177 -68.73 52.10 37.87
CA ASP D 177 -68.46 53.26 38.69
C ASP D 177 -67.92 52.90 40.06
N THR D 178 -67.92 51.61 40.43
CA THR D 178 -67.64 51.27 41.81
C THR D 178 -66.21 51.63 42.16
N VAL D 179 -66.06 52.46 43.20
CA VAL D 179 -64.84 53.27 43.33
C VAL D 179 -63.59 52.44 43.65
N VAL D 180 -63.73 51.26 44.24
CA VAL D 180 -62.56 50.53 44.75
C VAL D 180 -61.99 49.54 43.73
N GLU D 181 -62.23 49.75 42.44
CA GLU D 181 -61.76 48.74 41.51
C GLU D 181 -60.26 48.85 41.27
N PRO D 182 -59.69 50.05 41.19
CA PRO D 182 -58.21 50.13 41.17
C PRO D 182 -57.57 49.43 42.36
N TYR D 183 -58.28 49.27 43.48
CA TYR D 183 -57.71 48.55 44.60
C TYR D 183 -57.75 47.05 44.36
N ASN D 184 -58.89 46.55 43.89
CA ASN D 184 -59.06 45.11 43.67
C ASN D 184 -58.09 44.59 42.62
N ALA D 185 -58.17 45.13 41.39
CA ALA D 185 -57.27 44.76 40.31
C ALA D 185 -55.80 44.76 40.75
N THR D 186 -55.31 45.86 41.33
CA THR D 186 -53.90 45.90 41.73
C THR D 186 -53.56 44.80 42.74
N LEU D 187 -54.49 44.43 43.61
CA LEU D 187 -54.18 43.38 44.57
C LEU D 187 -54.19 42.01 43.90
N SER D 188 -55.04 41.85 42.87
CA SER D 188 -55.08 40.60 42.09
C SER D 188 -53.83 40.46 41.24
N VAL D 189 -53.40 41.54 40.60
CA VAL D 189 -52.23 41.48 39.74
C VAL D 189 -51.01 41.06 40.56
N HIS D 190 -50.81 41.67 41.73
CA HIS D 190 -49.74 41.26 42.64
C HIS D 190 -49.71 39.74 42.82
N GLN D 191 -50.86 39.09 42.66
CA GLN D 191 -50.95 37.63 42.74
C GLN D 191 -50.77 36.98 41.37
N LEU D 192 -51.35 37.57 40.31
CA LEU D 192 -51.30 36.97 38.98
C LEU D 192 -49.88 36.91 38.44
N VAL D 193 -49.05 37.90 38.78
CA VAL D 193 -47.66 37.88 38.35
C VAL D 193 -46.92 36.68 38.97
N GLU D 194 -47.31 36.24 40.16
CA GLU D 194 -46.55 35.26 40.91
C GLU D 194 -47.04 33.83 40.76
N ASN D 195 -48.28 33.62 40.35
CA ASN D 195 -48.86 32.30 40.47
C ASN D 195 -49.59 31.83 39.23
N THR D 196 -49.62 32.62 38.16
CA THR D 196 -50.12 32.13 36.89
C THR D 196 -48.98 31.98 35.88
N ASP D 197 -49.18 31.03 34.98
CA ASP D 197 -48.32 30.80 33.85
C ASP D 197 -48.73 31.66 32.65
N GLU D 198 -50.04 31.88 32.44
CA GLU D 198 -50.50 32.65 31.30
C GLU D 198 -51.83 33.34 31.61
N THR D 199 -51.88 34.67 31.45
CA THR D 199 -53.10 35.43 31.66
C THR D 199 -53.42 36.21 30.39
N TYR D 200 -54.57 35.91 29.80
CA TYR D 200 -55.14 36.76 28.76
C TYR D 200 -55.78 37.99 29.42
N CYS D 201 -55.26 39.17 29.13
CA CYS D 201 -55.83 40.40 29.64
C CYS D 201 -57.07 40.75 28.84
N ILE D 202 -58.24 40.60 29.45
CA ILE D 202 -59.53 40.98 28.86
C ILE D 202 -59.87 42.35 29.44
N ASP D 203 -59.58 43.41 28.70
CA ASP D 203 -59.74 44.78 29.19
C ASP D 203 -61.15 45.28 28.87
N ASN D 204 -61.88 45.71 29.91
CA ASN D 204 -63.22 46.23 29.67
C ASN D 204 -63.16 47.58 28.95
N GLU D 205 -62.14 48.39 29.23
CA GLU D 205 -61.96 49.64 28.49
C GLU D 205 -61.78 49.36 27.01
N ALA D 206 -61.08 48.30 26.67
CA ALA D 206 -60.90 47.96 25.27
C ALA D 206 -62.17 47.36 24.68
N LEU D 207 -62.95 46.63 25.50
CA LEU D 207 -64.22 46.10 25.01
C LEU D 207 -65.25 47.21 24.86
N TYR D 208 -65.27 48.16 25.80
CA TYR D 208 -66.18 49.29 25.67
C TYR D 208 -65.85 50.14 24.45
N ASP D 209 -64.60 50.64 24.37
CA ASP D 209 -64.20 51.44 23.20
C ASP D 209 -64.48 50.73 21.90
N ILE D 210 -64.32 49.41 21.87
CA ILE D 210 -64.61 48.68 20.64
C ILE D 210 -66.08 48.86 20.27
N CYS D 211 -66.98 48.44 21.16
CA CYS D 211 -68.42 48.49 20.90
C CYS D 211 -68.87 49.91 20.58
N PHE D 212 -68.34 50.91 21.31
CA PHE D 212 -68.69 52.31 21.08
C PHE D 212 -68.24 52.77 19.70
N ARG D 213 -66.95 52.65 19.41
CA ARG D 213 -66.35 53.27 18.23
C ARG D 213 -66.53 52.39 17.00
N THR D 214 -66.08 51.15 17.06
CA THR D 214 -66.18 50.29 15.89
C THR D 214 -67.62 49.80 15.69
N LEU D 215 -68.27 49.33 16.76
CA LEU D 215 -69.64 48.83 16.69
C LEU D 215 -70.69 49.93 16.83
N LYS D 216 -70.31 51.14 17.22
CA LYS D 216 -71.24 52.26 17.27
C LYS D 216 -72.46 51.92 18.14
N LEU D 217 -72.21 51.26 19.26
CA LEU D 217 -73.24 51.06 20.28
C LEU D 217 -73.13 52.21 21.27
N THR D 218 -74.14 53.10 21.28
CA THR D 218 -74.07 54.29 22.13
C THR D 218 -73.94 53.91 23.60
N THR D 219 -74.81 53.03 24.06
CA THR D 219 -74.76 52.49 25.42
C THR D 219 -74.67 50.97 25.34
N PRO D 220 -73.49 50.39 25.56
CA PRO D 220 -73.33 48.93 25.40
C PRO D 220 -73.52 48.18 26.71
N THR D 221 -74.10 46.99 26.59
CA THR D 221 -74.46 46.17 27.73
C THR D 221 -73.35 45.17 28.05
N TYR D 222 -73.26 44.80 29.33
CA TYR D 222 -72.39 43.68 29.67
C TYR D 222 -72.64 42.49 28.75
N GLY D 223 -73.76 42.48 28.02
CA GLY D 223 -73.97 41.41 27.06
C GLY D 223 -73.36 41.71 25.72
N ASP D 224 -73.16 42.99 25.41
CA ASP D 224 -72.43 43.37 24.19
C ASP D 224 -70.93 43.17 24.36
N LEU D 225 -70.38 43.66 25.48
CA LEU D 225 -69.00 43.38 25.83
C LEU D 225 -68.72 41.88 25.80
N ASN D 226 -69.48 41.11 26.56
CA ASN D 226 -69.22 39.68 26.68
C ASN D 226 -69.42 38.97 25.34
N HIS D 227 -70.05 39.62 24.36
CA HIS D 227 -70.08 39.05 23.01
C HIS D 227 -68.69 39.06 22.39
N LEU D 228 -67.93 40.14 22.63
CA LEU D 228 -66.54 40.21 22.20
C LEU D 228 -65.73 39.09 22.84
N VAL D 229 -65.91 38.90 24.15
CA VAL D 229 -65.05 38.01 24.93
C VAL D 229 -65.21 36.56 24.50
N SER D 230 -66.44 36.13 24.19
CA SER D 230 -66.60 34.75 23.75
C SER D 230 -65.96 34.50 22.39
N ALA D 231 -65.92 35.50 21.51
CA ALA D 231 -65.25 35.30 20.23
C ALA D 231 -63.75 35.25 20.41
N THR D 232 -63.22 36.11 21.28
CA THR D 232 -61.84 36.00 21.74
C THR D 232 -61.57 34.61 22.31
N MET D 233 -62.38 34.20 23.29
CA MET D 233 -62.09 33.01 24.07
C MET D 233 -62.19 31.77 23.19
N SER D 234 -63.17 31.75 22.28
CA SER D 234 -63.25 30.66 21.33
C SER D 234 -62.01 30.60 20.43
N GLY D 235 -61.41 31.75 20.15
CA GLY D 235 -60.23 31.77 19.32
C GLY D 235 -59.03 31.13 19.99
N VAL D 236 -58.68 31.59 21.20
CA VAL D 236 -57.43 31.21 21.85
C VAL D 236 -57.51 29.81 22.45
N THR D 237 -58.59 29.09 22.16
CA THR D 237 -58.67 27.68 22.52
C THR D 237 -58.84 26.78 21.30
N THR D 238 -59.04 27.35 20.12
CA THR D 238 -59.25 26.55 18.91
C THR D 238 -58.14 25.50 18.72
N CYS D 239 -56.91 25.83 19.09
CA CYS D 239 -55.82 24.87 18.95
C CYS D 239 -55.75 23.89 20.10
N LEU D 240 -56.46 24.15 21.19
CA LEU D 240 -56.67 23.13 22.22
C LEU D 240 -57.77 22.15 21.79
N ARG D 241 -58.86 22.67 21.21
CA ARG D 241 -60.06 21.90 20.95
C ARG D 241 -60.05 21.18 19.60
N PHE D 242 -59.19 21.56 18.68
CA PHE D 242 -59.19 20.89 17.39
C PHE D 242 -57.78 20.44 17.04
N PRO D 243 -57.67 19.40 16.23
CA PRO D 243 -56.34 18.98 15.73
C PRO D 243 -55.64 20.13 15.02
N GLY D 244 -54.39 19.89 14.64
CA GLY D 244 -53.63 20.90 13.90
C GLY D 244 -52.25 20.39 13.63
N GLN D 245 -51.50 21.16 12.84
CA GLN D 245 -50.10 20.78 12.59
C GLN D 245 -49.38 20.65 13.92
N LEU D 246 -49.70 21.53 14.87
CA LEU D 246 -49.03 21.52 16.16
C LEU D 246 -49.93 20.91 17.22
N ASN D 247 -49.30 20.24 18.18
CA ASN D 247 -49.98 19.57 19.29
C ASN D 247 -50.18 20.57 20.43
N ALA D 248 -51.04 21.55 20.17
CA ALA D 248 -51.12 22.69 21.08
C ALA D 248 -51.70 22.26 22.42
N ASP D 249 -51.02 22.67 23.50
CA ASP D 249 -51.52 22.51 24.86
C ASP D 249 -51.04 23.70 25.67
N LEU D 250 -51.54 23.79 26.91
CA LEU D 250 -51.31 24.99 27.71
C LEU D 250 -49.86 25.16 28.10
N ARG D 251 -49.06 24.08 28.10
CA ARG D 251 -47.66 24.20 28.47
C ARG D 251 -46.79 24.60 27.28
N LYS D 252 -47.02 23.97 26.13
CA LYS D 252 -46.31 24.38 24.92
C LYS D 252 -46.54 25.85 24.62
N LEU D 253 -47.73 26.37 24.93
CA LEU D 253 -47.97 27.80 24.73
C LEU D 253 -47.15 28.65 25.69
N ALA D 254 -47.06 28.22 26.96
CA ALA D 254 -46.26 28.94 27.95
C ALA D 254 -44.77 28.97 27.57
N VAL D 255 -44.21 27.79 27.24
CA VAL D 255 -42.82 27.67 26.83
C VAL D 255 -42.49 28.68 25.71
N ASN D 256 -43.35 28.73 24.70
CA ASN D 256 -43.03 29.47 23.50
C ASN D 256 -43.39 30.95 23.62
N MET D 257 -44.33 31.30 24.51
CA MET D 257 -44.80 32.68 24.62
C MET D 257 -44.21 33.44 25.78
N VAL D 258 -43.68 32.78 26.80
CA VAL D 258 -43.26 33.49 28.01
C VAL D 258 -41.74 33.50 28.13
N PRO D 259 -41.07 34.48 27.54
CA PRO D 259 -39.60 34.50 27.62
C PRO D 259 -39.09 34.73 29.03
N PHE D 260 -39.92 35.22 29.94
CA PHE D 260 -39.52 35.46 31.32
C PHE D 260 -40.76 35.24 32.17
N PRO D 261 -40.65 34.54 33.31
CA PRO D 261 -41.88 33.98 33.91
C PRO D 261 -42.91 35.06 34.25
N ARG D 262 -42.46 36.29 34.56
CA ARG D 262 -43.36 37.34 35.00
C ARG D 262 -44.12 37.99 33.85
N LEU D 263 -43.49 38.11 32.68
CA LEU D 263 -44.10 38.77 31.53
C LEU D 263 -45.00 37.77 30.78
N HIS D 264 -46.08 37.37 31.48
CA HIS D 264 -47.04 36.42 30.93
C HIS D 264 -48.44 37.03 30.81
N PHE D 265 -48.52 38.32 30.50
CA PHE D 265 -49.80 39.02 30.32
C PHE D 265 -50.00 39.33 28.84
N PHE D 266 -50.97 38.65 28.24
CA PHE D 266 -51.13 38.63 26.80
C PHE D 266 -52.19 39.60 26.34
N MET D 267 -51.91 40.27 25.23
CA MET D 267 -52.87 41.14 24.55
C MET D 267 -53.61 40.33 23.51
N PRO D 268 -54.91 40.09 23.66
CA PRO D 268 -55.66 39.32 22.64
C PRO D 268 -56.22 40.23 21.56
N GLY D 269 -56.44 39.62 20.39
CA GLY D 269 -56.97 40.35 19.26
C GLY D 269 -57.92 39.51 18.43
N PHE D 270 -58.95 40.13 17.86
CA PHE D 270 -59.90 39.43 17.01
C PHE D 270 -60.19 40.27 15.77
N ALA D 271 -60.48 39.57 14.67
CA ALA D 271 -60.83 40.13 13.40
C ALA D 271 -61.67 39.09 12.68
N PRO D 272 -62.77 39.51 12.03
CA PRO D 272 -63.29 40.87 11.93
C PRO D 272 -64.25 41.22 13.07
N LEU D 273 -64.39 42.50 13.40
CA LEU D 273 -65.32 42.92 14.45
C LEU D 273 -66.62 43.46 13.84
N LEU D 284 -64.11 39.03 3.99
CA LEU D 284 -62.78 39.62 4.19
C LEU D 284 -61.72 38.82 3.43
N THR D 285 -60.58 39.46 3.12
CA THR D 285 -59.46 38.82 2.45
C THR D 285 -58.30 38.67 3.43
N VAL D 286 -57.51 37.61 3.23
CA VAL D 286 -56.41 37.22 4.12
C VAL D 286 -55.55 38.43 4.47
N PRO D 287 -55.23 39.29 3.51
CA PRO D 287 -54.53 40.53 3.86
C PRO D 287 -55.27 41.42 4.81
N GLU D 288 -56.60 41.48 4.75
CA GLU D 288 -57.32 42.38 5.65
C GLU D 288 -57.35 41.82 7.07
N LEU D 289 -57.71 40.54 7.23
CA LEU D 289 -57.61 39.94 8.56
C LEU D 289 -56.27 40.27 9.18
N THR D 290 -55.20 39.89 8.47
CA THR D 290 -53.85 40.11 8.97
C THR D 290 -53.62 41.57 9.33
N GLN D 291 -54.02 42.47 8.43
CA GLN D 291 -53.87 43.89 8.70
C GLN D 291 -54.64 44.29 9.95
N GLN D 292 -55.94 43.95 9.99
CA GLN D 292 -56.79 44.32 11.12
C GLN D 292 -56.29 43.67 12.40
N MET D 293 -55.96 42.38 12.35
CA MET D 293 -55.60 41.61 13.53
C MET D 293 -54.32 42.12 14.19
N PHE D 294 -53.51 42.91 13.48
CA PHE D 294 -52.38 43.61 14.07
C PHE D 294 -52.69 45.06 14.38
N ASP D 295 -53.92 45.50 14.10
CA ASP D 295 -54.35 46.89 14.27
C ASP D 295 -54.81 47.11 15.70
N SER D 296 -54.34 48.21 16.31
CA SER D 296 -54.71 48.48 17.69
C SER D 296 -56.22 48.49 17.92
N LYS D 297 -57.01 48.72 16.86
CA LYS D 297 -58.46 48.75 16.98
C LYS D 297 -59.08 47.38 17.17
N ASN D 298 -58.32 46.30 16.95
CA ASN D 298 -58.82 44.95 17.17
C ASN D 298 -58.23 44.29 18.41
N MET D 299 -57.50 45.03 19.24
CA MET D 299 -56.93 44.49 20.47
C MET D 299 -57.99 44.51 21.57
N MET D 300 -58.11 43.40 22.30
CA MET D 300 -58.94 43.34 23.49
C MET D 300 -58.22 43.81 24.75
N ALA D 301 -57.10 44.53 24.62
CA ALA D 301 -56.54 45.29 25.73
C ALA D 301 -56.27 46.70 25.23
N ALA D 302 -56.65 47.70 26.03
CA ALA D 302 -56.43 49.11 25.68
C ALA D 302 -54.95 49.42 25.63
N CYS D 303 -54.26 48.95 24.58
CA CYS D 303 -52.84 49.18 24.37
C CYS D 303 -52.57 49.30 22.86
N ASP D 304 -51.63 50.19 22.50
CA ASP D 304 -51.16 50.31 21.12
C ASP D 304 -49.92 49.44 20.93
N PRO D 305 -49.94 48.44 20.03
CA PRO D 305 -48.68 47.72 19.75
C PRO D 305 -47.58 48.63 19.26
N ARG D 306 -47.91 49.67 18.48
CA ARG D 306 -46.88 50.57 17.96
C ARG D 306 -46.28 51.49 19.04
N HIS D 307 -46.65 51.24 20.31
CA HIS D 307 -46.09 51.97 21.43
C HIS D 307 -45.08 51.13 22.21
N GLY D 308 -45.03 49.82 21.93
CA GLY D 308 -43.94 48.98 22.40
C GLY D 308 -43.38 48.03 21.34
N ARG D 309 -42.91 46.86 21.77
CA ARG D 309 -42.38 45.84 20.88
C ARG D 309 -42.95 44.48 21.27
N TYR D 310 -43.18 43.62 20.28
CA TYR D 310 -43.64 42.24 20.51
C TYR D 310 -42.48 41.36 20.97
N LEU D 311 -42.62 40.77 22.16
CA LEU D 311 -41.74 39.68 22.54
C LEU D 311 -42.09 38.43 21.75
N THR D 312 -43.37 38.07 21.71
CA THR D 312 -43.80 36.88 21.02
C THR D 312 -45.26 37.04 20.60
N VAL D 313 -45.65 36.32 19.56
CA VAL D 313 -46.99 36.43 19.02
C VAL D 313 -47.45 35.07 18.50
N ALA D 314 -48.74 34.80 18.65
CA ALA D 314 -49.37 33.61 18.10
C ALA D 314 -50.66 34.02 17.43
N ALA D 315 -50.91 33.52 16.23
CA ALA D 315 -52.08 33.88 15.44
C ALA D 315 -52.83 32.62 15.03
N ILE D 316 -54.16 32.65 15.13
CA ILE D 316 -54.99 31.53 14.71
C ILE D 316 -55.88 32.00 13.56
N PHE D 317 -55.71 31.39 12.40
CA PHE D 317 -56.58 31.66 11.27
C PHE D 317 -57.64 30.57 11.22
N ARG D 318 -58.90 30.99 11.33
CA ARG D 318 -60.07 30.12 11.25
C ARG D 318 -60.83 30.43 9.97
N GLY D 319 -61.19 29.38 9.25
CA GLY D 319 -61.81 29.50 7.96
C GLY D 319 -61.09 28.65 6.94
N ARG D 320 -61.41 28.88 5.68
CA ARG D 320 -60.91 28.10 4.56
C ARG D 320 -60.20 29.07 3.62
N MET D 321 -58.88 29.15 3.73
CA MET D 321 -58.09 30.16 3.02
C MET D 321 -56.82 29.55 2.45
N SER D 322 -56.30 30.14 1.38
CA SER D 322 -55.02 29.69 0.87
C SER D 322 -53.96 29.99 1.92
N MET D 323 -53.46 28.96 2.61
CA MET D 323 -52.48 29.22 3.67
C MET D 323 -51.17 29.75 3.10
N LYS D 324 -50.79 29.31 1.90
CA LYS D 324 -49.68 29.95 1.20
C LYS D 324 -49.87 31.46 1.18
N GLU D 325 -51.12 31.92 1.02
CA GLU D 325 -51.38 33.35 1.16
C GLU D 325 -51.09 33.81 2.59
N VAL D 326 -51.62 33.08 3.57
CA VAL D 326 -51.40 33.43 4.97
C VAL D 326 -49.92 33.47 5.30
N ASP D 327 -49.16 32.50 4.75
CA ASP D 327 -47.72 32.49 4.92
C ASP D 327 -47.09 33.79 4.45
N GLU D 328 -47.41 34.22 3.23
CA GLU D 328 -46.87 35.48 2.71
C GLU D 328 -47.43 36.68 3.46
N GLN D 329 -48.73 36.66 3.77
CA GLN D 329 -49.31 37.78 4.49
C GLN D 329 -48.65 37.99 5.85
N MET D 330 -48.49 36.90 6.62
CA MET D 330 -47.86 37.01 7.92
C MET D 330 -46.38 37.36 7.79
N LEU D 331 -45.74 36.90 6.71
CA LEU D 331 -44.37 37.30 6.39
C LEU D 331 -44.33 38.78 6.01
N ASN D 332 -45.36 39.26 5.33
CA ASN D 332 -45.42 40.67 4.98
C ASN D 332 -45.44 41.56 6.22
N VAL D 333 -46.33 41.24 7.18
CA VAL D 333 -46.55 42.12 8.33
C VAL D 333 -45.28 42.28 9.15
N GLN D 334 -44.55 41.19 9.37
CA GLN D 334 -43.29 41.31 10.12
C GLN D 334 -42.26 42.12 9.36
N ASN D 335 -42.10 41.86 8.05
CA ASN D 335 -41.20 42.64 7.21
C ASN D 335 -41.49 44.14 7.34
N LYS D 336 -42.71 44.53 6.96
CA LYS D 336 -43.15 45.92 7.02
C LYS D 336 -43.27 46.46 8.44
N ASN D 337 -43.20 45.62 9.46
CA ASN D 337 -43.35 46.10 10.83
C ASN D 337 -42.21 45.62 11.72
N SER D 338 -41.02 45.48 11.13
CA SER D 338 -39.93 44.77 11.79
C SER D 338 -39.48 45.46 13.08
N SER D 339 -39.56 46.79 13.15
CA SER D 339 -39.07 47.49 14.34
C SER D 339 -39.97 47.29 15.54
N TYR D 340 -41.01 46.48 15.40
CA TYR D 340 -42.01 46.24 16.43
C TYR D 340 -42.01 44.80 16.93
N PHE D 341 -40.97 44.02 16.60
CA PHE D 341 -40.77 42.67 17.12
C PHE D 341 -39.34 42.60 17.64
N VAL D 342 -39.15 42.21 18.89
CA VAL D 342 -37.79 42.21 19.39
C VAL D 342 -36.89 41.38 18.47
N GLU D 343 -35.71 41.91 18.18
CA GLU D 343 -34.80 41.23 17.27
C GLU D 343 -34.04 40.08 17.93
N TRP D 344 -33.96 40.04 19.27
CA TRP D 344 -33.22 39.01 19.99
C TRP D 344 -34.03 37.73 20.26
N ILE D 345 -35.24 37.62 19.73
CA ILE D 345 -35.99 36.36 19.72
C ILE D 345 -36.36 36.01 18.29
N PRO D 346 -35.55 35.20 17.62
CA PRO D 346 -35.81 34.88 16.21
C PRO D 346 -37.07 34.07 16.04
N ASN D 347 -37.76 34.33 14.92
CA ASN D 347 -38.96 33.56 14.55
C ASN D 347 -39.95 33.51 15.70
N ASN D 348 -40.28 34.69 16.24
CA ASN D 348 -41.12 34.82 17.41
C ASN D 348 -42.58 35.07 17.06
N VAL D 349 -42.97 34.79 15.82
CA VAL D 349 -44.35 34.89 15.38
C VAL D 349 -44.76 33.53 14.82
N LYS D 350 -45.65 32.84 15.52
CA LYS D 350 -46.16 31.57 15.03
C LYS D 350 -47.60 31.73 14.60
N THR D 351 -48.06 30.86 13.69
CA THR D 351 -49.46 30.84 13.29
C THR D 351 -49.95 29.42 13.06
N ALA D 352 -51.19 29.18 13.45
CA ALA D 352 -51.91 27.95 13.15
C ALA D 352 -53.14 28.30 12.33
N VAL D 353 -53.63 27.29 11.61
CA VAL D 353 -54.76 27.48 10.71
C VAL D 353 -55.74 26.33 10.94
N CYS D 354 -56.99 26.68 11.32
CA CYS D 354 -58.06 25.72 11.54
C CYS D 354 -59.16 25.88 10.49
N ASP D 355 -59.73 24.75 10.07
CA ASP D 355 -60.74 24.74 9.01
C ASP D 355 -62.13 25.21 9.47
N ILE D 356 -62.46 25.06 10.75
CA ILE D 356 -63.80 25.35 11.27
C ILE D 356 -63.81 26.78 11.78
N PRO D 357 -64.52 27.70 11.13
CA PRO D 357 -64.67 29.06 11.69
C PRO D 357 -65.77 29.12 12.72
N PRO D 358 -65.75 30.11 13.61
CA PRO D 358 -66.83 30.24 14.59
C PRO D 358 -68.18 30.38 13.88
N ARG D 359 -69.26 30.26 14.64
CA ARG D 359 -70.58 30.42 14.06
C ARG D 359 -70.78 31.87 13.64
N GLY D 360 -71.02 32.08 12.35
CA GLY D 360 -71.36 33.39 11.83
C GLY D 360 -70.31 34.06 10.98
N LEU D 361 -69.04 33.68 11.09
CA LEU D 361 -67.97 34.26 10.28
C LEU D 361 -67.36 33.19 9.40
N LYS D 362 -67.11 33.53 8.13
CA LYS D 362 -66.51 32.59 7.18
C LYS D 362 -64.99 32.50 7.36
N MET D 363 -64.38 33.56 7.89
CA MET D 363 -62.97 33.62 8.20
C MET D 363 -62.78 34.54 9.39
N SER D 364 -62.35 34.00 10.51
CA SER D 364 -61.89 34.84 11.60
C SER D 364 -60.38 34.73 11.67
N ALA D 365 -59.80 35.57 12.51
CA ALA D 365 -58.43 35.41 12.95
C ALA D 365 -58.37 35.81 14.41
N THR D 366 -57.63 35.05 15.22
CA THR D 366 -57.40 35.42 16.61
C THR D 366 -55.92 35.58 16.90
N PHE D 367 -55.58 36.60 17.69
CA PHE D 367 -54.22 37.10 17.84
C PHE D 367 -53.87 37.20 19.32
N ILE D 368 -52.88 36.41 19.76
CA ILE D 368 -52.34 36.46 21.12
C ILE D 368 -50.96 37.11 21.07
N GLY D 369 -50.75 38.13 21.89
CA GLY D 369 -49.52 38.90 21.83
C GLY D 369 -48.86 39.24 23.14
N ASN D 370 -47.61 38.88 23.28
CA ASN D 370 -46.85 39.30 24.45
C ASN D 370 -46.14 40.56 24.00
N SER D 371 -46.79 41.70 24.19
CA SER D 371 -46.24 43.00 23.81
C SER D 371 -45.82 43.78 25.04
N THR D 372 -44.67 44.44 24.98
CA THR D 372 -44.28 45.31 26.09
C THR D 372 -45.18 46.52 26.22
N ALA D 373 -46.08 46.75 25.27
CA ALA D 373 -47.06 47.84 25.36
C ALA D 373 -48.18 47.51 26.32
N ILE D 374 -48.26 46.27 26.81
CA ILE D 374 -49.20 45.94 27.89
C ILE D 374 -48.93 46.81 29.11
N GLN D 375 -47.68 47.26 29.31
CA GLN D 375 -47.43 48.19 30.40
C GLN D 375 -48.40 49.37 30.32
N GLU D 376 -48.88 49.69 29.11
CA GLU D 376 -49.93 50.71 28.97
C GLU D 376 -51.14 50.41 29.88
N LEU D 377 -51.71 49.22 29.75
CA LEU D 377 -52.82 48.80 30.61
C LEU D 377 -52.44 48.87 32.10
N PHE D 378 -51.31 48.29 32.48
CA PHE D 378 -50.94 48.33 33.89
C PHE D 378 -50.67 49.76 34.37
N LYS D 379 -50.28 50.67 33.49
CA LYS D 379 -50.00 52.04 33.93
C LYS D 379 -51.30 52.77 34.29
N ARG D 380 -52.34 52.60 33.46
CA ARG D 380 -53.68 53.10 33.74
C ARG D 380 -54.14 52.71 35.15
N ILE D 381 -54.17 51.40 35.43
CA ILE D 381 -54.59 50.92 36.74
C ILE D 381 -53.66 51.41 37.83
N SER D 382 -52.36 51.52 37.55
CA SER D 382 -51.49 52.03 38.59
C SER D 382 -51.80 53.49 38.89
N GLU D 383 -52.42 54.22 37.95
CA GLU D 383 -52.71 55.63 38.20
C GLU D 383 -53.97 55.77 39.04
N GLN D 384 -55.03 55.05 38.66
CA GLN D 384 -56.26 55.04 39.44
C GLN D 384 -56.01 54.56 40.87
N PHE D 385 -55.19 53.51 41.03
CA PHE D 385 -54.80 53.07 42.36
C PHE D 385 -54.25 54.25 43.18
N THR D 386 -53.16 54.85 42.70
CA THR D 386 -52.42 55.80 43.54
C THR D 386 -53.22 57.06 43.84
N ALA D 387 -54.18 57.41 42.98
CA ALA D 387 -55.10 58.50 43.30
C ALA D 387 -55.80 58.27 44.61
N MET D 388 -56.13 57.00 44.91
CA MET D 388 -56.77 56.66 46.17
C MET D 388 -55.74 56.45 47.27
N PHE D 389 -54.73 55.62 47.02
CA PHE D 389 -53.79 55.25 48.06
C PHE D 389 -53.03 56.46 48.61
N ARG D 390 -52.70 57.43 47.76
CA ARG D 390 -52.12 58.67 48.28
C ARG D 390 -53.05 59.35 49.27
N ARG D 391 -54.37 59.15 49.10
CA ARG D 391 -55.42 59.66 49.97
C ARG D 391 -55.71 58.74 51.15
N LYS D 392 -55.28 57.48 51.11
CA LYS D 392 -55.64 56.45 52.09
C LYS D 392 -57.12 56.07 52.02
N ALA D 393 -57.80 56.51 50.96
CA ALA D 393 -59.25 56.33 50.81
C ALA D 393 -59.66 54.85 50.83
N PHE D 394 -60.67 54.55 51.63
CA PHE D 394 -61.36 53.26 51.72
C PHE D 394 -60.51 52.16 52.35
N LEU D 395 -59.33 52.50 52.87
CA LEU D 395 -58.46 51.51 53.50
C LEU D 395 -59.18 50.70 54.58
N HIS D 396 -60.26 51.25 55.14
CA HIS D 396 -60.98 50.57 56.21
C HIS D 396 -61.70 49.32 55.71
N TRP D 397 -62.23 49.35 54.49
CA TRP D 397 -62.85 48.14 53.95
C TRP D 397 -61.87 46.96 53.97
N TYR D 398 -60.57 47.25 53.95
CA TYR D 398 -59.53 46.21 53.89
C TYR D 398 -58.78 46.07 55.21
N THR D 399 -58.11 47.15 55.65
CA THR D 399 -57.42 47.12 56.94
C THR D 399 -58.38 46.74 58.08
N GLY D 400 -59.68 46.94 57.89
CA GLY D 400 -60.64 46.39 58.84
C GLY D 400 -60.75 44.88 58.75
N GLU D 401 -60.62 44.32 57.54
CA GLU D 401 -60.63 42.87 57.36
C GLU D 401 -59.31 42.21 57.72
N GLY D 402 -58.33 43.00 58.18
CA GLY D 402 -57.13 42.45 58.79
C GLY D 402 -55.84 42.75 58.09
N MET D 403 -55.88 43.49 56.98
CA MET D 403 -54.69 43.69 56.15
C MET D 403 -53.86 44.86 56.66
N ASP D 404 -52.56 44.75 56.43
CA ASP D 404 -51.63 45.85 56.71
C ASP D 404 -51.70 46.88 55.59
N GLU D 405 -51.18 48.08 55.88
CA GLU D 405 -50.97 49.04 54.81
C GLU D 405 -49.80 48.64 53.94
N MET D 406 -48.75 48.06 54.53
CA MET D 406 -47.64 47.62 53.70
C MET D 406 -48.04 46.54 52.71
N GLU D 407 -49.23 45.93 52.86
CA GLU D 407 -49.72 44.98 51.87
C GLU D 407 -50.22 45.68 50.62
N PHE D 408 -50.60 46.95 50.72
CA PHE D 408 -50.98 47.72 49.55
C PHE D 408 -49.76 48.33 48.88
N THR D 409 -48.81 48.79 49.69
CA THR D 409 -47.55 49.32 49.17
C THR D 409 -46.79 48.25 48.40
N GLU D 410 -46.89 46.99 48.83
CA GLU D 410 -46.12 45.91 48.24
C GLU D 410 -46.71 45.47 46.90
N ALA D 411 -48.02 45.28 46.84
CA ALA D 411 -48.64 45.06 45.54
C ALA D 411 -48.40 46.23 44.60
N GLU D 412 -48.26 47.43 45.15
CA GLU D 412 -48.06 48.61 44.29
C GLU D 412 -46.65 48.63 43.73
N SER D 413 -45.65 48.31 44.56
CA SER D 413 -44.29 48.26 44.04
C SER D 413 -44.08 47.04 43.13
N ASN D 414 -44.78 45.91 43.39
CA ASN D 414 -44.69 44.74 42.51
C ASN D 414 -45.16 45.05 41.10
N MET D 415 -46.35 45.62 40.97
CA MET D 415 -46.85 45.98 39.65
C MET D 415 -46.02 47.10 39.04
N ASN D 416 -45.51 48.02 39.85
CA ASN D 416 -44.56 49.00 39.33
C ASN D 416 -43.42 48.30 38.63
N ASP D 417 -42.84 47.29 39.30
CA ASP D 417 -41.71 46.54 38.72
C ASP D 417 -42.11 45.84 37.43
N LEU D 418 -43.27 45.20 37.43
CA LEU D 418 -43.70 44.46 36.25
C LEU D 418 -43.66 45.31 34.98
N VAL D 419 -43.87 46.62 35.10
CA VAL D 419 -43.78 47.47 33.93
C VAL D 419 -42.34 47.94 33.69
N SER D 420 -41.59 48.23 34.76
CA SER D 420 -40.16 48.47 34.59
C SER D 420 -39.55 47.37 33.73
N GLU D 421 -39.93 46.13 34.02
CA GLU D 421 -39.38 44.98 33.31
C GLU D 421 -39.88 44.94 31.88
N TYR D 422 -41.17 45.23 31.65
CA TYR D 422 -41.67 45.33 30.29
C TYR D 422 -40.92 46.42 29.52
N GLN D 423 -40.63 47.54 30.16
CA GLN D 423 -39.85 48.59 29.52
C GLN D 423 -38.37 48.21 29.37
N GLN D 424 -37.85 47.34 30.23
CA GLN D 424 -36.45 46.95 30.09
C GLN D 424 -36.22 46.15 28.82
N TYR D 425 -37.16 45.28 28.45
CA TYR D 425 -37.02 44.43 27.29
C TYR D 425 -37.50 45.09 26.00
N GLN D 426 -38.38 46.08 26.10
CA GLN D 426 -38.67 46.90 24.93
C GLN D 426 -37.44 47.69 24.50
N ASP D 427 -36.68 48.19 25.46
CA ASP D 427 -35.46 48.97 25.22
C ASP D 427 -34.29 48.11 24.79
N ALA D 428 -34.28 46.82 25.13
CA ALA D 428 -33.12 45.98 24.86
C ALA D 428 -32.93 45.80 23.36
N THR D 429 -31.65 45.67 22.97
CA THR D 429 -31.23 45.49 21.58
C THR D 429 -30.29 44.31 21.47
N ALA D 430 -30.11 43.83 20.22
CA ALA D 430 -29.19 42.73 19.97
C ALA D 430 -27.73 43.17 20.09
N ASP D 431 -27.29 44.10 19.25
CA ASP D 431 -25.87 44.48 19.22
C ASP D 431 -25.45 45.22 20.48
N MET E 4 68.46 -34.63 -28.74
CA MET E 4 67.13 -34.98 -28.19
C MET E 4 67.15 -36.43 -27.62
N GLU E 5 67.34 -36.55 -26.31
CA GLU E 5 67.70 -37.82 -25.64
C GLU E 5 66.46 -38.59 -25.18
N VAL E 6 66.20 -39.78 -25.79
CA VAL E 6 65.18 -40.70 -25.28
C VAL E 6 65.75 -41.50 -24.12
N ILE E 7 64.89 -41.94 -23.20
CA ILE E 7 65.34 -42.59 -21.98
C ILE E 7 64.22 -43.50 -21.46
N GLU E 8 64.55 -44.25 -20.43
CA GLU E 8 63.67 -45.20 -19.74
C GLU E 8 62.47 -45.64 -20.55
N LEU E 9 62.69 -46.11 -21.78
CA LEU E 9 61.61 -46.65 -22.60
C LEU E 9 61.16 -48.02 -22.06
N ASN E 10 59.95 -48.07 -21.49
CA ASN E 10 59.32 -49.33 -21.08
C ASN E 10 58.26 -49.73 -22.10
N LYS E 11 58.35 -50.96 -22.59
CA LYS E 11 57.38 -51.50 -23.53
C LYS E 11 56.54 -52.58 -22.88
N CYS E 12 55.48 -52.94 -23.57
CA CYS E 12 54.65 -54.03 -23.10
C CYS E 12 53.56 -54.25 -24.13
N THR E 13 52.62 -55.15 -23.83
CA THR E 13 51.65 -55.53 -24.83
C THR E 13 50.60 -54.45 -25.07
N SER E 14 50.28 -53.63 -24.04
CA SER E 14 49.28 -52.56 -24.13
C SER E 14 49.77 -51.33 -24.89
N GLY E 15 51.08 -51.08 -24.87
CA GLY E 15 51.65 -49.87 -25.44
C GLY E 15 53.10 -49.72 -24.98
N GLN E 16 53.58 -48.48 -25.00
CA GLN E 16 54.91 -48.21 -24.47
C GLN E 16 54.96 -46.78 -23.96
N SER E 17 55.95 -46.51 -23.11
CA SER E 17 56.14 -45.21 -22.50
C SER E 17 57.63 -44.89 -22.51
N PHE E 18 57.96 -43.63 -22.27
CA PHE E 18 59.35 -43.18 -22.30
C PHE E 18 59.35 -41.69 -22.00
N GLU E 19 60.55 -41.15 -21.78
CA GLU E 19 60.71 -39.72 -21.53
C GLU E 19 61.71 -39.17 -22.53
N VAL E 20 61.69 -37.86 -22.72
CA VAL E 20 62.46 -37.26 -23.80
C VAL E 20 62.91 -35.86 -23.40
N ILE E 21 64.22 -35.68 -23.27
CA ILE E 21 64.79 -34.41 -22.82
C ILE E 21 65.27 -33.62 -24.03
N LEU E 22 64.89 -32.35 -24.08
CA LEU E 22 65.47 -31.41 -25.02
C LEU E 22 66.56 -30.54 -24.40
N LYS E 23 66.74 -30.59 -23.07
CA LYS E 23 67.67 -29.72 -22.36
C LYS E 23 67.54 -29.89 -20.86
N PRO E 24 68.65 -29.90 -20.11
CA PRO E 24 68.56 -30.11 -18.64
C PRO E 24 68.21 -28.81 -17.92
N PRO E 25 68.28 -28.77 -16.59
CA PRO E 25 68.01 -27.51 -15.86
C PRO E 25 69.00 -26.39 -16.15
N SER E 26 68.98 -25.35 -15.30
CA SER E 26 69.94 -24.24 -15.35
C SER E 26 70.32 -23.82 -13.92
N ASP E 42 48.46 -30.78 8.70
CA ASP E 42 47.01 -30.82 8.46
C ASP E 42 46.25 -30.83 9.79
N PRO E 43 45.14 -30.09 9.86
CA PRO E 43 44.43 -29.94 11.15
C PRO E 43 43.88 -31.26 11.70
N SER E 44 43.62 -31.24 13.01
CA SER E 44 43.15 -32.39 13.76
C SER E 44 41.65 -32.61 13.55
N LEU E 45 41.19 -33.85 13.81
CA LEU E 45 39.75 -34.07 13.84
C LEU E 45 39.08 -33.11 14.81
N GLU E 46 39.70 -32.89 15.96
CA GLU E 46 39.09 -32.03 16.97
C GLU E 46 39.10 -30.57 16.56
N GLU E 47 40.17 -30.12 15.89
CA GLU E 47 40.16 -28.75 15.35
C GLU E 47 39.04 -28.57 14.33
N ILE E 48 38.80 -29.59 13.50
CA ILE E 48 37.63 -29.60 12.61
C ILE E 48 36.35 -29.52 13.42
N GLN E 49 36.27 -30.28 14.51
CA GLN E 49 35.07 -30.30 15.34
C GLN E 49 34.83 -28.94 15.99
N LYS E 50 35.89 -28.25 16.40
CA LYS E 50 35.76 -26.90 16.94
C LYS E 50 35.15 -25.97 15.90
N LYS E 51 35.92 -25.63 14.85
CA LYS E 51 35.40 -24.77 13.78
C LYS E 51 33.96 -25.11 13.38
N LEU E 52 33.70 -26.41 13.17
CA LEU E 52 32.38 -26.85 12.71
C LEU E 52 31.33 -26.66 13.78
N GLU E 53 31.72 -26.63 15.04
CA GLU E 53 30.74 -26.41 16.10
C GLU E 53 30.62 -24.95 16.50
N ALA E 54 31.68 -24.17 16.31
CA ALA E 54 31.55 -22.72 16.46
C ALA E 54 30.49 -22.17 15.51
N ALA E 55 30.53 -22.61 14.24
CA ALA E 55 29.56 -22.11 13.28
C ALA E 55 28.14 -22.47 13.69
N GLU E 56 27.92 -23.68 14.22
CA GLU E 56 26.56 -24.06 14.63
C GLU E 56 26.09 -23.23 15.81
N GLU E 57 27.00 -22.90 16.71
CA GLU E 57 26.63 -22.00 17.78
C GLU E 57 26.28 -20.63 17.22
N ARG E 58 27.22 -20.01 16.48
CA ARG E 58 26.92 -18.76 15.79
C ARG E 58 25.55 -18.79 15.10
N ARG E 59 25.15 -19.95 14.56
CA ARG E 59 23.80 -20.06 14.03
C ARG E 59 22.77 -19.93 15.13
N LYS E 60 22.89 -20.76 16.17
CA LYS E 60 21.88 -20.81 17.24
C LYS E 60 21.74 -19.47 17.96
N TYR E 61 22.83 -18.70 18.08
CA TYR E 61 22.69 -17.35 18.61
C TYR E 61 21.78 -16.51 17.72
N GLN E 62 22.14 -16.41 16.44
CA GLN E 62 21.38 -15.61 15.50
C GLN E 62 19.92 -16.02 15.46
N GLU E 63 19.65 -17.31 15.59
CA GLU E 63 18.26 -17.74 15.63
C GLU E 63 17.58 -17.29 16.92
N ALA E 64 18.29 -17.36 18.05
CA ALA E 64 17.68 -16.97 19.33
C ALA E 64 17.38 -15.47 19.35
N GLU E 65 18.30 -14.66 18.80
CA GLU E 65 18.04 -13.23 18.66
C GLU E 65 16.79 -12.96 17.83
N LEU E 66 16.49 -13.82 16.85
CA LEU E 66 15.29 -13.64 16.07
C LEU E 66 14.06 -14.07 16.87
N LEU E 67 14.15 -15.18 17.59
CA LEU E 67 13.04 -15.61 18.42
C LEU E 67 12.84 -14.67 19.61
N LYS E 68 13.89 -13.95 20.02
CA LYS E 68 13.74 -12.95 21.08
C LYS E 68 13.04 -11.70 20.55
N HIS E 69 13.43 -11.24 19.36
CA HIS E 69 12.76 -10.11 18.71
C HIS E 69 11.30 -10.42 18.40
N LEU E 70 11.02 -11.62 17.90
CA LEU E 70 9.63 -12.00 17.68
C LEU E 70 8.87 -12.01 18.99
N ALA E 71 9.50 -12.47 20.08
CA ALA E 71 8.81 -12.53 21.36
C ALA E 71 8.41 -11.13 21.83
N GLU E 72 9.32 -10.15 21.70
CA GLU E 72 8.98 -8.75 21.90
C GLU E 72 7.74 -8.35 21.10
N LYS E 73 7.67 -8.77 19.83
CA LYS E 73 6.55 -8.35 18.99
C LYS E 73 5.22 -8.90 19.52
N ARG E 74 5.20 -10.09 20.13
CA ARG E 74 3.95 -10.59 20.68
C ARG E 74 3.57 -9.83 21.95
N GLU E 75 4.57 -9.42 22.73
CA GLU E 75 4.29 -8.60 23.89
C GLU E 75 3.56 -7.34 23.48
N HIS E 76 4.03 -6.70 22.40
CA HIS E 76 3.41 -5.49 21.86
C HIS E 76 2.06 -5.78 21.21
N GLU E 77 1.89 -6.95 20.61
CA GLU E 77 0.60 -7.32 20.05
C GLU E 77 -0.45 -7.46 21.15
N ARG E 78 -0.05 -7.88 22.35
CA ARG E 78 -1.09 -7.98 23.37
C ARG E 78 -1.26 -6.68 24.14
N GLU E 79 -0.25 -5.81 24.17
CA GLU E 79 -0.45 -4.48 24.74
C GLU E 79 -1.45 -3.67 23.92
N VAL E 80 -1.37 -3.74 22.59
CA VAL E 80 -2.32 -3.00 21.77
C VAL E 80 -3.74 -3.50 22.03
N ILE E 81 -3.95 -4.81 21.98
CA ILE E 81 -5.31 -5.30 22.21
C ILE E 81 -5.77 -5.00 23.63
N GLN E 82 -4.85 -4.99 24.60
CA GLN E 82 -5.21 -4.61 25.96
C GLN E 82 -5.55 -3.12 26.04
N LYS E 83 -4.89 -2.29 25.24
CA LYS E 83 -5.17 -0.86 25.25
C LYS E 83 -6.55 -0.57 24.65
N ALA E 84 -6.88 -1.26 23.56
CA ALA E 84 -8.20 -1.07 22.95
C ALA E 84 -9.30 -1.43 23.94
N ILE E 85 -9.13 -2.54 24.66
CA ILE E 85 -10.10 -2.91 25.68
C ILE E 85 -10.10 -1.85 26.77
N GLU E 86 -8.92 -1.51 27.26
CA GLU E 86 -8.82 -0.52 28.33
C GLU E 86 -9.57 0.73 27.94
N GLU E 87 -9.45 1.15 26.69
CA GLU E 87 -10.07 2.41 26.34
C GLU E 87 -11.55 2.24 26.05
N ASN E 88 -11.94 1.16 25.36
CA ASN E 88 -13.37 0.95 25.14
C ASN E 88 -14.10 0.95 26.47
N ASN E 89 -13.43 0.44 27.52
CA ASN E 89 -14.03 0.33 28.84
C ASN E 89 -14.06 1.66 29.54
N ASN E 90 -12.91 2.34 29.60
CA ASN E 90 -12.89 3.63 30.27
C ASN E 90 -13.95 4.54 29.66
N PHE E 91 -14.32 4.31 28.40
CA PHE E 91 -15.36 5.09 27.75
C PHE E 91 -16.74 4.71 28.26
N ILE E 92 -17.05 3.41 28.29
CA ILE E 92 -18.33 3.00 28.84
C ILE E 92 -18.46 3.48 30.28
N LYS E 93 -17.33 3.53 31.02
CA LYS E 93 -17.28 4.04 32.39
C LYS E 93 -17.67 5.50 32.47
N MET E 94 -16.82 6.38 31.93
CA MET E 94 -17.05 7.82 32.03
C MET E 94 -18.43 8.21 31.53
N ALA E 95 -18.97 7.51 30.55
CA ALA E 95 -20.36 7.75 30.17
C ALA E 95 -21.27 7.46 31.35
N LYS E 96 -21.35 6.19 31.73
CA LYS E 96 -22.12 5.74 32.88
C LYS E 96 -22.03 6.70 34.06
N GLU E 97 -20.83 7.22 34.34
CA GLU E 97 -20.74 8.12 35.48
C GLU E 97 -21.24 9.52 35.14
N LYS E 98 -20.95 10.02 33.94
CA LYS E 98 -21.42 11.34 33.56
C LYS E 98 -22.93 11.41 33.60
N LEU E 99 -23.61 10.37 33.11
CA LEU E 99 -25.06 10.30 33.21
C LEU E 99 -25.50 10.39 34.66
N ALA E 100 -25.08 9.41 35.47
CA ALA E 100 -25.59 9.35 36.83
C ALA E 100 -25.34 10.66 37.55
N GLN E 101 -24.16 11.25 37.35
CA GLN E 101 -23.94 12.59 37.90
C GLN E 101 -24.99 13.59 37.40
N LYS E 102 -25.22 13.66 36.09
CA LYS E 102 -26.19 14.62 35.56
C LYS E 102 -27.58 14.35 36.12
N MET E 103 -28.03 13.09 36.10
CA MET E 103 -29.37 12.78 36.56
C MET E 103 -29.54 13.13 38.02
N GLU E 104 -28.47 13.06 38.81
CA GLU E 104 -28.57 13.32 40.24
C GLU E 104 -28.60 14.81 40.52
N SER E 105 -27.67 15.55 39.91
CA SER E 105 -27.68 17.00 40.03
C SER E 105 -29.00 17.58 39.51
N ASN E 106 -29.69 16.84 38.64
CA ASN E 106 -30.94 17.29 38.07
C ASN E 106 -32.10 17.07 39.03
N LYS E 107 -32.15 15.89 39.66
CA LYS E 107 -33.16 15.62 40.67
C LYS E 107 -33.04 16.60 41.83
N GLU E 108 -31.83 16.75 42.39
CA GLU E 108 -31.62 17.79 43.39
C GLU E 108 -32.15 19.12 42.89
N ASN E 109 -31.65 19.59 41.76
CA ASN E 109 -32.03 20.90 41.25
C ASN E 109 -33.54 21.04 41.11
N ARG E 110 -34.19 20.15 40.36
CA ARG E 110 -35.62 20.29 40.14
C ARG E 110 -36.40 20.30 41.45
N GLU E 111 -35.96 19.49 42.41
CA GLU E 111 -36.62 19.45 43.71
C GLU E 111 -36.41 20.74 44.47
N ALA E 112 -35.15 21.19 44.58
CA ALA E 112 -34.93 22.47 45.26
C ALA E 112 -35.90 23.51 44.76
N HIS E 113 -36.19 23.48 43.45
CA HIS E 113 -37.07 24.48 42.85
C HIS E 113 -38.51 24.28 43.30
N LEU E 114 -39.02 23.06 43.26
CA LEU E 114 -40.38 22.85 43.72
C LEU E 114 -40.53 23.10 45.21
N ALA E 115 -39.50 22.79 46.01
CA ALA E 115 -39.58 23.08 47.44
C ALA E 115 -39.62 24.57 47.69
N ALA E 116 -38.85 25.33 46.92
CA ALA E 116 -38.88 26.79 47.04
C ALA E 116 -40.27 27.32 46.73
N MET E 117 -40.93 26.74 45.73
CA MET E 117 -42.24 27.25 45.34
C MET E 117 -43.25 27.04 46.45
N LEU E 118 -43.15 25.90 47.14
CA LEU E 118 -44.07 25.60 48.24
C LEU E 118 -43.72 26.42 49.48
N GLU E 119 -42.47 26.41 49.92
CA GLU E 119 -42.09 27.20 51.09
C GLU E 119 -42.64 28.63 51.01
N ARG E 120 -42.78 29.17 49.80
CA ARG E 120 -43.31 30.52 49.65
C ARG E 120 -44.83 30.53 49.50
N LEU E 121 -45.41 29.54 48.82
CA LEU E 121 -46.86 29.41 48.86
C LEU E 121 -47.35 29.17 50.28
N GLN E 122 -46.54 28.49 51.10
CA GLN E 122 -46.98 28.17 52.45
C GLN E 122 -46.83 29.37 53.38
N GLU E 123 -45.79 30.18 53.19
CA GLU E 123 -45.74 31.49 53.83
C GLU E 123 -46.94 32.37 53.45
N LYS E 124 -47.69 32.01 52.40
CA LYS E 124 -48.91 32.73 52.08
C LYS E 124 -50.06 32.34 53.01
N ASP E 125 -50.06 31.10 53.49
CA ASP E 125 -51.07 30.65 54.43
C ASP E 125 -50.77 31.13 55.85
N LYS E 126 -49.50 31.32 56.18
CA LYS E 126 -49.17 31.92 57.47
C LYS E 126 -49.53 33.39 57.49
N HIS E 127 -49.50 34.06 56.34
CA HIS E 127 -49.98 35.43 56.27
C HIS E 127 -51.50 35.50 56.12
N ALA E 128 -52.16 34.41 55.77
CA ALA E 128 -53.61 34.38 55.90
C ALA E 128 -54.04 34.10 57.34
N GLU E 129 -53.15 33.53 58.15
CA GLU E 129 -53.41 33.41 59.59
C GLU E 129 -53.23 34.76 60.27
N GLU E 130 -52.08 35.40 60.03
CA GLU E 130 -51.84 36.70 60.64
C GLU E 130 -52.92 37.70 60.26
N VAL E 131 -53.43 37.64 59.03
CA VAL E 131 -54.42 38.62 58.59
C VAL E 131 -55.74 38.39 59.31
N ARG E 132 -56.19 37.13 59.39
CA ARG E 132 -57.46 36.83 60.05
C ARG E 132 -57.39 37.07 61.56
N LYS E 133 -56.23 36.79 62.17
CA LYS E 133 -56.06 37.06 63.59
C LYS E 133 -56.01 38.56 63.90
N ASN E 134 -55.69 39.41 62.92
CA ASN E 134 -55.77 40.84 63.18
C ASN E 134 -57.22 41.30 63.24
N LYS E 135 -58.08 40.72 62.41
CA LYS E 135 -59.49 41.07 62.38
C LYS E 135 -60.29 40.48 63.54
N GLU E 136 -59.73 39.48 64.24
CA GLU E 136 -60.31 39.07 65.51
C GLU E 136 -59.86 39.95 66.66
N LEU E 137 -58.70 40.62 66.52
CA LEU E 137 -58.35 41.75 67.37
C LEU E 137 -59.17 43.00 67.03
N LYS E 138 -60.27 42.83 66.29
CA LYS E 138 -61.21 43.89 65.98
C LYS E 138 -62.50 43.75 66.76
N GLU E 139 -62.74 42.60 67.38
CA GLU E 139 -63.90 42.41 68.23
C GLU E 139 -63.49 41.78 69.57
N MET F 1 25.46 -1.18 -32.49
CA MET F 1 26.33 -0.23 -31.81
C MET F 1 27.37 -0.92 -30.94
N TYR F 2 28.64 -0.80 -31.33
CA TYR F 2 29.71 -1.40 -30.58
C TYR F 2 30.05 -0.57 -29.35
N THR F 3 30.69 -1.21 -28.40
CA THR F 3 31.05 -0.59 -27.14
C THR F 3 32.55 -0.67 -26.92
N PHE F 4 33.08 0.35 -26.26
CA PHE F 4 34.50 0.42 -25.99
C PHE F 4 34.74 1.17 -24.69
N VAL F 5 35.87 0.86 -24.05
CA VAL F 5 36.28 1.45 -22.79
C VAL F 5 37.69 2.02 -22.97
N VAL F 6 38.07 2.94 -22.09
CA VAL F 6 39.29 3.72 -22.24
C VAL F 6 40.06 3.71 -20.92
N ARG F 7 41.20 3.00 -20.89
CA ARG F 7 41.96 2.79 -19.68
C ARG F 7 43.37 3.38 -19.69
N ASP F 8 43.76 4.10 -20.74
CA ASP F 8 44.99 4.90 -20.73
C ASP F 8 44.58 6.29 -21.16
N GLU F 9 44.28 7.14 -20.18
CA GLU F 9 43.86 8.50 -20.48
C GLU F 9 45.00 9.34 -21.05
N ASN F 10 46.25 8.91 -20.87
CA ASN F 10 47.41 9.62 -21.36
C ASN F 10 47.74 9.31 -22.83
N SER F 11 46.83 8.72 -23.60
CA SER F 11 47.14 8.34 -24.97
C SER F 11 46.72 9.48 -25.89
N SER F 12 47.70 10.28 -26.33
CA SER F 12 47.43 11.27 -27.37
C SER F 12 46.76 10.60 -28.58
N VAL F 13 47.27 9.44 -28.96
CA VAL F 13 46.78 8.75 -30.16
C VAL F 13 45.33 8.32 -29.97
N TYR F 14 45.08 7.49 -28.97
CA TYR F 14 43.75 6.88 -28.86
C TYR F 14 42.75 7.81 -28.20
N ALA F 15 43.23 8.84 -27.50
CA ALA F 15 42.39 10.00 -27.21
C ALA F 15 41.63 10.40 -28.47
N GLU F 16 42.35 10.60 -29.58
CA GLU F 16 41.70 10.82 -30.87
C GLU F 16 40.79 9.66 -31.24
N VAL F 17 41.31 8.44 -31.14
CA VAL F 17 40.56 7.25 -31.56
C VAL F 17 39.20 7.20 -30.85
N SER F 18 39.18 7.44 -29.53
CA SER F 18 37.91 7.49 -28.81
C SER F 18 36.98 8.53 -29.42
N ARG F 19 37.52 9.74 -29.63
CA ARG F 19 36.72 10.84 -30.15
C ARG F 19 36.12 10.50 -31.51
N LEU F 20 36.95 9.94 -32.41
CA LEU F 20 36.44 9.57 -33.73
C LEU F 20 35.36 8.50 -33.64
N LEU F 21 35.56 7.52 -32.75
CA LEU F 21 34.61 6.41 -32.63
C LEU F 21 33.22 6.92 -32.27
N LEU F 22 33.13 7.67 -31.17
CA LEU F 22 31.85 8.25 -30.78
C LEU F 22 31.19 8.98 -31.94
N ALA F 23 31.96 9.82 -32.65
CA ALA F 23 31.39 10.61 -33.73
C ALA F 23 30.92 9.78 -34.91
N THR F 24 31.04 8.45 -34.87
CA THR F 24 30.44 7.63 -35.91
C THR F 24 28.98 7.33 -35.62
N GLY F 25 28.53 7.58 -34.40
CA GLY F 25 27.18 7.23 -33.97
C GLY F 25 26.96 5.76 -33.72
N GLN F 26 27.96 4.92 -33.96
CA GLN F 26 27.85 3.48 -33.78
C GLN F 26 28.82 2.95 -32.75
N TRP F 27 29.40 3.83 -31.93
CA TRP F 27 30.34 3.42 -30.90
C TRP F 27 30.01 4.17 -29.60
N LYS F 28 29.54 3.45 -28.60
CA LYS F 28 29.34 4.03 -27.29
C LYS F 28 30.49 3.64 -26.38
N ARG F 29 30.80 4.53 -25.46
CA ARG F 29 31.91 4.35 -24.52
C ARG F 29 31.35 4.03 -23.13
N LEU F 30 31.72 2.86 -22.59
CA LEU F 30 31.30 2.43 -21.27
C LEU F 30 32.26 3.00 -20.22
N ARG F 31 32.18 2.50 -18.99
CA ARG F 31 33.08 2.94 -17.94
C ARG F 31 34.23 1.96 -17.81
N LYS F 32 35.43 2.49 -17.52
CA LYS F 32 36.66 1.72 -17.32
C LYS F 32 36.41 0.25 -17.04
N ASP F 33 35.86 -0.05 -15.85
CA ASP F 33 35.73 -1.42 -15.37
C ASP F 33 34.40 -2.07 -15.77
N ASN F 34 33.80 -1.65 -16.87
CA ASN F 34 32.63 -2.33 -17.41
C ASN F 34 33.12 -3.44 -18.35
N PRO F 35 32.83 -4.71 -18.06
CA PRO F 35 33.44 -5.80 -18.83
C PRO F 35 32.75 -6.08 -20.15
N ARG F 36 31.58 -5.50 -20.38
CA ARG F 36 30.80 -5.80 -21.57
C ARG F 36 31.17 -4.87 -22.72
N PHE F 37 32.47 -4.76 -22.95
CA PHE F 37 33.05 -3.94 -24.00
C PHE F 37 33.46 -4.80 -25.19
N ASN F 38 33.32 -4.23 -26.39
CA ASN F 38 33.87 -4.86 -27.59
C ASN F 38 35.36 -4.56 -27.75
N LEU F 39 35.79 -3.39 -27.30
CA LEU F 39 37.13 -2.90 -27.61
C LEU F 39 37.73 -2.27 -26.38
N MET F 40 38.92 -2.69 -26.02
CA MET F 40 39.62 -2.09 -24.89
C MET F 40 40.78 -1.28 -25.47
N LEU F 41 40.69 0.04 -25.34
CA LEU F 41 41.89 0.87 -25.47
C LEU F 41 42.57 0.84 -24.12
N GLY F 42 43.51 -0.09 -23.93
CA GLY F 42 43.98 -0.46 -22.62
C GLY F 42 45.11 0.41 -22.06
N GLU F 43 45.51 0.07 -20.84
CA GLU F 43 46.55 0.79 -20.13
C GLU F 43 47.94 0.30 -20.54
N ARG F 44 48.96 1.05 -20.15
CA ARG F 44 50.30 0.75 -20.62
C ARG F 44 50.97 -0.36 -19.80
N ASN F 45 50.87 -0.33 -18.48
CA ASN F 45 51.45 -1.37 -17.65
C ASN F 45 50.34 -2.25 -17.08
N ARG F 46 50.60 -3.56 -17.00
CA ARG F 46 49.72 -4.51 -16.35
C ARG F 46 48.32 -4.51 -16.96
N LEU F 47 48.23 -4.25 -18.26
CA LEU F 47 46.98 -4.45 -18.96
C LEU F 47 46.51 -5.89 -18.75
N PRO F 48 45.27 -6.12 -18.33
CA PRO F 48 44.84 -7.46 -17.87
C PRO F 48 44.44 -8.41 -19.00
N PHE F 49 45.43 -8.85 -19.78
CA PHE F 49 45.16 -9.71 -20.94
C PHE F 49 44.44 -10.99 -20.53
N GLY F 50 44.69 -11.49 -19.31
CA GLY F 50 44.06 -12.72 -18.87
C GLY F 50 42.54 -12.66 -18.80
N ARG F 51 41.98 -11.45 -18.71
CA ARG F 51 40.56 -11.24 -18.55
C ARG F 51 39.85 -11.00 -19.87
N LEU F 52 40.56 -11.00 -20.98
CA LEU F 52 39.93 -10.66 -22.25
C LEU F 52 39.41 -11.90 -22.95
N GLY F 53 38.44 -11.69 -23.84
CA GLY F 53 37.83 -12.79 -24.58
C GLY F 53 37.13 -13.83 -23.71
N HIS F 54 36.54 -13.42 -22.59
CA HIS F 54 35.74 -14.35 -21.80
C HIS F 54 34.29 -13.86 -21.62
N GLU F 55 33.82 -12.95 -22.49
CA GLU F 55 32.48 -12.39 -22.33
C GLU F 55 31.53 -12.99 -23.37
N PRO F 56 30.72 -13.99 -23.01
CA PRO F 56 29.95 -14.70 -24.04
C PRO F 56 29.13 -13.73 -24.88
N GLY F 57 29.13 -13.98 -26.18
CA GLY F 57 28.48 -13.04 -27.07
C GLY F 57 29.15 -11.70 -27.18
N LEU F 58 30.45 -11.63 -26.91
CA LEU F 58 31.22 -10.40 -27.12
C LEU F 58 32.53 -10.77 -27.81
N VAL F 59 32.63 -10.38 -29.08
CA VAL F 59 33.94 -10.31 -29.71
C VAL F 59 34.71 -9.15 -29.10
N GLN F 60 35.88 -9.44 -28.56
CA GLN F 60 36.66 -8.44 -27.88
C GLN F 60 37.97 -8.21 -28.62
N LEU F 61 38.37 -6.95 -28.67
CA LEU F 61 39.54 -6.50 -29.40
C LEU F 61 40.26 -5.54 -28.49
N VAL F 62 41.57 -5.68 -28.39
CA VAL F 62 42.35 -4.75 -27.58
C VAL F 62 43.48 -4.21 -28.45
N ASN F 63 43.91 -2.97 -28.13
CA ASN F 63 44.87 -2.23 -28.93
C ASN F 63 46.32 -2.46 -28.46
N TYR F 64 46.62 -3.64 -27.90
CA TYR F 64 47.99 -4.00 -27.55
C TYR F 64 48.21 -5.48 -27.83
N TYR F 65 49.49 -5.84 -28.01
CA TYR F 65 49.93 -7.21 -28.25
C TYR F 65 50.72 -7.71 -27.04
N ARG F 66 50.09 -8.55 -26.23
CA ARG F 66 50.79 -9.28 -25.19
C ARG F 66 52.07 -9.92 -25.77
N GLY F 67 53.19 -9.76 -25.05
CA GLY F 67 54.50 -10.09 -25.58
C GLY F 67 55.20 -8.96 -26.32
N ALA F 68 54.49 -7.93 -26.78
CA ALA F 68 55.10 -6.93 -27.64
C ALA F 68 56.25 -6.20 -26.95
N ASP F 69 56.34 -6.27 -25.64
CA ASP F 69 57.40 -5.53 -24.94
C ASP F 69 58.77 -6.11 -25.21
N LYS F 70 58.85 -7.39 -25.58
CA LYS F 70 60.15 -7.99 -25.89
C LYS F 70 60.88 -7.22 -26.98
N LEU F 71 60.15 -6.46 -27.79
CA LEU F 71 60.67 -5.62 -28.85
C LEU F 71 60.81 -4.15 -28.44
N CYS F 72 59.93 -3.68 -27.55
CA CYS F 72 59.85 -2.27 -27.16
C CYS F 72 60.54 -1.97 -25.84
N ARG F 73 61.46 -2.82 -25.40
CA ARG F 73 62.19 -2.62 -24.16
C ARG F 73 63.67 -2.78 -24.45
N LYS F 74 64.44 -1.71 -24.22
CA LYS F 74 65.81 -1.64 -24.74
C LYS F 74 66.61 -2.87 -24.37
N ALA F 75 66.59 -3.25 -23.09
CA ALA F 75 67.34 -4.44 -22.68
C ALA F 75 66.81 -5.70 -23.37
N SER F 76 65.48 -5.85 -23.44
CA SER F 76 64.88 -7.02 -24.07
C SER F 76 65.10 -7.04 -25.58
N LEU F 77 65.09 -5.86 -26.22
CA LEU F 77 65.30 -5.80 -27.66
C LEU F 77 66.68 -6.34 -28.05
N VAL F 78 67.72 -6.01 -27.27
CA VAL F 78 69.04 -6.58 -27.50
C VAL F 78 68.99 -8.10 -27.33
N LYS F 79 68.46 -8.56 -26.19
CA LYS F 79 68.34 -9.99 -25.95
C LYS F 79 67.61 -10.68 -27.10
N LEU F 80 66.58 -10.04 -27.66
CA LEU F 80 65.81 -10.65 -28.74
C LEU F 80 66.63 -10.82 -30.01
N ILE F 81 67.45 -9.81 -30.33
CA ILE F 81 68.22 -9.84 -31.57
C ILE F 81 69.40 -10.81 -31.46
N LYS F 82 70.05 -10.86 -30.30
CA LYS F 82 71.17 -11.78 -30.13
C LYS F 82 70.73 -13.24 -30.22
N THR F 83 69.57 -13.59 -29.66
CA THR F 83 69.25 -15.00 -29.45
C THR F 83 68.36 -15.62 -30.53
N SER F 84 67.64 -14.82 -31.33
CA SER F 84 66.75 -15.39 -32.35
C SER F 84 67.52 -15.65 -33.63
N PRO F 85 67.56 -16.90 -34.12
CA PRO F 85 68.20 -17.18 -35.43
C PRO F 85 67.66 -16.33 -36.57
N GLU F 86 66.41 -15.85 -36.44
CA GLU F 86 65.82 -14.98 -37.45
C GLU F 86 66.60 -13.68 -37.62
N LEU F 87 67.32 -13.25 -36.57
CA LEU F 87 68.08 -12.00 -36.57
C LEU F 87 69.57 -12.25 -36.46
N SER F 88 69.99 -13.02 -35.47
CA SER F 88 71.39 -13.45 -35.33
C SER F 88 72.31 -12.29 -34.96
N GLU F 89 73.50 -12.64 -34.44
CA GLU F 89 74.53 -11.65 -34.15
C GLU F 89 74.96 -10.93 -35.43
N SER F 90 75.00 -11.66 -36.55
CA SER F 90 75.25 -11.07 -37.85
C SER F 90 74.01 -10.32 -38.29
N CYS F 91 73.57 -9.37 -37.48
CA CYS F 91 72.46 -8.50 -37.80
C CYS F 91 73.04 -7.18 -38.25
N THR F 92 72.76 -6.79 -39.49
CA THR F 92 73.49 -5.72 -40.15
C THR F 92 72.84 -4.35 -40.00
N TRP F 93 71.74 -4.24 -39.23
CA TRP F 93 71.06 -2.97 -39.00
C TRP F 93 70.86 -2.63 -37.54
N PHE F 94 71.38 -3.44 -36.63
CA PHE F 94 71.38 -3.07 -35.23
C PHE F 94 72.81 -2.79 -34.80
N PRO F 95 73.08 -1.65 -34.16
CA PRO F 95 74.44 -1.39 -33.67
C PRO F 95 74.82 -2.30 -32.51
N GLU F 96 76.12 -2.46 -32.29
CA GLU F 96 76.59 -3.34 -31.23
C GLU F 96 76.03 -2.94 -29.88
N SER F 97 75.59 -3.94 -29.11
CA SER F 97 74.83 -3.68 -27.89
C SER F 97 75.12 -4.74 -26.84
N TYR F 98 75.27 -4.30 -25.60
CA TYR F 98 75.43 -5.21 -24.47
C TYR F 98 74.54 -4.75 -23.32
N VAL F 99 74.02 -5.73 -22.56
CA VAL F 99 73.20 -5.46 -21.38
C VAL F 99 74.07 -5.60 -20.15
N ILE F 100 74.21 -4.52 -19.39
CA ILE F 100 75.04 -4.49 -18.20
C ILE F 100 74.18 -4.02 -17.04
N TYR F 101 74.16 -4.84 -15.92
CA TYR F 101 73.38 -4.56 -14.73
C TYR F 101 74.25 -3.89 -13.66
N PRO F 102 73.66 -3.08 -12.76
CA PRO F 102 74.47 -2.37 -11.75
C PRO F 102 74.53 -3.07 -10.40
N THR F 103 75.66 -3.69 -10.08
CA THR F 103 75.96 -4.13 -8.72
C THR F 103 77.36 -3.67 -8.35
N ARG F 128 79.47 -5.74 -18.55
CA ARG F 128 80.85 -6.02 -18.90
C ARG F 128 80.92 -7.43 -19.44
N GLU F 129 79.77 -8.13 -19.37
CA GLU F 129 79.63 -9.53 -19.74
C GLU F 129 80.68 -9.91 -20.78
N VAL F 130 80.45 -9.54 -22.04
CA VAL F 130 81.49 -9.63 -23.06
C VAL F 130 81.65 -8.26 -23.68
N PHE F 131 81.22 -7.23 -22.96
CA PHE F 131 81.35 -5.86 -23.44
C PHE F 131 82.80 -5.43 -23.46
N LEU F 132 83.56 -5.80 -22.41
CA LEU F 132 84.95 -5.38 -22.32
C LEU F 132 85.77 -5.95 -23.47
N ALA F 133 85.54 -7.22 -23.82
CA ALA F 133 86.30 -7.86 -24.89
C ALA F 133 86.12 -7.18 -26.24
N ALA F 134 85.01 -6.47 -26.42
CA ALA F 134 84.81 -5.73 -27.66
C ALA F 134 85.53 -4.39 -27.61
N TYR F 135 85.35 -3.64 -26.52
CA TYR F 135 86.04 -2.37 -26.36
C TYR F 135 87.54 -2.54 -26.53
N ASN F 136 88.11 -3.63 -26.01
CA ASN F 136 89.53 -3.89 -26.16
C ASN F 136 89.91 -4.09 -27.63
N ARG F 137 89.14 -4.91 -28.35
CA ARG F 137 89.36 -5.02 -29.78
C ARG F 137 89.46 -3.65 -30.43
N ARG F 138 88.82 -2.64 -29.82
CA ARG F 138 88.88 -1.29 -30.35
C ARG F 138 90.17 -0.58 -29.97
N ARG F 139 90.81 -0.98 -28.87
CA ARG F 139 92.16 -0.54 -28.62
C ARG F 139 93.15 -1.09 -29.64
N GLU F 140 92.76 -2.13 -30.39
CA GLU F 140 93.66 -2.73 -31.38
C GLU F 140 93.85 -1.84 -32.60
N GLY F 141 92.81 -1.10 -33.00
CA GLY F 141 92.93 -0.24 -34.15
C GLY F 141 92.64 1.21 -33.84
N ARG F 142 92.47 1.51 -32.54
CA ARG F 142 92.02 2.83 -32.09
C ARG F 142 90.86 3.35 -32.93
N GLU F 143 89.97 2.45 -33.31
CA GLU F 143 88.74 2.84 -34.00
C GLU F 143 87.85 3.63 -33.05
N GLY F 144 86.83 4.27 -33.62
CA GLY F 144 85.87 5.00 -32.81
C GLY F 144 85.36 4.17 -31.66
N ASN F 145 85.39 4.74 -30.45
CA ASN F 145 84.97 4.05 -29.23
C ASN F 145 84.01 4.93 -28.44
N VAL F 146 83.09 5.53 -29.14
CA VAL F 146 81.99 6.28 -28.53
C VAL F 146 80.81 5.34 -28.37
N TRP F 147 80.14 5.43 -27.23
CA TRP F 147 79.01 4.56 -26.93
C TRP F 147 77.91 5.42 -26.32
N ILE F 148 76.89 4.76 -25.76
CA ILE F 148 75.70 5.45 -25.27
C ILE F 148 74.96 4.55 -24.28
N ALA F 149 73.96 5.10 -23.56
CA ALA F 149 73.32 4.40 -22.45
C ALA F 149 71.89 3.92 -22.74
N LEU F 161 74.83 10.36 -21.05
CA LEU F 161 74.94 8.93 -21.25
C LEU F 161 76.09 8.53 -22.21
N ILE F 162 76.47 9.43 -23.14
CA ILE F 162 77.52 9.13 -24.12
C ILE F 162 78.89 9.39 -23.51
N SER F 163 79.82 8.45 -23.72
CA SER F 163 81.17 8.55 -23.18
C SER F 163 82.15 8.19 -24.27
N SER F 164 83.42 8.02 -23.87
CA SER F 164 84.43 7.51 -24.77
C SER F 164 85.28 6.48 -24.01
N GLU F 165 85.35 6.63 -22.69
CA GLU F 165 86.03 5.68 -21.82
C GLU F 165 85.00 4.77 -21.16
N ALA F 166 85.24 3.46 -21.20
CA ALA F 166 84.33 2.51 -20.57
C ALA F 166 84.09 2.86 -19.12
N SER F 167 85.16 3.15 -18.38
CA SER F 167 85.01 3.52 -16.97
C SER F 167 84.09 4.72 -16.81
N GLU F 168 84.21 5.69 -17.72
CA GLU F 168 83.32 6.85 -17.68
C GLU F 168 81.86 6.40 -17.71
N LEU F 169 81.52 5.48 -18.61
CA LEU F 169 80.14 5.02 -18.76
C LEU F 169 79.77 4.02 -17.67
N LEU F 170 80.55 2.94 -17.53
CA LEU F 170 80.22 1.87 -16.59
C LEU F 170 79.89 2.41 -15.20
N ASP F 171 80.64 3.42 -14.74
CA ASP F 171 80.34 4.11 -13.49
C ASP F 171 79.08 4.95 -13.55
N PHE F 172 78.39 5.01 -14.69
CA PHE F 172 77.15 5.76 -14.82
C PHE F 172 75.90 4.90 -14.67
N ILE F 173 76.01 3.60 -14.94
CA ILE F 173 74.84 2.73 -14.81
C ILE F 173 74.64 2.32 -13.35
N ASP F 174 75.72 2.21 -12.58
CA ASP F 174 75.62 1.90 -11.16
C ASP F 174 75.21 3.12 -10.32
N GLU F 175 75.28 4.33 -10.89
CA GLU F 175 74.74 5.53 -10.24
C GLU F 175 73.23 5.66 -10.41
N GLN F 176 72.63 4.85 -11.27
CA GLN F 176 71.18 4.77 -11.42
C GLN F 176 70.59 3.57 -10.71
N GLY F 177 71.28 2.43 -10.74
CA GLY F 177 70.87 1.23 -10.06
C GLY F 177 70.01 0.29 -10.86
N GLN F 178 69.40 0.76 -11.95
CA GLN F 178 68.56 -0.04 -12.82
C GLN F 178 69.38 -0.58 -13.99
N VAL F 179 68.81 -1.59 -14.66
CA VAL F 179 69.48 -2.15 -15.84
C VAL F 179 69.64 -1.08 -16.90
N HIS F 180 70.84 -0.98 -17.46
CA HIS F 180 71.09 -0.12 -18.61
C HIS F 180 71.67 -0.96 -19.75
N VAL F 181 71.68 -0.37 -20.92
CA VAL F 181 72.24 -1.01 -22.11
C VAL F 181 73.07 0.04 -22.84
N ILE F 182 74.26 -0.37 -23.29
CA ILE F 182 75.22 0.52 -23.94
C ILE F 182 75.46 0.04 -25.36
N GLN F 183 75.63 1.00 -26.27
CA GLN F 183 75.64 0.74 -27.70
C GLN F 183 76.75 1.51 -28.39
N LYS F 184 77.25 0.94 -29.48
CA LYS F 184 78.11 1.70 -30.37
C LYS F 184 77.40 2.96 -30.80
N TYR F 185 78.00 4.11 -30.51
CA TYR F 185 77.51 5.36 -31.03
C TYR F 185 77.93 5.49 -32.48
N LEU F 186 77.05 6.07 -33.29
CA LEU F 186 77.31 6.22 -34.73
C LEU F 186 78.03 7.54 -34.92
N GLU F 187 79.36 7.48 -34.89
CA GLU F 187 80.18 8.68 -34.89
C GLU F 187 80.07 9.44 -36.21
N LYS F 188 79.89 8.74 -37.33
CA LYS F 188 79.71 9.43 -38.62
C LYS F 188 78.29 9.30 -39.15
N PRO F 189 77.36 10.16 -38.70
CA PRO F 189 75.99 10.09 -39.20
C PRO F 189 75.78 10.92 -40.43
N LEU F 190 74.55 10.99 -40.93
CA LEU F 190 74.19 11.80 -42.08
C LEU F 190 73.67 13.16 -41.61
N LEU F 191 74.35 14.23 -42.03
CA LEU F 191 73.97 15.58 -41.63
C LEU F 191 73.27 16.31 -42.77
N LEU F 192 72.16 16.95 -42.44
CA LEU F 192 71.46 17.79 -43.40
C LEU F 192 72.17 19.13 -43.51
N GLU F 193 72.36 19.58 -44.72
CA GLU F 193 72.80 20.94 -44.94
C GLU F 193 71.67 21.73 -45.58
N PRO F 194 71.50 23.01 -45.24
CA PRO F 194 72.32 23.83 -44.33
C PRO F 194 72.11 23.50 -42.87
N GLY F 195 73.19 23.30 -42.11
CA GLY F 195 73.06 23.12 -40.68
C GLY F 195 74.09 22.20 -40.08
N HIS F 196 74.59 21.25 -40.87
CA HIS F 196 75.41 20.15 -40.35
C HIS F 196 74.75 19.55 -39.10
N ARG F 197 73.54 19.02 -39.29
CA ARG F 197 72.63 18.66 -38.21
C ARG F 197 72.26 17.19 -38.24
N LYS F 198 71.96 16.67 -37.07
CA LYS F 198 71.53 15.30 -36.86
C LYS F 198 70.00 15.19 -36.94
N PHE F 199 69.49 13.95 -36.95
CA PHE F 199 68.06 13.67 -37.04
C PHE F 199 67.84 12.16 -36.91
N ASP F 200 66.61 11.79 -36.50
CA ASP F 200 66.15 10.42 -36.59
C ASP F 200 64.85 10.35 -37.39
N ILE F 201 64.52 9.13 -37.82
CA ILE F 201 63.30 8.83 -38.57
C ILE F 201 62.40 7.98 -37.69
N ARG F 202 61.18 8.45 -37.43
CA ARG F 202 60.16 7.65 -36.76
C ARG F 202 59.12 7.22 -37.79
N SER F 203 59.02 5.90 -37.99
CA SER F 203 57.97 5.30 -38.79
C SER F 203 56.92 4.70 -37.86
N TRP F 204 55.66 4.98 -38.16
CA TRP F 204 54.56 4.44 -37.39
C TRP F 204 54.03 3.20 -38.11
N VAL F 205 54.11 2.07 -37.45
CA VAL F 205 53.62 0.81 -38.00
C VAL F 205 52.43 0.35 -37.18
N LEU F 206 51.38 -0.12 -37.86
CA LEU F 206 50.20 -0.67 -37.22
C LEU F 206 50.06 -2.14 -37.61
N VAL F 207 50.07 -3.04 -36.64
CA VAL F 207 49.84 -4.46 -36.85
C VAL F 207 48.42 -4.80 -36.42
N ASP F 208 47.66 -5.45 -37.31
CA ASP F 208 46.23 -5.63 -37.07
C ASP F 208 45.96 -7.03 -36.53
N HIS F 209 44.68 -7.36 -36.36
CA HIS F 209 44.35 -8.62 -35.72
C HIS F 209 44.76 -9.81 -36.58
N LEU F 210 44.88 -9.61 -37.90
CA LEU F 210 45.31 -10.63 -38.87
C LEU F 210 46.82 -10.74 -39.01
N TYR F 211 47.58 -9.90 -38.30
CA TYR F 211 49.04 -9.75 -38.38
C TYR F 211 49.51 -9.25 -39.75
N ASN F 212 48.64 -8.56 -40.47
CA ASN F 212 49.12 -7.66 -41.52
C ASN F 212 49.98 -6.56 -40.90
N ILE F 213 51.05 -6.18 -41.58
CA ILE F 213 51.95 -5.13 -41.12
C ILE F 213 51.74 -3.90 -41.99
N TYR F 214 51.23 -2.83 -41.39
CA TYR F 214 50.87 -1.60 -42.10
C TYR F 214 51.81 -0.48 -41.70
N LEU F 215 52.58 0.01 -42.67
CA LEU F 215 53.48 1.15 -42.47
C LEU F 215 52.75 2.41 -42.90
N TYR F 216 52.71 3.41 -42.01
CA TYR F 216 52.17 4.71 -42.39
C TYR F 216 53.09 5.36 -43.41
N ARG F 217 52.49 5.90 -44.48
CA ARG F 217 53.27 6.58 -45.51
C ARG F 217 53.95 7.84 -44.97
N GLU F 218 53.27 8.57 -44.09
CA GLU F 218 53.87 9.73 -43.47
C GLU F 218 54.91 9.31 -42.45
N GLY F 219 56.13 9.82 -42.59
CA GLY F 219 57.16 9.63 -41.60
C GLY F 219 57.55 10.99 -41.03
N VAL F 220 58.44 10.95 -40.03
CA VAL F 220 58.93 12.18 -39.44
C VAL F 220 60.44 12.05 -39.21
N LEU F 221 61.18 13.05 -39.67
CA LEU F 221 62.57 13.27 -39.28
C LEU F 221 62.56 14.22 -38.09
N ARG F 222 63.03 13.75 -36.95
CA ARG F 222 63.17 14.60 -35.78
C ARG F 222 64.59 15.16 -35.79
N THR F 223 64.72 16.43 -36.18
CA THR F 223 66.01 17.04 -36.46
C THR F 223 66.54 17.86 -35.28
N SER F 224 67.88 17.88 -35.16
CA SER F 224 68.59 18.69 -34.18
C SER F 224 68.98 20.01 -34.81
N SER F 225 68.56 21.11 -34.18
CA SER F 225 68.89 22.46 -34.65
C SER F 225 70.35 22.83 -34.40
N GLU F 226 71.04 22.08 -33.55
CA GLU F 226 72.41 22.40 -33.18
C GLU F 226 73.36 21.68 -34.12
N PRO F 227 74.30 22.38 -34.75
CA PRO F 227 75.22 21.70 -35.70
C PRO F 227 76.06 20.64 -34.99
N TYR F 228 76.13 19.47 -35.61
CA TYR F 228 76.72 18.30 -34.97
C TYR F 228 78.24 18.41 -34.96
N ASN F 229 78.86 17.98 -33.87
CA ASN F 229 80.32 17.91 -33.78
C ASN F 229 80.70 16.88 -32.73
N SER F 230 81.80 16.17 -32.96
CA SER F 230 82.15 15.00 -32.17
C SER F 230 83.27 15.27 -31.15
N ALA F 231 83.47 16.53 -30.76
CA ALA F 231 84.48 16.84 -29.75
C ALA F 231 83.89 16.88 -28.35
N ASN F 232 82.73 17.52 -28.19
CA ASN F 232 82.07 17.68 -26.88
C ASN F 232 80.79 16.84 -26.88
N PHE F 233 80.92 15.58 -26.48
CA PHE F 233 79.74 14.75 -26.29
C PHE F 233 78.85 15.28 -25.16
N GLN F 234 79.47 15.68 -24.04
CA GLN F 234 78.73 16.11 -22.87
C GLN F 234 77.74 17.23 -23.17
N ASP F 235 77.96 18.01 -24.25
CA ASP F 235 76.98 19.01 -24.70
C ASP F 235 75.93 18.33 -25.57
N LYS F 236 75.26 17.33 -24.98
CA LYS F 236 74.34 16.48 -25.69
C LYS F 236 73.01 17.19 -26.00
N THR F 237 73.05 18.20 -26.88
CA THR F 237 71.84 18.73 -27.50
C THR F 237 71.81 18.55 -29.01
N CYS F 238 72.99 18.48 -29.64
CA CYS F 238 73.13 18.13 -31.04
C CYS F 238 73.33 16.63 -31.27
N HIS F 239 73.53 15.87 -30.20
CA HIS F 239 73.64 14.41 -30.27
C HIS F 239 72.33 13.71 -29.98
N LEU F 240 71.59 14.14 -28.95
CA LEU F 240 70.30 13.56 -28.58
C LEU F 240 69.19 14.30 -29.34
N THR F 241 68.55 13.59 -30.27
CA THR F 241 67.64 14.18 -31.25
C THR F 241 66.19 14.17 -30.80
N ASN F 242 65.93 14.07 -29.50
CA ASN F 242 64.56 13.98 -29.03
C ASN F 242 63.85 15.31 -29.18
N HIS F 243 62.63 15.27 -29.73
CA HIS F 243 61.84 16.49 -29.89
C HIS F 243 61.70 17.23 -28.56
N CYS F 244 61.54 16.48 -27.47
CA CYS F 244 61.38 17.07 -26.15
C CYS F 244 62.68 17.71 -25.67
N ILE F 245 63.75 16.91 -25.61
CA ILE F 245 65.05 17.36 -25.11
C ILE F 245 65.49 18.64 -25.82
N GLN F 246 64.85 18.96 -26.95
CA GLN F 246 65.03 20.26 -27.58
C GLN F 246 64.00 21.24 -27.04
N LYS F 247 64.10 21.46 -25.73
CA LYS F 247 63.24 22.36 -24.99
C LYS F 247 63.06 23.70 -25.71
N ASN F 252 66.85 27.29 -29.96
CA ASN F 252 67.12 27.00 -31.37
C ASN F 252 65.93 26.26 -32.01
N TYR F 253 65.11 25.69 -31.14
CA TYR F 253 63.86 25.02 -31.51
C TYR F 253 63.07 25.79 -32.56
N GLY F 254 63.25 25.45 -33.85
CA GLY F 254 62.35 25.95 -34.87
C GLY F 254 62.98 26.67 -36.04
N ARG F 255 64.32 26.67 -36.09
CA ARG F 255 65.07 27.42 -37.08
C ARG F 255 64.70 27.02 -38.51
N TYR F 256 65.33 25.94 -39.02
CA TYR F 256 65.27 25.60 -40.43
C TYR F 256 63.93 24.98 -40.84
N GLU F 257 63.36 24.14 -39.99
CA GLU F 257 62.03 23.59 -40.18
C GLU F 257 61.26 23.67 -38.87
N GLU F 258 59.94 23.81 -38.99
CA GLU F 258 59.09 24.06 -37.83
C GLU F 258 59.10 22.89 -36.86
N GLY F 259 59.34 23.19 -35.58
CA GLY F 259 59.29 22.19 -34.52
C GLY F 259 60.38 21.16 -34.57
N ASN F 260 61.51 21.45 -35.23
CA ASN F 260 62.58 20.47 -35.43
C ASN F 260 62.04 19.18 -36.05
N GLU F 261 61.11 19.32 -36.99
CA GLU F 261 60.51 18.17 -37.65
C GLU F 261 60.47 18.43 -39.15
N MET F 262 61.06 17.53 -39.93
CA MET F 262 60.97 17.59 -41.38
C MET F 262 60.24 16.35 -41.87
N PHE F 263 59.13 16.56 -42.57
CA PHE F 263 58.30 15.48 -43.04
C PHE F 263 58.97 14.78 -44.22
N PHE F 264 58.21 13.96 -44.95
CA PHE F 264 58.84 13.11 -45.95
C PHE F 264 58.98 13.80 -47.31
N GLU F 265 58.01 14.62 -47.70
CA GLU F 265 58.10 15.32 -48.97
C GLU F 265 59.35 16.20 -49.01
N GLU F 266 59.60 16.93 -47.92
CA GLU F 266 60.78 17.78 -47.86
C GLU F 266 62.06 16.95 -47.92
N PHE F 267 62.20 15.98 -47.02
CA PHE F 267 63.43 15.19 -46.94
C PHE F 267 63.75 14.54 -48.26
N ASN F 268 62.74 13.92 -48.89
CA ASN F 268 62.94 13.29 -50.19
C ASN F 268 63.43 14.29 -51.24
N GLN F 269 62.83 15.48 -51.26
CA GLN F 269 63.32 16.55 -52.13
C GLN F 269 64.81 16.81 -51.90
N TYR F 270 65.19 17.12 -50.66
CA TYR F 270 66.60 17.36 -50.36
C TYR F 270 67.47 16.19 -50.80
N LEU F 271 66.99 14.96 -50.59
CA LEU F 271 67.75 13.79 -51.00
C LEU F 271 68.00 13.80 -52.50
N MET F 272 66.94 14.04 -53.28
CA MET F 272 67.09 14.14 -54.72
C MET F 272 68.12 15.20 -55.07
N ASP F 273 67.89 16.45 -54.63
CA ASP F 273 68.78 17.56 -54.96
C ASP F 273 70.18 17.33 -54.43
N ALA F 274 70.30 17.04 -53.13
CA ALA F 274 71.61 16.99 -52.50
C ALA F 274 72.40 15.73 -52.84
N LEU F 275 71.74 14.56 -52.90
CA LEU F 275 72.45 13.30 -53.07
C LEU F 275 72.15 12.58 -54.37
N ASN F 276 71.18 13.04 -55.16
CA ASN F 276 70.85 12.42 -56.44
C ASN F 276 70.10 11.10 -56.24
N THR F 277 69.32 11.01 -55.16
CA THR F 277 68.61 9.79 -54.83
C THR F 277 67.20 10.13 -54.35
N THR F 278 66.46 9.09 -53.96
CA THR F 278 65.12 9.21 -53.42
C THR F 278 65.09 8.60 -52.02
N LEU F 279 64.08 9.02 -51.24
CA LEU F 279 63.89 8.44 -49.91
C LEU F 279 63.60 6.94 -50.00
N GLU F 280 62.67 6.57 -50.89
CA GLU F 280 62.30 5.18 -51.13
C GLU F 280 63.53 4.27 -51.30
N ASN F 281 64.45 4.63 -52.20
CA ASN F 281 65.55 3.73 -52.53
C ASN F 281 66.61 3.71 -51.44
N SER F 282 67.17 4.89 -51.13
CA SER F 282 68.31 4.96 -50.22
C SER F 282 67.97 4.52 -48.81
N ILE F 283 66.73 4.73 -48.37
CA ILE F 283 66.40 4.58 -46.95
C ILE F 283 65.21 3.64 -46.73
N LEU F 284 64.10 3.91 -47.43
CA LEU F 284 62.82 3.33 -47.05
C LEU F 284 62.80 1.81 -47.23
N LEU F 285 63.41 1.31 -48.30
CA LEU F 285 63.57 -0.13 -48.45
C LEU F 285 64.08 -0.75 -47.15
N GLN F 286 65.25 -0.32 -46.69
CA GLN F 286 65.84 -0.90 -45.49
C GLN F 286 64.92 -0.77 -44.28
N ILE F 287 64.20 0.34 -44.16
CA ILE F 287 63.23 0.46 -43.08
C ILE F 287 62.16 -0.61 -43.21
N LYS F 288 61.62 -0.76 -44.42
CA LYS F 288 60.62 -1.78 -44.65
C LYS F 288 61.20 -3.17 -44.42
N HIS F 289 62.49 -3.36 -44.69
CA HIS F 289 63.13 -4.62 -44.36
C HIS F 289 63.21 -4.81 -42.85
N ILE F 290 63.59 -3.76 -42.12
CA ILE F 290 63.75 -3.87 -40.67
C ILE F 290 62.40 -4.08 -39.98
N ILE F 291 61.39 -3.29 -40.36
CA ILE F 291 60.08 -3.48 -39.76
C ILE F 291 59.58 -4.89 -39.99
N ARG F 292 59.62 -5.36 -41.24
CA ARG F 292 59.16 -6.72 -41.56
C ARG F 292 59.93 -7.74 -40.73
N SER F 293 61.25 -7.59 -40.65
CA SER F 293 62.07 -8.61 -39.99
C SER F 293 61.79 -8.66 -38.50
N CYS F 294 61.73 -7.49 -37.85
CA CYS F 294 61.43 -7.46 -36.42
C CYS F 294 60.09 -8.11 -36.12
N LEU F 295 59.03 -7.66 -36.79
CA LEU F 295 57.69 -8.16 -36.47
C LEU F 295 57.55 -9.62 -36.87
N MET F 296 58.19 -10.04 -37.97
CA MET F 296 58.13 -11.46 -38.35
C MET F 296 58.81 -12.34 -37.32
N CYS F 297 59.82 -11.83 -36.64
CA CYS F 297 60.46 -12.62 -35.60
C CYS F 297 59.45 -13.04 -34.53
N ILE F 298 58.88 -12.06 -33.83
CA ILE F 298 58.01 -12.34 -32.67
C ILE F 298 56.62 -12.82 -33.05
N GLU F 299 56.30 -12.96 -34.34
CA GLU F 299 54.94 -13.36 -34.70
C GLU F 299 54.44 -14.59 -33.96
N PRO F 300 55.21 -15.69 -33.82
CA PRO F 300 54.68 -16.86 -33.12
C PRO F 300 54.39 -16.61 -31.64
N ALA F 301 55.08 -15.68 -30.99
CA ALA F 301 54.85 -15.49 -29.58
C ALA F 301 53.63 -14.61 -29.29
N ILE F 302 53.25 -13.75 -30.24
CA ILE F 302 52.29 -12.70 -29.96
C ILE F 302 51.05 -12.76 -30.86
N SER F 303 51.01 -13.69 -31.82
CA SER F 303 49.88 -13.75 -32.73
C SER F 303 48.59 -14.14 -31.99
N THR F 304 47.50 -13.45 -32.32
CA THR F 304 46.18 -13.76 -31.78
C THR F 304 45.28 -14.40 -32.82
N LYS F 305 45.85 -15.24 -33.69
CA LYS F 305 45.07 -15.89 -34.74
C LYS F 305 44.03 -16.84 -34.18
N HIS F 306 44.45 -17.79 -33.33
CA HIS F 306 43.52 -18.77 -32.82
C HIS F 306 43.15 -18.54 -31.36
N LEU F 307 43.34 -17.31 -30.87
CA LEU F 307 43.12 -16.90 -29.50
C LEU F 307 41.70 -16.39 -29.31
N HIS F 308 41.25 -16.37 -28.04
CA HIS F 308 39.87 -16.01 -27.71
C HIS F 308 39.62 -14.51 -27.69
N TYR F 309 40.65 -13.69 -27.47
CA TYR F 309 40.60 -12.26 -27.75
C TYR F 309 41.58 -11.95 -28.87
N GLN F 310 41.48 -10.74 -29.42
CA GLN F 310 42.37 -10.32 -30.48
C GLN F 310 43.06 -9.01 -30.13
N SER F 311 44.24 -8.83 -30.72
CA SER F 311 45.08 -7.66 -30.53
C SER F 311 45.36 -6.97 -31.86
N PHE F 312 45.44 -5.65 -31.83
CA PHE F 312 46.27 -4.90 -32.74
C PHE F 312 47.21 -4.03 -31.90
N GLN F 313 48.11 -3.31 -32.55
CA GLN F 313 48.97 -2.40 -31.82
C GLN F 313 49.65 -1.47 -32.82
N LEU F 314 49.79 -0.21 -32.43
CA LEU F 314 50.56 0.79 -33.17
C LEU F 314 51.95 0.86 -32.57
N PHE F 315 52.97 0.72 -33.41
CA PHE F 315 54.36 0.88 -32.98
C PHE F 315 54.95 2.11 -33.63
N GLY F 316 55.89 2.73 -32.93
CA GLY F 316 56.72 3.72 -33.55
C GLY F 316 58.12 3.17 -33.67
N PHE F 317 58.64 3.09 -34.89
CA PHE F 317 59.98 2.58 -35.14
C PHE F 317 60.93 3.75 -35.34
N ASP F 318 62.09 3.71 -34.67
CA ASP F 318 63.03 4.82 -34.66
C ASP F 318 64.35 4.42 -35.34
N PHE F 319 64.69 5.11 -36.44
CA PHE F 319 65.88 4.79 -37.24
C PHE F 319 66.90 5.93 -37.28
N MET F 320 68.11 5.53 -37.70
CA MET F 320 69.34 6.32 -37.72
C MET F 320 70.04 6.10 -39.06
N VAL F 321 70.05 7.10 -39.94
CA VAL F 321 70.71 6.96 -41.24
C VAL F 321 72.12 7.49 -41.13
N ASP F 322 73.11 6.68 -41.52
CA ASP F 322 74.51 7.10 -41.49
C ASP F 322 74.90 7.78 -42.81
N GLU F 323 76.18 8.18 -42.92
CA GLU F 323 76.66 8.96 -44.05
C GLU F 323 76.74 8.14 -45.34
N GLU F 324 76.73 6.81 -45.24
CA GLU F 324 76.69 5.92 -46.39
C GLU F 324 75.26 5.61 -46.83
N LEU F 325 74.27 6.35 -46.33
CA LEU F 325 72.87 6.05 -46.61
C LEU F 325 72.54 4.63 -46.17
N LYS F 326 72.90 4.32 -44.93
CA LYS F 326 72.57 3.05 -44.29
C LYS F 326 71.62 3.31 -43.14
N VAL F 327 70.56 2.50 -43.07
CA VAL F 327 69.54 2.67 -42.03
C VAL F 327 69.90 1.77 -40.87
N TRP F 328 69.73 2.29 -39.66
CA TRP F 328 69.94 1.53 -38.43
C TRP F 328 68.70 1.60 -37.56
N LEU F 329 68.45 0.52 -36.82
CA LEU F 329 67.35 0.48 -35.86
C LEU F 329 67.89 0.91 -34.50
N ILE F 330 67.28 1.94 -33.92
CA ILE F 330 67.66 2.39 -32.59
C ILE F 330 66.75 1.73 -31.58
N GLU F 331 65.51 2.21 -31.50
CA GLU F 331 64.54 1.84 -30.47
C GLU F 331 63.19 1.56 -31.13
N VAL F 332 62.48 0.54 -30.65
CA VAL F 332 61.08 0.33 -30.98
C VAL F 332 60.24 0.83 -29.81
N ASN F 333 59.25 1.66 -30.10
CA ASN F 333 58.38 2.27 -29.10
C ASN F 333 57.00 1.66 -29.22
N GLY F 334 56.56 0.98 -28.15
CA GLY F 334 55.25 0.36 -28.15
C GLY F 334 54.09 1.29 -27.84
N ALA F 335 54.36 2.38 -27.14
CA ALA F 335 53.37 3.42 -26.81
C ALA F 335 53.83 4.70 -27.49
N PRO F 336 53.56 4.85 -28.76
CA PRO F 336 54.16 5.93 -29.52
C PRO F 336 53.19 7.09 -29.71
N ALA F 337 53.73 8.30 -29.73
CA ALA F 337 52.94 9.48 -30.04
C ALA F 337 53.15 9.87 -31.49
N CYS F 338 52.11 10.41 -32.11
CA CYS F 338 52.18 10.85 -33.49
C CYS F 338 52.55 12.33 -33.57
N ALA F 339 53.00 12.75 -34.76
CA ALA F 339 53.30 14.16 -35.00
C ALA F 339 51.99 14.92 -35.21
N GLN F 340 51.94 16.15 -34.70
CA GLN F 340 50.69 16.90 -34.65
C GLN F 340 49.96 16.91 -36.00
N LYS F 341 50.68 17.10 -37.10
CA LYS F 341 50.01 17.29 -38.38
C LYS F 341 49.34 16.01 -38.88
N LEU F 342 49.84 14.85 -38.46
CA LEU F 342 49.40 13.56 -38.99
C LEU F 342 48.37 12.85 -38.11
N TYR F 343 48.12 13.36 -36.89
CA TYR F 343 47.15 12.72 -36.00
C TYR F 343 45.85 12.41 -36.74
N ALA F 344 45.22 13.43 -37.30
CA ALA F 344 43.98 13.21 -38.04
C ALA F 344 44.10 11.97 -38.91
N GLU F 345 45.09 11.96 -39.81
CA GLU F 345 45.16 10.90 -40.80
C GLU F 345 45.50 9.55 -40.16
N LEU F 346 46.48 9.53 -39.26
CA LEU F 346 46.87 8.24 -38.68
C LEU F 346 45.74 7.64 -37.84
N CYS F 347 45.12 8.44 -36.97
CA CYS F 347 44.06 7.91 -36.11
C CYS F 347 42.85 7.51 -36.93
N GLN F 348 42.54 8.23 -38.01
CA GLN F 348 41.46 7.76 -38.86
C GLN F 348 41.80 6.45 -39.56
N GLY F 349 43.09 6.12 -39.68
CA GLY F 349 43.48 4.89 -40.33
C GLY F 349 43.53 3.71 -39.39
N ILE F 350 43.91 3.97 -38.13
CA ILE F 350 43.78 2.95 -37.10
C ILE F 350 42.34 2.44 -37.09
N VAL F 351 41.38 3.35 -37.18
CA VAL F 351 39.99 2.93 -37.10
C VAL F 351 39.59 2.13 -38.34
N ASP F 352 39.98 2.60 -39.52
CA ASP F 352 39.62 1.88 -40.73
C ASP F 352 40.23 0.47 -40.71
N VAL F 353 41.51 0.39 -40.42
CA VAL F 353 42.28 -0.83 -40.66
C VAL F 353 42.22 -1.79 -39.47
N ALA F 354 42.39 -1.30 -38.24
CA ALA F 354 42.47 -2.15 -37.06
C ALA F 354 41.13 -2.37 -36.34
N ILE F 355 40.21 -1.41 -36.38
CA ILE F 355 39.00 -1.44 -35.56
C ILE F 355 37.76 -1.78 -36.40
N SER F 356 37.49 -0.99 -37.45
CA SER F 356 36.33 -1.28 -38.27
C SER F 356 36.48 -2.57 -39.05
N SER F 357 37.72 -3.02 -39.26
CA SER F 357 37.94 -4.31 -39.87
C SER F 357 37.23 -5.40 -39.08
N VAL F 358 37.26 -5.30 -37.74
CA VAL F 358 36.65 -6.31 -36.89
C VAL F 358 35.17 -6.04 -36.68
N PHE F 359 34.79 -4.78 -36.41
CA PHE F 359 33.43 -4.36 -36.13
C PHE F 359 32.95 -3.43 -37.23
N PRO F 360 32.39 -3.95 -38.32
CA PRO F 360 32.04 -3.09 -39.46
C PRO F 360 30.82 -2.22 -39.16
N LEU F 361 30.66 -1.18 -39.98
CA LEU F 361 29.58 -0.20 -39.87
C LEU F 361 28.63 -0.32 -41.09
N ALA F 362 27.92 0.77 -41.39
CA ALA F 362 26.89 0.77 -42.44
C ALA F 362 27.40 0.33 -43.81
N THR F 372 44.81 4.96 -52.57
CA THR F 372 43.64 5.11 -51.70
C THR F 372 44.09 5.14 -50.22
N SER F 373 44.86 4.12 -49.82
CA SER F 373 45.18 3.91 -48.41
C SER F 373 46.39 4.73 -47.98
N ILE F 374 46.46 4.97 -46.65
CA ILE F 374 47.58 5.68 -46.04
C ILE F 374 48.64 4.74 -45.48
N PHE F 375 48.51 3.43 -45.70
CA PHE F 375 49.48 2.45 -45.22
C PHE F 375 50.09 1.69 -46.39
N ILE F 376 51.29 1.19 -46.15
CA ILE F 376 52.00 0.33 -47.09
C ILE F 376 52.05 -1.04 -46.45
N LYS F 377 51.37 -2.02 -47.04
CA LYS F 377 51.38 -3.37 -46.50
C LYS F 377 52.76 -3.98 -46.70
N LEU F 378 53.40 -4.38 -45.60
CA LEU F 378 54.71 -5.05 -45.66
C LEU F 378 54.44 -6.54 -45.76
N HIS F 379 54.84 -7.14 -46.89
CA HIS F 379 54.34 -8.45 -47.30
C HIS F 379 55.20 -9.58 -46.77
N HIS F 380 54.57 -10.74 -46.57
CA HIS F 380 55.17 -11.85 -45.85
C HIS F 380 54.52 -13.20 -46.21
PG GTP G . 24.14 -27.77 -4.64
O1G GTP G . 24.23 -26.26 -4.54
O2G GTP G . 23.18 -28.14 -5.75
O3G GTP G . 23.65 -28.34 -3.34
O3B GTP G . 25.60 -28.35 -4.98
PB GTP G . 25.87 -29.08 -6.40
O1B GTP G . 27.20 -29.79 -6.34
O2B GTP G . 24.76 -30.04 -6.74
O3A GTP G . 25.95 -27.87 -7.47
PA GTP G . 26.57 -28.13 -8.93
O1A GTP G . 27.30 -29.45 -8.96
O2A GTP G . 25.47 -28.10 -9.97
O5' GTP G . 27.60 -26.91 -9.15
C5' GTP G . 27.26 -25.79 -9.94
C4' GTP G . 28.13 -25.74 -11.19
O4' GTP G . 28.42 -27.06 -11.62
C3' GTP G . 27.44 -25.03 -12.33
O3' GTP G . 28.15 -23.85 -12.66
C2' GTP G . 27.50 -25.99 -13.51
O2' GTP G . 28.06 -25.37 -14.64
C1' GTP G . 28.37 -27.14 -13.03
N9 GTP G . 27.80 -28.43 -13.43
C8 GTP G . 26.67 -29.02 -12.90
N7 GTP G . 26.48 -30.21 -13.52
C5 GTP G . 27.46 -30.38 -14.44
C6 GTP G . 27.72 -31.41 -15.33
O6 GTP G . 26.99 -32.39 -15.39
N1 GTP G . 28.81 -31.31 -16.17
C2 GTP G . 29.64 -30.21 -16.10
N2 GTP G . 30.69 -30.12 -16.91
N3 GTP G . 29.36 -29.19 -15.21
C4 GTP G . 28.29 -29.27 -14.39
CA CA H . 40.57 -61.02 -12.12
MG MG I . 22.36 -30.61 -6.64
C15 A1D6E J . 18.56 -21.03 -9.49
C17 A1D6E J . 19.21 -18.62 -10.13
C20 A1D6E J . 18.44 -16.00 -10.65
C21 A1D6E J . 19.83 -16.31 -10.61
C22 A1D6E J . 20.20 -17.63 -10.34
C24 A1D6E J . 20.37 -14.03 -11.05
C01 A1D6E J . 15.87 -17.97 -14.05
C02 A1D6E J . 14.53 -17.84 -14.41
C03 A1D6E J . 13.53 -18.17 -13.50
C04 A1D6E J . 13.87 -18.62 -12.19
C05 A1D6E J . 15.18 -18.73 -11.80
C06 A1D6E J . 16.20 -18.40 -12.75
C07 A1D6E J . 15.45 -19.19 -10.46
C09 A1D6E J . 13.15 -19.35 -10.11
C12 A1D6E J . 12.06 -20.81 -8.40
C14 A1D6E J . 17.21 -20.43 -9.16
C16 A1D6E J . 19.68 -20.07 -9.83
C18 A1D6E J . 17.84 -18.29 -10.18
C19 A1D6E J . 17.46 -16.96 -10.44
F25 A1D6E J . 16.83 -17.65 -14.95
N08 A1D6E J . 14.42 -19.48 -9.68
N10 A1D6E J . 12.87 -18.93 -11.33
N11 A1D6E J . 12.04 -19.64 -9.24
N13 A1D6E J . 16.83 -19.33 -9.98
O23 A1D6E J . 20.84 -15.34 -10.81
H151 A1D6E J . 18.42 -21.68 -10.35
H152 A1D6E J . 18.87 -21.60 -8.62
H201 A1D6E J . 18.14 -14.97 -10.83
H221 A1D6E J . 21.25 -17.89 -10.31
H241 A1D6E J . 21.09 -13.50 -11.65
H242 A1D6E J . 20.23 -13.52 -10.10
H243 A1D6E J . 19.42 -14.07 -11.58
H021 A1D6E J . 14.27 -17.50 -15.41
H031 A1D6E J . 12.49 -18.09 -13.79
H061 A1D6E J . 17.24 -18.50 -12.48
H122 A1D6E J . 11.04 -21.11 -8.16
H123 A1D6E J . 12.60 -20.60 -7.49
H121 A1D6E J . 12.55 -21.62 -8.93
H142 A1D6E J . 16.46 -21.21 -9.27
H141 A1D6E J . 17.22 -20.10 -8.13
H161 A1D6E J . 20.18 -20.45 -10.72
H162 A1D6E J . 20.36 -20.04 -8.98
H191 A1D6E J . 16.41 -16.69 -10.49
H111 A1D6E J . 11.25 -19.03 -9.22
PB GDP K . -9.33 -7.04 2.63
O1B GDP K . -10.43 -7.96 2.19
O2B GDP K . -8.00 -7.72 2.54
O3B GDP K . -9.59 -6.62 4.07
O3A GDP K . -9.33 -5.72 1.71
PA GDP K . -8.86 -5.79 0.17
O1A GDP K . -10.05 -5.69 -0.75
O2A GDP K . -8.11 -7.08 -0.10
O5' GDP K . -7.92 -4.51 -0.02
C5' GDP K . -8.34 -3.46 -0.90
C4' GDP K . -7.20 -3.07 -1.84
O4' GDP K . -6.87 -4.22 -2.63
C3' GDP K . -7.63 -1.97 -2.79
O3' GDP K . -6.63 -0.96 -2.87
C2' GDP K . -7.80 -2.65 -4.14
O2' GDP K . -7.24 -1.83 -5.17
C1' GDP K . -7.04 -3.96 -4.03
N9 GDP K . -7.83 -5.07 -4.63
C8 GDP K . -8.94 -5.62 -4.14
N7 GDP K . -9.41 -6.61 -4.93
C5 GDP K . -8.56 -6.71 -5.97
C6 GDP K . -8.45 -7.55 -7.18
O6 GDP K . -9.29 -8.45 -7.42
N1 GDP K . -7.41 -7.34 -8.01
C2 GDP K . -6.49 -6.39 -7.77
N2 GDP K . -5.47 -6.25 -8.66
N3 GDP K . -6.52 -5.58 -6.68
C4 GDP K . -7.52 -5.70 -5.76
O1 MES L . 11.92 -14.04 6.80
C2 MES L . 11.16 -15.13 6.31
C3 MES L . 11.81 -16.47 6.64
N4 MES L . 13.22 -16.39 6.26
C5 MES L . 14.00 -15.26 6.73
C6 MES L . 13.24 -14.02 6.28
C7 MES L . 13.92 -17.67 6.20
C8 MES L . 15.33 -17.34 5.71
S MES L . 16.24 -18.73 5.82
O1S MES L . 15.36 -19.90 5.57
O2S MES L . 16.84 -18.84 7.16
O3S MES L . 17.31 -18.71 4.79
O1 MES M . 17.95 -2.23 -20.24
C2 MES M . 17.05 -3.08 -20.94
C3 MES M . 16.16 -2.29 -21.89
N4 MES M . 15.57 -1.18 -21.16
C5 MES M . 16.45 -0.32 -20.38
C6 MES M . 17.26 -1.24 -19.47
C7 MES M . 14.43 -0.53 -21.77
C8 MES M . 13.46 -0.23 -20.63
S MES M . 12.37 0.92 -21.15
O1S MES M . 12.33 2.04 -20.17
O2S MES M . 11.02 0.32 -21.24
O3S MES M . 12.79 1.44 -22.47
MG MG N . -12.22 -4.01 -0.61
PG GTP O . -41.90 17.09 21.76
O1G GTP O . -41.54 18.54 21.96
O2G GTP O . -41.98 16.41 23.10
O3G GTP O . -43.22 17.00 21.04
O3B GTP O . -40.74 16.40 20.87
PB GTP O . -41.03 15.96 19.35
O1B GTP O . -39.84 15.18 18.84
O2B GTP O . -42.30 15.15 19.24
O3A GTP O . -41.15 17.34 18.52
PA GTP O . -40.81 17.39 16.95
O1A GTP O . -40.28 16.05 16.49
O2A GTP O . -42.03 17.78 16.15
O5' GTP O . -39.65 18.50 16.80
C5' GTP O . -39.91 19.75 16.21
C4' GTP O . -39.24 19.85 14.84
O4' GTP O . -39.45 18.64 14.12
C3' GTP O . -39.83 20.97 13.99
O3' GTP O . -38.81 21.89 13.68
C2' GTP O . -40.33 20.30 12.74
O2' GTP O . -39.89 21.01 11.59
C1' GTP O . -39.74 18.90 12.77
N9 GTP O . -40.72 17.93 12.28
C8 GTP O . -41.83 17.48 12.95
N7 GTP O . -42.46 16.57 12.18
C5 GTP O . -41.78 16.42 11.02
C6 GTP O . -41.98 15.64 9.90
O6 GTP O . -42.96 14.89 9.84
N1 GTP O . -41.08 15.69 8.85
C2 GTP O . -40.00 16.54 8.93
N2 GTP O . -39.13 16.59 7.91
N3 GTP O . -39.80 17.32 10.05
C4 GTP O . -40.68 17.27 11.08
CA CA P . -35.96 -15.62 4.08
MG MG Q . -44.59 15.60 20.43
PB GDP R . -68.54 39.38 41.89
O1B GDP R . -69.82 40.08 42.25
O2B GDP R . -68.83 38.23 40.97
O3B GDP R . -67.89 38.80 43.12
O3A GDP R . -67.53 40.39 41.13
PA GDP R . -68.04 41.15 39.81
O1A GDP R . -69.34 41.85 40.10
O2A GDP R . -68.14 40.15 38.70
O5' GDP R . -66.92 42.25 39.43
C5' GDP R . -67.31 43.59 39.12
C4' GDP R . -66.39 44.07 38.01
O4' GDP R . -66.43 43.07 37.00
C3' GDP R . -66.92 45.35 37.41
O3' GDP R . -65.85 46.29 37.30
C2' GDP R . -67.38 45.01 36.02
O2' GDP R . -66.84 45.95 35.08
C1' GDP R . -66.82 43.62 35.75
N9 GDP R . -67.90 42.79 35.15
C8 GDP R . -68.96 42.26 35.81
N7 GDP R . -69.74 41.56 34.96
C5 GDP R . -69.18 41.63 33.74
C6 GDP R . -69.50 41.11 32.38
O6 GDP R . -70.52 40.41 32.18
N1 GDP R . -68.66 41.41 31.39
C2 GDP R . -67.56 42.17 31.56
N2 GDP R . -66.76 42.43 30.51
N3 GDP R . -67.21 42.68 32.78
C4 GDP R . -67.97 42.44 33.87
C15 A1D6E S . -47.25 25.32 19.93
C17 A1D6E S . -46.08 27.59 19.80
C20 A1D6E S . -46.30 30.36 19.93
C21 A1D6E S . -45.10 29.80 19.49
C22 A1D6E S . -44.99 28.40 19.42
C24 A1D6E S . -44.20 31.97 19.23
C01 A1D6E S . -50.01 29.16 17.02
C02 A1D6E S . -51.33 29.57 16.97
C03 A1D6E S . -52.14 29.37 18.07
C04 A1D6E S . -51.62 28.75 19.25
C05 A1D6E S . -50.31 28.35 19.30
C06 A1D6E S . -49.51 28.56 18.15
C07 A1D6E S . -49.80 27.73 20.49
C09 A1D6E S . -51.90 27.96 21.42
C12 A1D6E S . -52.68 26.47 23.24
C14 A1D6E S . -48.12 25.94 20.98
C16 A1D6E S . -45.94 26.03 19.72
C18 A1D6E S . -47.27 28.16 20.24
C19 A1D6E S . -47.38 29.56 20.31
F25 A1D6E S . -49.18 29.33 15.96
N08 A1D6E S . -50.62 27.56 21.51
N10 A1D6E S . -52.40 28.54 20.34
N11 A1D6E S . -52.74 27.75 22.58
N13 A1D6E S . -48.41 27.28 20.61
O23 A1D6E S . -44.01 30.60 19.11
H151 A1D6E S . -47.81 25.37 18.99
H152 A1D6E S . -47.04 24.30 20.22
H201 A1D6E S . -46.40 31.43 19.98
H221 A1D6E S . -44.06 27.95 19.08
H241 A1D6E S . -43.37 32.50 18.76
H242 A1D6E S . -44.25 32.25 20.28
H243 A1D6E S . -45.12 32.26 18.74
H021 A1D6E S . -51.73 30.04 16.07
H031 A1D6E S . -53.19 29.68 18.05
H061 A1D6E S . -48.48 28.23 18.17
H122 A1D6E S . -53.39 26.46 24.06
H123 A1D6E S . -51.68 26.30 23.62
H121 A1D6E S . -52.94 25.68 22.53
H142 A1D6E S . -49.04 25.37 21.08
H141 A1D6E S . -47.59 25.92 21.93
H161 A1D6E S . -45.57 25.77 18.73
H162 A1D6E S . -45.26 25.71 20.49
H191 A1D6E S . -48.30 30.01 20.64
H111 A1D6E S . -53.35 28.47 22.90
PG ACP T . 61.47 8.00 -27.64
O1G ACP T . 61.67 7.61 -29.07
O2G ACP T . 60.34 9.04 -27.47
O3G ACP T . 61.14 6.79 -26.73
PB ACP T . 64.36 7.59 -27.11
O1B ACP T . 64.48 7.18 -28.56
O2B ACP T . 64.12 6.38 -26.16
C3B ACP T . 62.95 8.75 -26.96
PA ACP T . 66.98 7.47 -26.94
O1A ACP T . 66.95 6.83 -28.27
O2A ACP T . 67.05 6.46 -25.79
O3A ACP T . 65.70 8.37 -26.68
O5' ACP T . 68.12 8.54 -26.79
C5' ACP T . 69.35 8.45 -27.54
C4' ACP T . 69.28 9.31 -28.77
O4' ACP T . 70.64 9.40 -29.28
C3' ACP T . 68.53 8.57 -29.87
O3' ACP T . 67.24 9.14 -29.88
C2' ACP T . 69.23 9.05 -31.13
O2' ACP T . 68.90 10.41 -31.36
C1' ACP T . 70.69 9.05 -30.65
N9 ACP T . 71.28 7.71 -30.72
C8 ACP T . 70.77 6.55 -30.19
N7 ACP T . 71.52 5.50 -30.40
C5 ACP T . 72.60 5.99 -31.12
C6 ACP T . 73.74 5.39 -31.65
N6 ACP T . 74.01 4.08 -31.55
N1 ACP T . 74.62 6.17 -32.32
C2 ACP T . 74.35 7.47 -32.44
N3 ACP T . 73.30 8.17 -31.97
C4 ACP T . 72.46 7.36 -31.32
H3B1 ACP T . 63.15 9.56 -27.44
H3B2 ACP T . 62.80 8.96 -26.02
H5'1 ACP T . 69.50 7.54 -27.80
H5'2 ACP T . 70.08 8.76 -26.98
H4' ACP T . 68.93 10.20 -28.62
H3' ACP T . 68.58 7.60 -29.77
HO3' ACP T . 66.97 9.19 -30.69
H2' ACP T . 69.08 8.46 -31.89
HO2' ACP T . 68.95 10.53 -32.20
H1' ACP T . 71.21 9.70 -31.14
H8 ACP T . 69.98 6.51 -29.71
HN61 ACP T . 73.73 3.64 -30.87
HN62 ACP T . 74.47 3.68 -32.15
H2 ACP T . 74.98 7.98 -32.91
#